data_1CQY
# 
_entry.id   1CQY 
# 
_audit_conform.dict_name       mmcif_pdbx.dic 
_audit_conform.dict_version    5.385 
_audit_conform.dict_location   http://mmcif.pdb.org/dictionaries/ascii/mmcif_pdbx.dic 
# 
loop_
_database_2.database_id 
_database_2.database_code 
_database_2.pdbx_database_accession 
_database_2.pdbx_DOI 
PDB   1CQY         pdb_00001cqy 10.2210/pdb1cqy/pdb 
RCSB  RCSB009503   ?            ?                   
WWPDB D_1000009503 ?            ?                   
# 
loop_
_pdbx_audit_revision_history.ordinal 
_pdbx_audit_revision_history.data_content_type 
_pdbx_audit_revision_history.major_revision 
_pdbx_audit_revision_history.minor_revision 
_pdbx_audit_revision_history.revision_date 
1 'Structure model' 1 0 1999-08-20 
2 'Structure model' 1 1 2008-04-27 
3 'Structure model' 1 2 2011-07-13 
4 'Structure model' 1 3 2017-10-04 
5 'Structure model' 1 4 2018-01-31 
6 'Structure model' 1 5 2024-02-07 
# 
_pdbx_audit_revision_details.ordinal             1 
_pdbx_audit_revision_details.revision_ordinal    1 
_pdbx_audit_revision_details.data_content_type   'Structure model' 
_pdbx_audit_revision_details.provider            repository 
_pdbx_audit_revision_details.type                'Initial release' 
_pdbx_audit_revision_details.description         ? 
_pdbx_audit_revision_details.details             ? 
# 
loop_
_pdbx_audit_revision_group.ordinal 
_pdbx_audit_revision_group.revision_ordinal 
_pdbx_audit_revision_group.data_content_type 
_pdbx_audit_revision_group.group 
1 2 'Structure model' 'Version format compliance' 
2 3 'Structure model' 'Version format compliance' 
3 4 'Structure model' 'Refinement description'    
4 5 'Structure model' 'Experimental preparation'  
5 6 'Structure model' 'Data collection'           
6 6 'Structure model' 'Database references'       
# 
loop_
_pdbx_audit_revision_category.ordinal 
_pdbx_audit_revision_category.revision_ordinal 
_pdbx_audit_revision_category.data_content_type 
_pdbx_audit_revision_category.category 
1 4 'Structure model' software           
2 5 'Structure model' exptl_crystal_grow 
3 6 'Structure model' chem_comp_atom     
4 6 'Structure model' chem_comp_bond     
5 6 'Structure model' database_2         
# 
loop_
_pdbx_audit_revision_item.ordinal 
_pdbx_audit_revision_item.revision_ordinal 
_pdbx_audit_revision_item.data_content_type 
_pdbx_audit_revision_item.item 
1 4 'Structure model' '_software.classification'            
2 5 'Structure model' '_exptl_crystal_grow.temp'            
3 6 'Structure model' '_database_2.pdbx_DOI'                
4 6 'Structure model' '_database_2.pdbx_database_accession' 
# 
_pdbx_database_status.status_code                     REL 
_pdbx_database_status.entry_id                        1CQY 
_pdbx_database_status.recvd_initial_deposition_date   1999-08-12 
_pdbx_database_status.deposit_site                    RCSB 
_pdbx_database_status.process_site                    RCSB 
_pdbx_database_status.SG_entry                        . 
_pdbx_database_status.pdb_format_compatible           Y 
_pdbx_database_status.status_code_mr                  ? 
_pdbx_database_status.status_code_sf                  ? 
_pdbx_database_status.status_code_cs                  ? 
_pdbx_database_status.methods_development_category    ? 
_pdbx_database_status.status_code_nmr_data            ? 
# 
loop_
_pdbx_database_related.db_name 
_pdbx_database_related.db_id 
_pdbx_database_related.details 
_pdbx_database_related.content_type 
PDB 1B90 . unspecified 
PDB 1B9Z . unspecified 
# 
loop_
_audit_author.name 
_audit_author.pdbx_ordinal 
'Yoon, H.J.' 1 
'Hirata, A.' 2 
'Adachi, M.' 3 
'Sekine, A.' 4 
'Utsumi, S.' 5 
'Mikami, B.' 6 
# 
_citation.id                        primary 
_citation.title                     'Structure of Separated Starch-Binding Domain of Bacillus cereus B-amylase' 
_citation.journal_abbrev            'To be Published' 
_citation.journal_volume            ? 
_citation.page_first                ? 
_citation.page_last                 ? 
_citation.year                      ? 
_citation.journal_id_ASTM           ? 
_citation.country                   ? 
_citation.journal_id_ISSN           ? 
_citation.journal_id_CSD            0353 
_citation.book_publisher            ? 
_citation.pdbx_database_id_PubMed   ? 
_citation.pdbx_database_id_DOI      ? 
# 
loop_
_citation_author.citation_id 
_citation_author.name 
_citation_author.ordinal 
_citation_author.identifier_ORCID 
primary 'Yoon, H.J.' 1 ? 
primary 'Hirata, A.' 2 ? 
primary 'Adachi, M.' 3 ? 
primary 'Sekine, A.' 4 ? 
primary 'Utsumi, S.' 5 ? 
primary 'Mikami, B.' 6 ? 
# 
loop_
_entity.id 
_entity.type 
_entity.src_method 
_entity.pdbx_description 
_entity.formula_weight 
_entity.pdbx_number_of_molecules 
_entity.pdbx_ec 
_entity.pdbx_mutation 
_entity.pdbx_fragment 
_entity.details 
1 polymer man BETA-AMYLASE 11310.645 1   ? ? 'STARCH-BINDING DOMAIN' ? 
2 water   nat water        18.015    107 ? ? ?                       ? 
# 
_entity_poly.entity_id                      1 
_entity_poly.type                           'polypeptide(L)' 
_entity_poly.nstd_linkage                   no 
_entity_poly.nstd_monomer                   no 
_entity_poly.pdbx_seq_one_letter_code       
;TPVMQTIVVKNVPTTIGDTVYITGNRAELGSWDTKQYPIQLYYDSHSNDWRGNVVLPAERNIEFKAFIKSKDGTVKSWQT
IQQSWNPVPLKTTSHTSSW
;
_entity_poly.pdbx_seq_one_letter_code_can   
;TPVMQTIVVKNVPTTIGDTVYITGNRAELGSWDTKQYPIQLYYDSHSNDWRGNVVLPAERNIEFKAFIKSKDGTVKSWQT
IQQSWNPVPLKTTSHTSSW
;
_entity_poly.pdbx_strand_id                 A 
_entity_poly.pdbx_target_identifier         ? 
# 
_pdbx_entity_nonpoly.entity_id   2 
_pdbx_entity_nonpoly.name        water 
_pdbx_entity_nonpoly.comp_id     HOH 
# 
loop_
_entity_poly_seq.entity_id 
_entity_poly_seq.num 
_entity_poly_seq.mon_id 
_entity_poly_seq.hetero 
1 1  THR n 
1 2  PRO n 
1 3  VAL n 
1 4  MET n 
1 5  GLN n 
1 6  THR n 
1 7  ILE n 
1 8  VAL n 
1 9  VAL n 
1 10 LYS n 
1 11 ASN n 
1 12 VAL n 
1 13 PRO n 
1 14 THR n 
1 15 THR n 
1 16 ILE n 
1 17 GLY n 
1 18 ASP n 
1 19 THR n 
1 20 VAL n 
1 21 TYR n 
1 22 ILE n 
1 23 THR n 
1 24 GLY n 
1 25 ASN n 
1 26 ARG n 
1 27 ALA n 
1 28 GLU n 
1 29 LEU n 
1 30 GLY n 
1 31 SER n 
1 32 TRP n 
1 33 ASP n 
1 34 THR n 
1 35 LYS n 
1 36 GLN n 
1 37 TYR n 
1 38 PRO n 
1 39 ILE n 
1 40 GLN n 
1 41 LEU n 
1 42 TYR n 
1 43 TYR n 
1 44 ASP n 
1 45 SER n 
1 46 HIS n 
1 47 SER n 
1 48 ASN n 
1 49 ASP n 
1 50 TRP n 
1 51 ARG n 
1 52 GLY n 
1 53 ASN n 
1 54 VAL n 
1 55 VAL n 
1 56 LEU n 
1 57 PRO n 
1 58 ALA n 
1 59 GLU n 
1 60 ARG n 
1 61 ASN n 
1 62 ILE n 
1 63 GLU n 
1 64 PHE n 
1 65 LYS n 
1 66 ALA n 
1 67 PHE n 
1 68 ILE n 
1 69 LYS n 
1 70 SER n 
1 71 LYS n 
1 72 ASP n 
1 73 GLY n 
1 74 THR n 
1 75 VAL n 
1 76 LYS n 
1 77 SER n 
1 78 TRP n 
1 79 GLN n 
1 80 THR n 
1 81 ILE n 
1 82 GLN n 
1 83 GLN n 
1 84 SER n 
1 85 TRP n 
1 86 ASN n 
1 87 PRO n 
1 88 VAL n 
1 89 PRO n 
1 90 LEU n 
1 91 LYS n 
1 92 THR n 
1 93 THR n 
1 94 SER n 
1 95 HIS n 
1 96 THR n 
1 97 SER n 
1 98 SER n 
1 99 TRP n 
# 
_entity_src_gen.entity_id                          1 
_entity_src_gen.pdbx_src_id                        1 
_entity_src_gen.pdbx_alt_source_flag               sample 
_entity_src_gen.pdbx_seq_type                      ? 
_entity_src_gen.pdbx_beg_seq_num                   ? 
_entity_src_gen.pdbx_end_seq_num                   ? 
_entity_src_gen.gene_src_common_name               ? 
_entity_src_gen.gene_src_genus                     Bacillus 
_entity_src_gen.pdbx_gene_src_gene                 ? 
_entity_src_gen.gene_src_species                   ? 
_entity_src_gen.gene_src_strain                    ? 
_entity_src_gen.gene_src_tissue                    ? 
_entity_src_gen.gene_src_tissue_fraction           ? 
_entity_src_gen.gene_src_details                   ? 
_entity_src_gen.pdbx_gene_src_fragment             ? 
_entity_src_gen.pdbx_gene_src_scientific_name      'Bacillus cereus' 
_entity_src_gen.pdbx_gene_src_ncbi_taxonomy_id     1396 
_entity_src_gen.pdbx_gene_src_variant              ? 
_entity_src_gen.pdbx_gene_src_cell_line            ? 
_entity_src_gen.pdbx_gene_src_atcc                 ? 
_entity_src_gen.pdbx_gene_src_organ                ? 
_entity_src_gen.pdbx_gene_src_organelle            ? 
_entity_src_gen.pdbx_gene_src_cell                 ? 
_entity_src_gen.pdbx_gene_src_cellular_location    ? 
_entity_src_gen.host_org_common_name               ? 
_entity_src_gen.pdbx_host_org_scientific_name      'Escherichia coli' 
_entity_src_gen.pdbx_host_org_ncbi_taxonomy_id     562 
_entity_src_gen.host_org_genus                     Escherichia 
_entity_src_gen.pdbx_host_org_gene                 ? 
_entity_src_gen.pdbx_host_org_organ                ? 
_entity_src_gen.host_org_species                   ? 
_entity_src_gen.pdbx_host_org_tissue               ? 
_entity_src_gen.pdbx_host_org_tissue_fraction      ? 
_entity_src_gen.pdbx_host_org_strain               ? 
_entity_src_gen.pdbx_host_org_variant              ? 
_entity_src_gen.pdbx_host_org_cell_line            ? 
_entity_src_gen.pdbx_host_org_atcc                 ? 
_entity_src_gen.pdbx_host_org_culture_collection   ? 
_entity_src_gen.pdbx_host_org_cell                 ? 
_entity_src_gen.pdbx_host_org_organelle            ? 
_entity_src_gen.pdbx_host_org_cellular_location    ? 
_entity_src_gen.pdbx_host_org_vector_type          PLASMID 
_entity_src_gen.pdbx_host_org_vector               ? 
_entity_src_gen.host_org_details                   ? 
_entity_src_gen.expression_system_id               ? 
_entity_src_gen.plasmid_name                       PET21D 
_entity_src_gen.plasmid_details                    ? 
_entity_src_gen.pdbx_description                   ? 
# 
loop_
_chem_comp.id 
_chem_comp.type 
_chem_comp.mon_nstd_flag 
_chem_comp.name 
_chem_comp.pdbx_synonyms 
_chem_comp.formula 
_chem_comp.formula_weight 
ALA 'L-peptide linking' y ALANINE         ? 'C3 H7 N O2'     89.093  
ARG 'L-peptide linking' y ARGININE        ? 'C6 H15 N4 O2 1' 175.209 
ASN 'L-peptide linking' y ASPARAGINE      ? 'C4 H8 N2 O3'    132.118 
ASP 'L-peptide linking' y 'ASPARTIC ACID' ? 'C4 H7 N O4'     133.103 
GLN 'L-peptide linking' y GLUTAMINE       ? 'C5 H10 N2 O3'   146.144 
GLU 'L-peptide linking' y 'GLUTAMIC ACID' ? 'C5 H9 N O4'     147.129 
GLY 'peptide linking'   y GLYCINE         ? 'C2 H5 N O2'     75.067  
HIS 'L-peptide linking' y HISTIDINE       ? 'C6 H10 N3 O2 1' 156.162 
HOH non-polymer         . WATER           ? 'H2 O'           18.015  
ILE 'L-peptide linking' y ISOLEUCINE      ? 'C6 H13 N O2'    131.173 
LEU 'L-peptide linking' y LEUCINE         ? 'C6 H13 N O2'    131.173 
LYS 'L-peptide linking' y LYSINE          ? 'C6 H15 N2 O2 1' 147.195 
MET 'L-peptide linking' y METHIONINE      ? 'C5 H11 N O2 S'  149.211 
PHE 'L-peptide linking' y PHENYLALANINE   ? 'C9 H11 N O2'    165.189 
PRO 'L-peptide linking' y PROLINE         ? 'C5 H9 N O2'     115.130 
SER 'L-peptide linking' y SERINE          ? 'C3 H7 N O3'     105.093 
THR 'L-peptide linking' y THREONINE       ? 'C4 H9 N O3'     119.119 
TRP 'L-peptide linking' y TRYPTOPHAN      ? 'C11 H12 N2 O2'  204.225 
TYR 'L-peptide linking' y TYROSINE        ? 'C9 H11 N O3'    181.189 
VAL 'L-peptide linking' y VALINE          ? 'C5 H11 N O2'    117.146 
# 
loop_
_pdbx_poly_seq_scheme.asym_id 
_pdbx_poly_seq_scheme.entity_id 
_pdbx_poly_seq_scheme.seq_id 
_pdbx_poly_seq_scheme.mon_id 
_pdbx_poly_seq_scheme.ndb_seq_num 
_pdbx_poly_seq_scheme.pdb_seq_num 
_pdbx_poly_seq_scheme.auth_seq_num 
_pdbx_poly_seq_scheme.pdb_mon_id 
_pdbx_poly_seq_scheme.auth_mon_id 
_pdbx_poly_seq_scheme.pdb_strand_id 
_pdbx_poly_seq_scheme.pdb_ins_code 
_pdbx_poly_seq_scheme.hetero 
A 1 1  THR 1  418 418 THR THR A . n 
A 1 2  PRO 2  419 419 PRO PRO A . n 
A 1 3  VAL 3  420 420 VAL VAL A . n 
A 1 4  MET 4  421 421 MET MET A . n 
A 1 5  GLN 5  422 422 GLN GLN A . n 
A 1 6  THR 6  423 423 THR THR A . n 
A 1 7  ILE 7  424 424 ILE ILE A . n 
A 1 8  VAL 8  425 425 VAL VAL A . n 
A 1 9  VAL 9  426 426 VAL VAL A . n 
A 1 10 LYS 10 427 427 LYS LYS A . n 
A 1 11 ASN 11 428 428 ASN ASN A . n 
A 1 12 VAL 12 429 429 VAL VAL A . n 
A 1 13 PRO 13 430 430 PRO PRO A . n 
A 1 14 THR 14 431 431 THR THR A . n 
A 1 15 THR 15 432 432 THR THR A . n 
A 1 16 ILE 16 433 433 ILE ILE A . n 
A 1 17 GLY 17 434 434 GLY GLY A . n 
A 1 18 ASP 18 435 435 ASP ASP A . n 
A 1 19 THR 19 436 436 THR THR A . n 
A 1 20 VAL 20 437 437 VAL VAL A . n 
A 1 21 TYR 21 438 438 TYR TYR A . n 
A 1 22 ILE 22 439 439 ILE ILE A . n 
A 1 23 THR 23 440 440 THR THR A . n 
A 1 24 GLY 24 441 441 GLY GLY A . n 
A 1 25 ASN 25 442 442 ASN ASN A . n 
A 1 26 ARG 26 443 443 ARG ARG A . n 
A 1 27 ALA 27 444 444 ALA ALA A . n 
A 1 28 GLU 28 445 445 GLU GLU A . n 
A 1 29 LEU 29 446 446 LEU LEU A . n 
A 1 30 GLY 30 447 447 GLY GLY A . n 
A 1 31 SER 31 448 448 SER SER A . n 
A 1 32 TRP 32 449 449 TRP TRP A . n 
A 1 33 ASP 33 450 450 ASP ASP A . n 
A 1 34 THR 34 451 451 THR THR A . n 
A 1 35 LYS 35 452 452 LYS LYS A . n 
A 1 36 GLN 36 453 453 GLN GLN A . n 
A 1 37 TYR 37 454 454 TYR TYR A . n 
A 1 38 PRO 38 455 455 PRO PRO A . n 
A 1 39 ILE 39 456 456 ILE ILE A . n 
A 1 40 GLN 40 457 457 GLN GLN A . n 
A 1 41 LEU 41 458 458 LEU LEU A . n 
A 1 42 TYR 42 459 459 TYR TYR A . n 
A 1 43 TYR 43 460 460 TYR TYR A . n 
A 1 44 ASP 44 461 461 ASP ASP A . n 
A 1 45 SER 45 462 462 SER SER A . n 
A 1 46 HIS 46 463 463 HIS HIS A . n 
A 1 47 SER 47 464 464 SER SER A . n 
A 1 48 ASN 48 465 465 ASN ASN A . n 
A 1 49 ASP 49 466 466 ASP ASP A . n 
A 1 50 TRP 50 467 467 TRP TRP A . n 
A 1 51 ARG 51 468 468 ARG ARG A . n 
A 1 52 GLY 52 469 469 GLY GLY A . n 
A 1 53 ASN 53 470 470 ASN ASN A . n 
A 1 54 VAL 54 471 471 VAL VAL A . n 
A 1 55 VAL 55 472 472 VAL VAL A . n 
A 1 56 LEU 56 473 473 LEU LEU A . n 
A 1 57 PRO 57 474 474 PRO PRO A . n 
A 1 58 ALA 58 475 475 ALA ALA A . n 
A 1 59 GLU 59 476 476 GLU GLU A . n 
A 1 60 ARG 60 477 477 ARG ARG A . n 
A 1 61 ASN 61 478 478 ASN ASN A . n 
A 1 62 ILE 62 479 479 ILE ILE A . n 
A 1 63 GLU 63 480 480 GLU GLU A . n 
A 1 64 PHE 64 481 481 PHE PHE A . n 
A 1 65 LYS 65 482 482 LYS LYS A . n 
A 1 66 ALA 66 483 483 ALA ALA A . n 
A 1 67 PHE 67 484 484 PHE PHE A . n 
A 1 68 ILE 68 485 485 ILE ILE A . n 
A 1 69 LYS 69 486 486 LYS LYS A . n 
A 1 70 SER 70 487 487 SER SER A . n 
A 1 71 LYS 71 488 488 LYS LYS A . n 
A 1 72 ASP 72 489 489 ASP ASP A . n 
A 1 73 GLY 73 490 490 GLY GLY A . n 
A 1 74 THR 74 491 491 THR THR A . n 
A 1 75 VAL 75 492 492 VAL VAL A . n 
A 1 76 LYS 76 493 493 LYS LYS A . n 
A 1 77 SER 77 494 494 SER SER A . n 
A 1 78 TRP 78 495 495 TRP TRP A . n 
A 1 79 GLN 79 496 496 GLN GLN A . n 
A 1 80 THR 80 497 497 THR THR A . n 
A 1 81 ILE 81 498 498 ILE ILE A . n 
A 1 82 GLN 82 499 499 GLN GLN A . n 
A 1 83 GLN 83 500 500 GLN GLN A . n 
A 1 84 SER 84 501 501 SER SER A . n 
A 1 85 TRP 85 502 502 TRP TRP A . n 
A 1 86 ASN 86 503 503 ASN ASN A . n 
A 1 87 PRO 87 504 504 PRO PRO A . n 
A 1 88 VAL 88 505 505 VAL VAL A . n 
A 1 89 PRO 89 506 506 PRO PRO A . n 
A 1 90 LEU 90 507 507 LEU LEU A . n 
A 1 91 LYS 91 508 508 LYS LYS A . n 
A 1 92 THR 92 509 509 THR THR A . n 
A 1 93 THR 93 510 510 THR THR A . n 
A 1 94 SER 94 511 511 SER SER A . n 
A 1 95 HIS 95 512 512 HIS HIS A . n 
A 1 96 THR 96 513 513 THR THR A . n 
A 1 97 SER 97 514 514 SER SER A . n 
A 1 98 SER 98 515 515 SER SER A . n 
A 1 99 TRP 99 516 516 TRP TRP A . n 
# 
loop_
_pdbx_nonpoly_scheme.asym_id 
_pdbx_nonpoly_scheme.entity_id 
_pdbx_nonpoly_scheme.mon_id 
_pdbx_nonpoly_scheme.ndb_seq_num 
_pdbx_nonpoly_scheme.pdb_seq_num 
_pdbx_nonpoly_scheme.auth_seq_num 
_pdbx_nonpoly_scheme.pdb_mon_id 
_pdbx_nonpoly_scheme.auth_mon_id 
_pdbx_nonpoly_scheme.pdb_strand_id 
_pdbx_nonpoly_scheme.pdb_ins_code 
B 2 HOH 1   550 550 HOH HOH A . 
B 2 HOH 2   551 551 HOH HOH A . 
B 2 HOH 3   552 552 HOH HOH A . 
B 2 HOH 4   553 553 HOH HOH A . 
B 2 HOH 5   554 554 HOH HOH A . 
B 2 HOH 6   555 555 HOH HOH A . 
B 2 HOH 7   556 556 HOH HOH A . 
B 2 HOH 8   557 557 HOH HOH A . 
B 2 HOH 9   558 558 HOH HOH A . 
B 2 HOH 10  559 559 HOH HOH A . 
B 2 HOH 11  560 560 HOH HOH A . 
B 2 HOH 12  561 561 HOH HOH A . 
B 2 HOH 13  562 562 HOH HOH A . 
B 2 HOH 14  563 563 HOH HOH A . 
B 2 HOH 15  564 564 HOH HOH A . 
B 2 HOH 16  565 565 HOH HOH A . 
B 2 HOH 17  566 566 HOH HOH A . 
B 2 HOH 18  567 567 HOH HOH A . 
B 2 HOH 19  568 568 HOH HOH A . 
B 2 HOH 20  569 569 HOH HOH A . 
B 2 HOH 21  570 570 HOH HOH A . 
B 2 HOH 22  571 571 HOH HOH A . 
B 2 HOH 23  572 572 HOH HOH A . 
B 2 HOH 24  573 573 HOH HOH A . 
B 2 HOH 25  574 574 HOH HOH A . 
B 2 HOH 26  575 575 HOH HOH A . 
B 2 HOH 27  576 576 HOH HOH A . 
B 2 HOH 28  577 577 HOH HOH A . 
B 2 HOH 29  578 578 HOH HOH A . 
B 2 HOH 30  579 579 HOH HOH A . 
B 2 HOH 31  580 580 HOH HOH A . 
B 2 HOH 32  581 581 HOH HOH A . 
B 2 HOH 33  582 582 HOH HOH A . 
B 2 HOH 34  583 583 HOH HOH A . 
B 2 HOH 35  584 584 HOH HOH A . 
B 2 HOH 36  585 585 HOH HOH A . 
B 2 HOH 37  586 586 HOH HOH A . 
B 2 HOH 38  587 587 HOH HOH A . 
B 2 HOH 39  588 588 HOH HOH A . 
B 2 HOH 40  589 589 HOH HOH A . 
B 2 HOH 41  590 590 HOH HOH A . 
B 2 HOH 42  591 591 HOH HOH A . 
B 2 HOH 43  592 592 HOH HOH A . 
B 2 HOH 44  593 593 HOH HOH A . 
B 2 HOH 45  594 594 HOH HOH A . 
B 2 HOH 46  595 595 HOH HOH A . 
B 2 HOH 47  596 596 HOH HOH A . 
B 2 HOH 48  597 597 HOH HOH A . 
B 2 HOH 49  598 598 HOH HOH A . 
B 2 HOH 50  599 599 HOH HOH A . 
B 2 HOH 51  600 600 HOH HOH A . 
B 2 HOH 52  601 601 HOH HOH A . 
B 2 HOH 53  602 602 HOH HOH A . 
B 2 HOH 54  603 603 HOH HOH A . 
B 2 HOH 55  604 604 HOH HOH A . 
B 2 HOH 56  605 605 HOH HOH A . 
B 2 HOH 57  606 606 HOH HOH A . 
B 2 HOH 58  607 607 HOH HOH A . 
B 2 HOH 59  608 608 HOH HOH A . 
B 2 HOH 60  609 609 HOH HOH A . 
B 2 HOH 61  610 610 HOH HOH A . 
B 2 HOH 62  611 611 HOH HOH A . 
B 2 HOH 63  612 612 HOH HOH A . 
B 2 HOH 64  613 613 HOH HOH A . 
B 2 HOH 65  614 614 HOH HOH A . 
B 2 HOH 66  615 615 HOH HOH A . 
B 2 HOH 67  616 616 HOH HOH A . 
B 2 HOH 68  617 617 HOH HOH A . 
B 2 HOH 69  618 618 HOH HOH A . 
B 2 HOH 70  619 619 HOH HOH A . 
B 2 HOH 71  620 620 HOH HOH A . 
B 2 HOH 72  621 621 HOH HOH A . 
B 2 HOH 73  622 622 HOH HOH A . 
B 2 HOH 74  623 623 HOH HOH A . 
B 2 HOH 75  624 624 HOH HOH A . 
B 2 HOH 76  625 625 HOH HOH A . 
B 2 HOH 77  626 626 HOH HOH A . 
B 2 HOH 78  627 627 HOH HOH A . 
B 2 HOH 79  628 628 HOH HOH A . 
B 2 HOH 80  629 629 HOH HOH A . 
B 2 HOH 81  630 630 HOH HOH A . 
B 2 HOH 82  631 631 HOH HOH A . 
B 2 HOH 83  632 632 HOH HOH A . 
B 2 HOH 84  633 633 HOH HOH A . 
B 2 HOH 85  634 634 HOH HOH A . 
B 2 HOH 86  635 635 HOH HOH A . 
B 2 HOH 87  636 636 HOH HOH A . 
B 2 HOH 88  637 637 HOH HOH A . 
B 2 HOH 89  638 638 HOH HOH A . 
B 2 HOH 90  639 639 HOH HOH A . 
B 2 HOH 91  640 640 HOH HOH A . 
B 2 HOH 92  641 641 HOH HOH A . 
B 2 HOH 93  642 642 HOH HOH A . 
B 2 HOH 94  643 643 HOH HOH A . 
B 2 HOH 95  644 644 HOH HOH A . 
B 2 HOH 96  645 645 HOH HOH A . 
B 2 HOH 97  646 646 HOH HOH A . 
B 2 HOH 98  647 647 HOH HOH A . 
B 2 HOH 99  648 648 HOH HOH A . 
B 2 HOH 100 649 649 HOH HOH A . 
B 2 HOH 101 650 650 HOH HOH A . 
B 2 HOH 102 651 651 HOH HOH A . 
B 2 HOH 103 652 652 HOH HOH A . 
B 2 HOH 104 653 653 HOH HOH A . 
B 2 HOH 105 654 654 HOH HOH A . 
B 2 HOH 106 655 655 HOH HOH A . 
B 2 HOH 107 656 656 HOH HOH A . 
# 
loop_
_software.name 
_software.classification 
_software.version 
_software.citation_id 
_software.pdbx_ordinal 
X-PLOR 'model building'  .     ? 1 
X-PLOR refinement        3.851 ? 2 
FRAMBO 'data collection' .     ? 3 
SADIE  'data scaling'    .     ? 4 
SAINT  'data scaling'    .     ? 5 
X-PLOR phasing           .     ? 6 
# 
_cell.entry_id           1CQY 
_cell.length_a           60.195 
_cell.length_b           60.195 
_cell.length_c           64.922 
_cell.angle_alpha        90 
_cell.angle_beta         90 
_cell.angle_gamma        120 
_cell.Z_PDB              6 
_cell.pdbx_unique_axis   ? 
# 
_symmetry.entry_id                         1CQY 
_symmetry.space_group_name_H-M             'P 32 2 1' 
_symmetry.pdbx_full_space_group_name_H-M   ? 
_symmetry.cell_setting                     ? 
_symmetry.Int_Tables_number                154 
# 
_exptl.entry_id          1CQY 
_exptl.method            'X-RAY DIFFRACTION' 
_exptl.crystals_number   1 
# 
_exptl_crystal.id                    1 
_exptl_crystal.density_meas          ? 
_exptl_crystal.density_Matthews      3.00 
_exptl_crystal.density_percent_sol   59.00 
_exptl_crystal.description           ? 
# 
_exptl_crystal_grow.crystal_id      1 
_exptl_crystal_grow.method          'VAPOR DIFFUSION, HANGING DROP' 
_exptl_crystal_grow.temp            291.0 
_exptl_crystal_grow.temp_details    ? 
_exptl_crystal_grow.pH              4.6 
_exptl_crystal_grow.pdbx_details    'AMMONIUM SULFATE, SODIUM ACETATE, pH 4.6, VAPOR DIFFUSION, HANGING DROP, temperature 18K' 
_exptl_crystal_grow.pdbx_pH_range   . 
# 
_diffrn.id                     1 
_diffrn.ambient_temp           293.0 
_diffrn.ambient_temp_details   ? 
_diffrn.crystal_id             1 
# 
_diffrn_detector.diffrn_id              1 
_diffrn_detector.detector               'AREA DETECTOR' 
_diffrn_detector.type                   'SIEMENS HI-STAR' 
_diffrn_detector.pdbx_collection_date   1999-01-15 
_diffrn_detector.details                ? 
# 
_diffrn_radiation.diffrn_id                        1 
_diffrn_radiation.wavelength_id                    1 
_diffrn_radiation.pdbx_monochromatic_or_laue_m_l   M 
_diffrn_radiation.monochromator                    ? 
_diffrn_radiation.pdbx_diffrn_protocol             'SINGLE WAVELENGTH' 
_diffrn_radiation.pdbx_scattering_type             x-ray 
# 
_diffrn_radiation_wavelength.id           1 
_diffrn_radiation_wavelength.wavelength   1.5418 
_diffrn_radiation_wavelength.wt           1.0 
# 
_diffrn_source.diffrn_id                   1 
_diffrn_source.source                      'ROTATING ANODE' 
_diffrn_source.type                        MACSCIENCE 
_diffrn_source.pdbx_synchrotron_site       ? 
_diffrn_source.pdbx_synchrotron_beamline   ? 
_diffrn_source.pdbx_wavelength             1.5418 
_diffrn_source.pdbx_wavelength_list        ? 
# 
_reflns.entry_id                     1CQY 
_reflns.observed_criterion_sigma_I   ? 
_reflns.observed_criterion_sigma_F   1.0 
_reflns.d_resolution_low             35 
_reflns.d_resolution_high            1.91 
_reflns.number_obs                   10179 
_reflns.number_all                   66133 
_reflns.percent_possible_obs         92.72 
_reflns.pdbx_Rmerge_I_obs            0.0620000 
_reflns.pdbx_Rsym_value              ? 
_reflns.pdbx_netI_over_sigmaI        1.84 
_reflns.B_iso_Wilson_estimate        ? 
_reflns.pdbx_redundancy              6.50 
_reflns.R_free_details               ? 
_reflns.limit_h_max                  ? 
_reflns.limit_h_min                  ? 
_reflns.limit_k_max                  ? 
_reflns.limit_k_min                  ? 
_reflns.limit_l_max                  ? 
_reflns.limit_l_min                  ? 
_reflns.observed_criterion_F_max     ? 
_reflns.observed_criterion_F_min     ? 
_reflns.pdbx_diffrn_id               1 
_reflns.pdbx_ordinal                 1 
# 
_reflns_shell.d_res_high             1.910 
_reflns_shell.d_res_low              1.980 
_reflns_shell.percent_possible_all   63.4 
_reflns_shell.Rmerge_I_obs           0.4120000 
_reflns_shell.pdbx_Rsym_value        ? 
_reflns_shell.meanI_over_sigI_obs    ? 
_reflns_shell.pdbx_redundancy        ? 
_reflns_shell.percent_possible_obs   ? 
_reflns_shell.number_unique_all      ? 
_reflns_shell.pdbx_diffrn_id         ? 
_reflns_shell.pdbx_ordinal           1 
# 
_refine.entry_id                                 1CQY 
_refine.ls_number_reflns_obs                     ? 
_refine.ls_number_reflns_all                     8264 
_refine.pdbx_ls_sigma_I                          ? 
_refine.pdbx_ls_sigma_F                          2.0 
_refine.pdbx_data_cutoff_high_absF               ? 
_refine.pdbx_data_cutoff_low_absF                ? 
_refine.pdbx_data_cutoff_high_rms_absF           ? 
_refine.ls_d_res_low                             6.0 
_refine.ls_d_res_high                            1.95 
_refine.ls_percent_reflns_obs                    82.6 
_refine.ls_R_factor_obs                          0.1810000 
_refine.ls_R_factor_all                          ? 
_refine.ls_R_factor_R_work                       0.1810000 
_refine.ls_R_factor_R_free                       0.2250000 
_refine.ls_R_factor_R_free_error                 ? 
_refine.ls_R_factor_R_free_error_details         ? 
_refine.ls_percent_reflns_R_free                 ? 
_refine.ls_number_reflns_R_free                  854 
_refine.ls_number_parameters                     ? 
_refine.ls_number_restraints                     ? 
_refine.occupancy_min                            ? 
_refine.occupancy_max                            ? 
_refine.B_iso_mean                               ? 
_refine.aniso_B[1][1]                            ? 
_refine.aniso_B[2][2]                            ? 
_refine.aniso_B[3][3]                            ? 
_refine.aniso_B[1][2]                            ? 
_refine.aniso_B[1][3]                            ? 
_refine.aniso_B[2][3]                            ? 
_refine.solvent_model_details                    ? 
_refine.solvent_model_param_ksol                 ? 
_refine.solvent_model_param_bsol                 ? 
_refine.pdbx_ls_cross_valid_method               ? 
_refine.details                                  ? 
_refine.pdbx_starting_model                      ? 
_refine.pdbx_method_to_determine_struct          ? 
_refine.pdbx_isotropic_thermal_model             ? 
_refine.pdbx_stereochemistry_target_values       ? 
_refine.pdbx_stereochem_target_val_spec_case     ? 
_refine.pdbx_R_Free_selection_details            RANDOM 
_refine.pdbx_overall_ESU_R                       ? 
_refine.pdbx_overall_ESU_R_Free                  ? 
_refine.overall_SU_ML                            ? 
_refine.overall_SU_B                             ? 
_refine.ls_redundancy_reflns_obs                 ? 
_refine.B_iso_min                                ? 
_refine.B_iso_max                                ? 
_refine.pdbx_refine_id                           'X-RAY DIFFRACTION' 
_refine.pdbx_diffrn_id                           1 
_refine.pdbx_TLS_residual_ADP_flag               ? 
_refine.correlation_coeff_Fo_to_Fc               ? 
_refine.correlation_coeff_Fo_to_Fc_free          ? 
_refine.pdbx_solvent_vdw_probe_radii             ? 
_refine.pdbx_solvent_ion_probe_radii             ? 
_refine.pdbx_solvent_shrinkage_radii             ? 
_refine.pdbx_overall_phase_error                 ? 
_refine.overall_SU_R_Cruickshank_DPI             ? 
_refine.pdbx_overall_SU_R_free_Cruickshank_DPI   ? 
_refine.pdbx_overall_SU_R_Blow_DPI               ? 
_refine.pdbx_overall_SU_R_free_Blow_DPI          ? 
# 
_refine_hist.pdbx_refine_id                   'X-RAY DIFFRACTION' 
_refine_hist.cycle_id                         LAST 
_refine_hist.pdbx_number_atoms_protein        800 
_refine_hist.pdbx_number_atoms_nucleic_acid   0 
_refine_hist.pdbx_number_atoms_ligand         0 
_refine_hist.number_atoms_solvent             107 
_refine_hist.number_atoms_total               907 
_refine_hist.d_res_high                       1.95 
_refine_hist.d_res_low                        6.0 
# 
loop_
_refine_ls_restr.type 
_refine_ls_restr.dev_ideal 
_refine_ls_restr.dev_ideal_target 
_refine_ls_restr.weight 
_refine_ls_restr.number 
_refine_ls_restr.pdbx_refine_id 
_refine_ls_restr.pdbx_restraint_function 
x_bond_d                0.007 ? ? ? 'X-RAY DIFFRACTION' ? 
x_bond_d_na             ?     ? ? ? 'X-RAY DIFFRACTION' ? 
x_bond_d_prot           ?     ? ? ? 'X-RAY DIFFRACTION' ? 
x_angle_d               ?     ? ? ? 'X-RAY DIFFRACTION' ? 
x_angle_d_na            ?     ? ? ? 'X-RAY DIFFRACTION' ? 
x_angle_d_prot          ?     ? ? ? 'X-RAY DIFFRACTION' ? 
x_angle_deg             1.513 ? ? ? 'X-RAY DIFFRACTION' ? 
x_angle_deg_na          ?     ? ? ? 'X-RAY DIFFRACTION' ? 
x_angle_deg_prot        ?     ? ? ? 'X-RAY DIFFRACTION' ? 
x_dihedral_angle_d      ?     ? ? ? 'X-RAY DIFFRACTION' ? 
x_dihedral_angle_d_na   ?     ? ? ? 'X-RAY DIFFRACTION' ? 
x_dihedral_angle_d_prot ?     ? ? ? 'X-RAY DIFFRACTION' ? 
x_improper_angle_d      ?     ? ? ? 'X-RAY DIFFRACTION' ? 
x_improper_angle_d_na   ?     ? ? ? 'X-RAY DIFFRACTION' ? 
x_improper_angle_d_prot ?     ? ? ? 'X-RAY DIFFRACTION' ? 
x_mcbond_it             ?     ? ? ? 'X-RAY DIFFRACTION' ? 
x_mcangle_it            ?     ? ? ? 'X-RAY DIFFRACTION' ? 
x_scbond_it             ?     ? ? ? 'X-RAY DIFFRACTION' ? 
x_scangle_it            ?     ? ? ? 'X-RAY DIFFRACTION' ? 
# 
_struct.entry_id                  1CQY 
_struct.title                     'STARCH BINDING DOMAIN OF BACILLUS CEREUS BETA-AMYLASE' 
_struct.pdbx_model_details        ? 
_struct.pdbx_CASP_flag            ? 
_struct.pdbx_model_type_details   ? 
# 
_struct_keywords.entry_id        1CQY 
_struct_keywords.pdbx_keywords   HYDROLASE 
_struct_keywords.text            'STARCH-BINDING DOMAIN, B-AMYLASE, 3D STRUCTURE, HYDROLASE' 
# 
loop_
_struct_asym.id 
_struct_asym.pdbx_blank_PDB_chainid_flag 
_struct_asym.pdbx_modified 
_struct_asym.entity_id 
_struct_asym.details 
A N N 1 ? 
B N N 2 ? 
# 
_struct_ref.id                         1 
_struct_ref.db_name                    UNP 
_struct_ref.db_code                    Q9Z4N9_BACCE 
_struct_ref.entity_id                  1 
_struct_ref.pdbx_db_accession          Q9Z4N9 
_struct_ref.pdbx_align_begin           ? 
_struct_ref.pdbx_seq_one_letter_code   ? 
_struct_ref.pdbx_db_isoform            ? 
# 
_struct_ref_seq.align_id                      1 
_struct_ref_seq.ref_id                        1 
_struct_ref_seq.pdbx_PDB_id_code              1CQY 
_struct_ref_seq.pdbx_strand_id                A 
_struct_ref_seq.seq_align_beg                 1 
_struct_ref_seq.pdbx_seq_align_beg_ins_code   ? 
_struct_ref_seq.seq_align_end                 99 
_struct_ref_seq.pdbx_seq_align_end_ins_code   ? 
_struct_ref_seq.pdbx_db_accession             Q9Z4N9 
_struct_ref_seq.db_align_beg                  448 
_struct_ref_seq.pdbx_db_align_beg_ins_code    ? 
_struct_ref_seq.db_align_end                  546 
_struct_ref_seq.pdbx_db_align_end_ins_code    ? 
_struct_ref_seq.pdbx_auth_seq_align_beg       418 
_struct_ref_seq.pdbx_auth_seq_align_end       516 
# 
_pdbx_struct_assembly.id                   1 
_pdbx_struct_assembly.details              author_defined_assembly 
_pdbx_struct_assembly.method_details       ? 
_pdbx_struct_assembly.oligomeric_details   monomeric 
_pdbx_struct_assembly.oligomeric_count     1 
# 
_pdbx_struct_assembly_gen.assembly_id       1 
_pdbx_struct_assembly_gen.oper_expression   1 
_pdbx_struct_assembly_gen.asym_id_list      A,B 
# 
_pdbx_struct_oper_list.id                   1 
_pdbx_struct_oper_list.type                 'identity operation' 
_pdbx_struct_oper_list.name                 1_555 
_pdbx_struct_oper_list.symmetry_operation   x,y,z 
_pdbx_struct_oper_list.matrix[1][1]         1.0000000000 
_pdbx_struct_oper_list.matrix[1][2]         0.0000000000 
_pdbx_struct_oper_list.matrix[1][3]         0.0000000000 
_pdbx_struct_oper_list.vector[1]            0.0000000000 
_pdbx_struct_oper_list.matrix[2][1]         0.0000000000 
_pdbx_struct_oper_list.matrix[2][2]         1.0000000000 
_pdbx_struct_oper_list.matrix[2][3]         0.0000000000 
_pdbx_struct_oper_list.vector[2]            0.0000000000 
_pdbx_struct_oper_list.matrix[3][1]         0.0000000000 
_pdbx_struct_oper_list.matrix[3][2]         0.0000000000 
_pdbx_struct_oper_list.matrix[3][3]         1.0000000000 
_pdbx_struct_oper_list.vector[3]            0.0000000000 
# 
_struct_biol.id   1 
# 
_struct_conf.conf_type_id            HELX_P 
_struct_conf.id                      HELX_P1 
_struct_conf.pdbx_PDB_helix_id       1 
_struct_conf.beg_label_comp_id       ARG 
_struct_conf.beg_label_asym_id       A 
_struct_conf.beg_label_seq_id        26 
_struct_conf.pdbx_beg_PDB_ins_code   ? 
_struct_conf.end_label_comp_id       GLY 
_struct_conf.end_label_asym_id       A 
_struct_conf.end_label_seq_id        30 
_struct_conf.pdbx_end_PDB_ins_code   ? 
_struct_conf.beg_auth_comp_id        ARG 
_struct_conf.beg_auth_asym_id        A 
_struct_conf.beg_auth_seq_id         443 
_struct_conf.end_auth_comp_id        GLY 
_struct_conf.end_auth_asym_id        A 
_struct_conf.end_auth_seq_id         447 
_struct_conf.pdbx_PDB_helix_class    5 
_struct_conf.details                 ? 
_struct_conf.pdbx_PDB_helix_length   5 
# 
_struct_conf_type.id          HELX_P 
_struct_conf_type.criteria    ? 
_struct_conf_type.reference   ? 
# 
_struct_mon_prot_cis.pdbx_id                1 
_struct_mon_prot_cis.label_comp_id          ASN 
_struct_mon_prot_cis.label_seq_id           86 
_struct_mon_prot_cis.label_asym_id          A 
_struct_mon_prot_cis.label_alt_id           . 
_struct_mon_prot_cis.pdbx_PDB_ins_code      ? 
_struct_mon_prot_cis.auth_comp_id           ASN 
_struct_mon_prot_cis.auth_seq_id            503 
_struct_mon_prot_cis.auth_asym_id           A 
_struct_mon_prot_cis.pdbx_label_comp_id_2   PRO 
_struct_mon_prot_cis.pdbx_label_seq_id_2    87 
_struct_mon_prot_cis.pdbx_label_asym_id_2   A 
_struct_mon_prot_cis.pdbx_PDB_ins_code_2    ? 
_struct_mon_prot_cis.pdbx_auth_comp_id_2    PRO 
_struct_mon_prot_cis.pdbx_auth_seq_id_2     504 
_struct_mon_prot_cis.pdbx_auth_asym_id_2    A 
_struct_mon_prot_cis.pdbx_PDB_model_num     1 
_struct_mon_prot_cis.pdbx_omega_angle       -9.87 
# 
loop_
_struct_sheet.id 
_struct_sheet.type 
_struct_sheet.number_strands 
_struct_sheet.details 
A  ? 4 ? 
B  ? 4 ? 
B1 ? 4 ? 
# 
loop_
_struct_sheet_order.sheet_id 
_struct_sheet_order.range_id_1 
_struct_sheet_order.range_id_2 
_struct_sheet_order.offset 
_struct_sheet_order.sense 
A  1 2 ? anti-parallel 
A  2 3 ? anti-parallel 
A  3 4 ? parallel      
B  1 2 ? anti-parallel 
B  2 3 ? anti-parallel 
B  3 4 ? anti-parallel 
B1 1 2 ? anti-parallel 
B1 2 3 ? anti-parallel 
B1 3 4 ? anti-parallel 
# 
loop_
_struct_sheet_range.sheet_id 
_struct_sheet_range.id 
_struct_sheet_range.beg_label_comp_id 
_struct_sheet_range.beg_label_asym_id 
_struct_sheet_range.beg_label_seq_id 
_struct_sheet_range.pdbx_beg_PDB_ins_code 
_struct_sheet_range.end_label_comp_id 
_struct_sheet_range.end_label_asym_id 
_struct_sheet_range.end_label_seq_id 
_struct_sheet_range.pdbx_end_PDB_ins_code 
_struct_sheet_range.beg_auth_comp_id 
_struct_sheet_range.beg_auth_asym_id 
_struct_sheet_range.beg_auth_seq_id 
_struct_sheet_range.end_auth_comp_id 
_struct_sheet_range.end_auth_asym_id 
_struct_sheet_range.end_auth_seq_id 
A  1 TYR A 42 ? ASP A 44 ? TYR A 459 ASP A 461 
A  2 ASP A 49 ? PRO A 57 ? ASP A 466 PRO A 474 
A  3 PRO A 2  ? LYS A 10 ? PRO A 419 LYS A 427 
A  4 SER A 94 ? SER A 98 ? SER A 511 SER A 515 
B  1 ILE A 39 ? GLN A 40 ? ILE A 456 GLN A 457 
B  2 ASP A 18 ? GLY A 24 ? ASP A 435 GLY A 441 
B  3 ILE A 62 ? SER A 70 ? ILE A 479 SER A 487 
B  4 VAL A 75 ? TRP A 78 ? VAL A 492 TRP A 495 
B1 1 ILE A 39 ? GLN A 40 ? ILE A 456 GLN A 457 
B1 2 ASP A 18 ? GLY A 24 ? ASP A 435 GLY A 441 
B1 3 ILE A 62 ? SER A 70 ? ILE A 479 SER A 487 
B1 4 GLN A 83 ? TRP A 85 ? GLN A 500 TRP A 502 
# 
loop_
_pdbx_struct_sheet_hbond.sheet_id 
_pdbx_struct_sheet_hbond.range_id_1 
_pdbx_struct_sheet_hbond.range_id_2 
_pdbx_struct_sheet_hbond.range_1_label_atom_id 
_pdbx_struct_sheet_hbond.range_1_label_comp_id 
_pdbx_struct_sheet_hbond.range_1_label_asym_id 
_pdbx_struct_sheet_hbond.range_1_label_seq_id 
_pdbx_struct_sheet_hbond.range_1_PDB_ins_code 
_pdbx_struct_sheet_hbond.range_1_auth_atom_id 
_pdbx_struct_sheet_hbond.range_1_auth_comp_id 
_pdbx_struct_sheet_hbond.range_1_auth_asym_id 
_pdbx_struct_sheet_hbond.range_1_auth_seq_id 
_pdbx_struct_sheet_hbond.range_2_label_atom_id 
_pdbx_struct_sheet_hbond.range_2_label_comp_id 
_pdbx_struct_sheet_hbond.range_2_label_asym_id 
_pdbx_struct_sheet_hbond.range_2_label_seq_id 
_pdbx_struct_sheet_hbond.range_2_PDB_ins_code 
_pdbx_struct_sheet_hbond.range_2_auth_atom_id 
_pdbx_struct_sheet_hbond.range_2_auth_comp_id 
_pdbx_struct_sheet_hbond.range_2_auth_asym_id 
_pdbx_struct_sheet_hbond.range_2_auth_seq_id 
A  1 2 N ASP A 44 ? N ASP A 461 O ASP A 49 ? O ASP A 466 
A  2 3 N LEU A 56 ? N LEU A 473 O VAL A 3  ? O VAL A 420 
A  3 4 N VAL A 8  ? N VAL A 425 O HIS A 95 ? O HIS A 512 
B  1 2 N ILE A 39 ? N ILE A 456 O ILE A 22 ? O ILE A 439 
B  2 3 O THR A 23 ? O THR A 440 N LYS A 65 ? N LYS A 482 
B  3 4 O ILE A 68 ? O ILE A 485 N LYS A 76 ? N LYS A 493 
B1 1 2 N ILE A 39 ? N ILE A 456 O ILE A 22 ? O ILE A 439 
B1 2 3 O THR A 23 ? O THR A 440 N LYS A 65 ? N LYS A 482 
B1 3 4 O PHE A 64 ? O PHE A 481 N GLN A 83 ? N GLN A 500 
# 
_pdbx_validate_torsion.id              1 
_pdbx_validate_torsion.PDB_model_num   1 
_pdbx_validate_torsion.auth_comp_id    THR 
_pdbx_validate_torsion.auth_asym_id    A 
_pdbx_validate_torsion.auth_seq_id     510 
_pdbx_validate_torsion.PDB_ins_code    ? 
_pdbx_validate_torsion.label_alt_id    ? 
_pdbx_validate_torsion.phi             -147.37 
_pdbx_validate_torsion.psi             -151.51 
# 
loop_
_chem_comp_atom.comp_id 
_chem_comp_atom.atom_id 
_chem_comp_atom.type_symbol 
_chem_comp_atom.pdbx_aromatic_flag 
_chem_comp_atom.pdbx_stereo_config 
_chem_comp_atom.pdbx_ordinal 
ALA N    N N N 1   
ALA CA   C N S 2   
ALA C    C N N 3   
ALA O    O N N 4   
ALA CB   C N N 5   
ALA OXT  O N N 6   
ALA H    H N N 7   
ALA H2   H N N 8   
ALA HA   H N N 9   
ALA HB1  H N N 10  
ALA HB2  H N N 11  
ALA HB3  H N N 12  
ALA HXT  H N N 13  
ARG N    N N N 14  
ARG CA   C N S 15  
ARG C    C N N 16  
ARG O    O N N 17  
ARG CB   C N N 18  
ARG CG   C N N 19  
ARG CD   C N N 20  
ARG NE   N N N 21  
ARG CZ   C N N 22  
ARG NH1  N N N 23  
ARG NH2  N N N 24  
ARG OXT  O N N 25  
ARG H    H N N 26  
ARG H2   H N N 27  
ARG HA   H N N 28  
ARG HB2  H N N 29  
ARG HB3  H N N 30  
ARG HG2  H N N 31  
ARG HG3  H N N 32  
ARG HD2  H N N 33  
ARG HD3  H N N 34  
ARG HE   H N N 35  
ARG HH11 H N N 36  
ARG HH12 H N N 37  
ARG HH21 H N N 38  
ARG HH22 H N N 39  
ARG HXT  H N N 40  
ASN N    N N N 41  
ASN CA   C N S 42  
ASN C    C N N 43  
ASN O    O N N 44  
ASN CB   C N N 45  
ASN CG   C N N 46  
ASN OD1  O N N 47  
ASN ND2  N N N 48  
ASN OXT  O N N 49  
ASN H    H N N 50  
ASN H2   H N N 51  
ASN HA   H N N 52  
ASN HB2  H N N 53  
ASN HB3  H N N 54  
ASN HD21 H N N 55  
ASN HD22 H N N 56  
ASN HXT  H N N 57  
ASP N    N N N 58  
ASP CA   C N S 59  
ASP C    C N N 60  
ASP O    O N N 61  
ASP CB   C N N 62  
ASP CG   C N N 63  
ASP OD1  O N N 64  
ASP OD2  O N N 65  
ASP OXT  O N N 66  
ASP H    H N N 67  
ASP H2   H N N 68  
ASP HA   H N N 69  
ASP HB2  H N N 70  
ASP HB3  H N N 71  
ASP HD2  H N N 72  
ASP HXT  H N N 73  
GLN N    N N N 74  
GLN CA   C N S 75  
GLN C    C N N 76  
GLN O    O N N 77  
GLN CB   C N N 78  
GLN CG   C N N 79  
GLN CD   C N N 80  
GLN OE1  O N N 81  
GLN NE2  N N N 82  
GLN OXT  O N N 83  
GLN H    H N N 84  
GLN H2   H N N 85  
GLN HA   H N N 86  
GLN HB2  H N N 87  
GLN HB3  H N N 88  
GLN HG2  H N N 89  
GLN HG3  H N N 90  
GLN HE21 H N N 91  
GLN HE22 H N N 92  
GLN HXT  H N N 93  
GLU N    N N N 94  
GLU CA   C N S 95  
GLU C    C N N 96  
GLU O    O N N 97  
GLU CB   C N N 98  
GLU CG   C N N 99  
GLU CD   C N N 100 
GLU OE1  O N N 101 
GLU OE2  O N N 102 
GLU OXT  O N N 103 
GLU H    H N N 104 
GLU H2   H N N 105 
GLU HA   H N N 106 
GLU HB2  H N N 107 
GLU HB3  H N N 108 
GLU HG2  H N N 109 
GLU HG3  H N N 110 
GLU HE2  H N N 111 
GLU HXT  H N N 112 
GLY N    N N N 113 
GLY CA   C N N 114 
GLY C    C N N 115 
GLY O    O N N 116 
GLY OXT  O N N 117 
GLY H    H N N 118 
GLY H2   H N N 119 
GLY HA2  H N N 120 
GLY HA3  H N N 121 
GLY HXT  H N N 122 
HIS N    N N N 123 
HIS CA   C N S 124 
HIS C    C N N 125 
HIS O    O N N 126 
HIS CB   C N N 127 
HIS CG   C Y N 128 
HIS ND1  N Y N 129 
HIS CD2  C Y N 130 
HIS CE1  C Y N 131 
HIS NE2  N Y N 132 
HIS OXT  O N N 133 
HIS H    H N N 134 
HIS H2   H N N 135 
HIS HA   H N N 136 
HIS HB2  H N N 137 
HIS HB3  H N N 138 
HIS HD1  H N N 139 
HIS HD2  H N N 140 
HIS HE1  H N N 141 
HIS HE2  H N N 142 
HIS HXT  H N N 143 
HOH O    O N N 144 
HOH H1   H N N 145 
HOH H2   H N N 146 
ILE N    N N N 147 
ILE CA   C N S 148 
ILE C    C N N 149 
ILE O    O N N 150 
ILE CB   C N S 151 
ILE CG1  C N N 152 
ILE CG2  C N N 153 
ILE CD1  C N N 154 
ILE OXT  O N N 155 
ILE H    H N N 156 
ILE H2   H N N 157 
ILE HA   H N N 158 
ILE HB   H N N 159 
ILE HG12 H N N 160 
ILE HG13 H N N 161 
ILE HG21 H N N 162 
ILE HG22 H N N 163 
ILE HG23 H N N 164 
ILE HD11 H N N 165 
ILE HD12 H N N 166 
ILE HD13 H N N 167 
ILE HXT  H N N 168 
LEU N    N N N 169 
LEU CA   C N S 170 
LEU C    C N N 171 
LEU O    O N N 172 
LEU CB   C N N 173 
LEU CG   C N N 174 
LEU CD1  C N N 175 
LEU CD2  C N N 176 
LEU OXT  O N N 177 
LEU H    H N N 178 
LEU H2   H N N 179 
LEU HA   H N N 180 
LEU HB2  H N N 181 
LEU HB3  H N N 182 
LEU HG   H N N 183 
LEU HD11 H N N 184 
LEU HD12 H N N 185 
LEU HD13 H N N 186 
LEU HD21 H N N 187 
LEU HD22 H N N 188 
LEU HD23 H N N 189 
LEU HXT  H N N 190 
LYS N    N N N 191 
LYS CA   C N S 192 
LYS C    C N N 193 
LYS O    O N N 194 
LYS CB   C N N 195 
LYS CG   C N N 196 
LYS CD   C N N 197 
LYS CE   C N N 198 
LYS NZ   N N N 199 
LYS OXT  O N N 200 
LYS H    H N N 201 
LYS H2   H N N 202 
LYS HA   H N N 203 
LYS HB2  H N N 204 
LYS HB3  H N N 205 
LYS HG2  H N N 206 
LYS HG3  H N N 207 
LYS HD2  H N N 208 
LYS HD3  H N N 209 
LYS HE2  H N N 210 
LYS HE3  H N N 211 
LYS HZ1  H N N 212 
LYS HZ2  H N N 213 
LYS HZ3  H N N 214 
LYS HXT  H N N 215 
MET N    N N N 216 
MET CA   C N S 217 
MET C    C N N 218 
MET O    O N N 219 
MET CB   C N N 220 
MET CG   C N N 221 
MET SD   S N N 222 
MET CE   C N N 223 
MET OXT  O N N 224 
MET H    H N N 225 
MET H2   H N N 226 
MET HA   H N N 227 
MET HB2  H N N 228 
MET HB3  H N N 229 
MET HG2  H N N 230 
MET HG3  H N N 231 
MET HE1  H N N 232 
MET HE2  H N N 233 
MET HE3  H N N 234 
MET HXT  H N N 235 
PHE N    N N N 236 
PHE CA   C N S 237 
PHE C    C N N 238 
PHE O    O N N 239 
PHE CB   C N N 240 
PHE CG   C Y N 241 
PHE CD1  C Y N 242 
PHE CD2  C Y N 243 
PHE CE1  C Y N 244 
PHE CE2  C Y N 245 
PHE CZ   C Y N 246 
PHE OXT  O N N 247 
PHE H    H N N 248 
PHE H2   H N N 249 
PHE HA   H N N 250 
PHE HB2  H N N 251 
PHE HB3  H N N 252 
PHE HD1  H N N 253 
PHE HD2  H N N 254 
PHE HE1  H N N 255 
PHE HE2  H N N 256 
PHE HZ   H N N 257 
PHE HXT  H N N 258 
PRO N    N N N 259 
PRO CA   C N S 260 
PRO C    C N N 261 
PRO O    O N N 262 
PRO CB   C N N 263 
PRO CG   C N N 264 
PRO CD   C N N 265 
PRO OXT  O N N 266 
PRO H    H N N 267 
PRO HA   H N N 268 
PRO HB2  H N N 269 
PRO HB3  H N N 270 
PRO HG2  H N N 271 
PRO HG3  H N N 272 
PRO HD2  H N N 273 
PRO HD3  H N N 274 
PRO HXT  H N N 275 
SER N    N N N 276 
SER CA   C N S 277 
SER C    C N N 278 
SER O    O N N 279 
SER CB   C N N 280 
SER OG   O N N 281 
SER OXT  O N N 282 
SER H    H N N 283 
SER H2   H N N 284 
SER HA   H N N 285 
SER HB2  H N N 286 
SER HB3  H N N 287 
SER HG   H N N 288 
SER HXT  H N N 289 
THR N    N N N 290 
THR CA   C N S 291 
THR C    C N N 292 
THR O    O N N 293 
THR CB   C N R 294 
THR OG1  O N N 295 
THR CG2  C N N 296 
THR OXT  O N N 297 
THR H    H N N 298 
THR H2   H N N 299 
THR HA   H N N 300 
THR HB   H N N 301 
THR HG1  H N N 302 
THR HG21 H N N 303 
THR HG22 H N N 304 
THR HG23 H N N 305 
THR HXT  H N N 306 
TRP N    N N N 307 
TRP CA   C N S 308 
TRP C    C N N 309 
TRP O    O N N 310 
TRP CB   C N N 311 
TRP CG   C Y N 312 
TRP CD1  C Y N 313 
TRP CD2  C Y N 314 
TRP NE1  N Y N 315 
TRP CE2  C Y N 316 
TRP CE3  C Y N 317 
TRP CZ2  C Y N 318 
TRP CZ3  C Y N 319 
TRP CH2  C Y N 320 
TRP OXT  O N N 321 
TRP H    H N N 322 
TRP H2   H N N 323 
TRP HA   H N N 324 
TRP HB2  H N N 325 
TRP HB3  H N N 326 
TRP HD1  H N N 327 
TRP HE1  H N N 328 
TRP HE3  H N N 329 
TRP HZ2  H N N 330 
TRP HZ3  H N N 331 
TRP HH2  H N N 332 
TRP HXT  H N N 333 
TYR N    N N N 334 
TYR CA   C N S 335 
TYR C    C N N 336 
TYR O    O N N 337 
TYR CB   C N N 338 
TYR CG   C Y N 339 
TYR CD1  C Y N 340 
TYR CD2  C Y N 341 
TYR CE1  C Y N 342 
TYR CE2  C Y N 343 
TYR CZ   C Y N 344 
TYR OH   O N N 345 
TYR OXT  O N N 346 
TYR H    H N N 347 
TYR H2   H N N 348 
TYR HA   H N N 349 
TYR HB2  H N N 350 
TYR HB3  H N N 351 
TYR HD1  H N N 352 
TYR HD2  H N N 353 
TYR HE1  H N N 354 
TYR HE2  H N N 355 
TYR HH   H N N 356 
TYR HXT  H N N 357 
VAL N    N N N 358 
VAL CA   C N S 359 
VAL C    C N N 360 
VAL O    O N N 361 
VAL CB   C N N 362 
VAL CG1  C N N 363 
VAL CG2  C N N 364 
VAL OXT  O N N 365 
VAL H    H N N 366 
VAL H2   H N N 367 
VAL HA   H N N 368 
VAL HB   H N N 369 
VAL HG11 H N N 370 
VAL HG12 H N N 371 
VAL HG13 H N N 372 
VAL HG21 H N N 373 
VAL HG22 H N N 374 
VAL HG23 H N N 375 
VAL HXT  H N N 376 
# 
loop_
_chem_comp_bond.comp_id 
_chem_comp_bond.atom_id_1 
_chem_comp_bond.atom_id_2 
_chem_comp_bond.value_order 
_chem_comp_bond.pdbx_aromatic_flag 
_chem_comp_bond.pdbx_stereo_config 
_chem_comp_bond.pdbx_ordinal 
ALA N   CA   sing N N 1   
ALA N   H    sing N N 2   
ALA N   H2   sing N N 3   
ALA CA  C    sing N N 4   
ALA CA  CB   sing N N 5   
ALA CA  HA   sing N N 6   
ALA C   O    doub N N 7   
ALA C   OXT  sing N N 8   
ALA CB  HB1  sing N N 9   
ALA CB  HB2  sing N N 10  
ALA CB  HB3  sing N N 11  
ALA OXT HXT  sing N N 12  
ARG N   CA   sing N N 13  
ARG N   H    sing N N 14  
ARG N   H2   sing N N 15  
ARG CA  C    sing N N 16  
ARG CA  CB   sing N N 17  
ARG CA  HA   sing N N 18  
ARG C   O    doub N N 19  
ARG C   OXT  sing N N 20  
ARG CB  CG   sing N N 21  
ARG CB  HB2  sing N N 22  
ARG CB  HB3  sing N N 23  
ARG CG  CD   sing N N 24  
ARG CG  HG2  sing N N 25  
ARG CG  HG3  sing N N 26  
ARG CD  NE   sing N N 27  
ARG CD  HD2  sing N N 28  
ARG CD  HD3  sing N N 29  
ARG NE  CZ   sing N N 30  
ARG NE  HE   sing N N 31  
ARG CZ  NH1  sing N N 32  
ARG CZ  NH2  doub N N 33  
ARG NH1 HH11 sing N N 34  
ARG NH1 HH12 sing N N 35  
ARG NH2 HH21 sing N N 36  
ARG NH2 HH22 sing N N 37  
ARG OXT HXT  sing N N 38  
ASN N   CA   sing N N 39  
ASN N   H    sing N N 40  
ASN N   H2   sing N N 41  
ASN CA  C    sing N N 42  
ASN CA  CB   sing N N 43  
ASN CA  HA   sing N N 44  
ASN C   O    doub N N 45  
ASN C   OXT  sing N N 46  
ASN CB  CG   sing N N 47  
ASN CB  HB2  sing N N 48  
ASN CB  HB3  sing N N 49  
ASN CG  OD1  doub N N 50  
ASN CG  ND2  sing N N 51  
ASN ND2 HD21 sing N N 52  
ASN ND2 HD22 sing N N 53  
ASN OXT HXT  sing N N 54  
ASP N   CA   sing N N 55  
ASP N   H    sing N N 56  
ASP N   H2   sing N N 57  
ASP CA  C    sing N N 58  
ASP CA  CB   sing N N 59  
ASP CA  HA   sing N N 60  
ASP C   O    doub N N 61  
ASP C   OXT  sing N N 62  
ASP CB  CG   sing N N 63  
ASP CB  HB2  sing N N 64  
ASP CB  HB3  sing N N 65  
ASP CG  OD1  doub N N 66  
ASP CG  OD2  sing N N 67  
ASP OD2 HD2  sing N N 68  
ASP OXT HXT  sing N N 69  
GLN N   CA   sing N N 70  
GLN N   H    sing N N 71  
GLN N   H2   sing N N 72  
GLN CA  C    sing N N 73  
GLN CA  CB   sing N N 74  
GLN CA  HA   sing N N 75  
GLN C   O    doub N N 76  
GLN C   OXT  sing N N 77  
GLN CB  CG   sing N N 78  
GLN CB  HB2  sing N N 79  
GLN CB  HB3  sing N N 80  
GLN CG  CD   sing N N 81  
GLN CG  HG2  sing N N 82  
GLN CG  HG3  sing N N 83  
GLN CD  OE1  doub N N 84  
GLN CD  NE2  sing N N 85  
GLN NE2 HE21 sing N N 86  
GLN NE2 HE22 sing N N 87  
GLN OXT HXT  sing N N 88  
GLU N   CA   sing N N 89  
GLU N   H    sing N N 90  
GLU N   H2   sing N N 91  
GLU CA  C    sing N N 92  
GLU CA  CB   sing N N 93  
GLU CA  HA   sing N N 94  
GLU C   O    doub N N 95  
GLU C   OXT  sing N N 96  
GLU CB  CG   sing N N 97  
GLU CB  HB2  sing N N 98  
GLU CB  HB3  sing N N 99  
GLU CG  CD   sing N N 100 
GLU CG  HG2  sing N N 101 
GLU CG  HG3  sing N N 102 
GLU CD  OE1  doub N N 103 
GLU CD  OE2  sing N N 104 
GLU OE2 HE2  sing N N 105 
GLU OXT HXT  sing N N 106 
GLY N   CA   sing N N 107 
GLY N   H    sing N N 108 
GLY N   H2   sing N N 109 
GLY CA  C    sing N N 110 
GLY CA  HA2  sing N N 111 
GLY CA  HA3  sing N N 112 
GLY C   O    doub N N 113 
GLY C   OXT  sing N N 114 
GLY OXT HXT  sing N N 115 
HIS N   CA   sing N N 116 
HIS N   H    sing N N 117 
HIS N   H2   sing N N 118 
HIS CA  C    sing N N 119 
HIS CA  CB   sing N N 120 
HIS CA  HA   sing N N 121 
HIS C   O    doub N N 122 
HIS C   OXT  sing N N 123 
HIS CB  CG   sing N N 124 
HIS CB  HB2  sing N N 125 
HIS CB  HB3  sing N N 126 
HIS CG  ND1  sing Y N 127 
HIS CG  CD2  doub Y N 128 
HIS ND1 CE1  doub Y N 129 
HIS ND1 HD1  sing N N 130 
HIS CD2 NE2  sing Y N 131 
HIS CD2 HD2  sing N N 132 
HIS CE1 NE2  sing Y N 133 
HIS CE1 HE1  sing N N 134 
HIS NE2 HE2  sing N N 135 
HIS OXT HXT  sing N N 136 
HOH O   H1   sing N N 137 
HOH O   H2   sing N N 138 
ILE N   CA   sing N N 139 
ILE N   H    sing N N 140 
ILE N   H2   sing N N 141 
ILE CA  C    sing N N 142 
ILE CA  CB   sing N N 143 
ILE CA  HA   sing N N 144 
ILE C   O    doub N N 145 
ILE C   OXT  sing N N 146 
ILE CB  CG1  sing N N 147 
ILE CB  CG2  sing N N 148 
ILE CB  HB   sing N N 149 
ILE CG1 CD1  sing N N 150 
ILE CG1 HG12 sing N N 151 
ILE CG1 HG13 sing N N 152 
ILE CG2 HG21 sing N N 153 
ILE CG2 HG22 sing N N 154 
ILE CG2 HG23 sing N N 155 
ILE CD1 HD11 sing N N 156 
ILE CD1 HD12 sing N N 157 
ILE CD1 HD13 sing N N 158 
ILE OXT HXT  sing N N 159 
LEU N   CA   sing N N 160 
LEU N   H    sing N N 161 
LEU N   H2   sing N N 162 
LEU CA  C    sing N N 163 
LEU CA  CB   sing N N 164 
LEU CA  HA   sing N N 165 
LEU C   O    doub N N 166 
LEU C   OXT  sing N N 167 
LEU CB  CG   sing N N 168 
LEU CB  HB2  sing N N 169 
LEU CB  HB3  sing N N 170 
LEU CG  CD1  sing N N 171 
LEU CG  CD2  sing N N 172 
LEU CG  HG   sing N N 173 
LEU CD1 HD11 sing N N 174 
LEU CD1 HD12 sing N N 175 
LEU CD1 HD13 sing N N 176 
LEU CD2 HD21 sing N N 177 
LEU CD2 HD22 sing N N 178 
LEU CD2 HD23 sing N N 179 
LEU OXT HXT  sing N N 180 
LYS N   CA   sing N N 181 
LYS N   H    sing N N 182 
LYS N   H2   sing N N 183 
LYS CA  C    sing N N 184 
LYS CA  CB   sing N N 185 
LYS CA  HA   sing N N 186 
LYS C   O    doub N N 187 
LYS C   OXT  sing N N 188 
LYS CB  CG   sing N N 189 
LYS CB  HB2  sing N N 190 
LYS CB  HB3  sing N N 191 
LYS CG  CD   sing N N 192 
LYS CG  HG2  sing N N 193 
LYS CG  HG3  sing N N 194 
LYS CD  CE   sing N N 195 
LYS CD  HD2  sing N N 196 
LYS CD  HD3  sing N N 197 
LYS CE  NZ   sing N N 198 
LYS CE  HE2  sing N N 199 
LYS CE  HE3  sing N N 200 
LYS NZ  HZ1  sing N N 201 
LYS NZ  HZ2  sing N N 202 
LYS NZ  HZ3  sing N N 203 
LYS OXT HXT  sing N N 204 
MET N   CA   sing N N 205 
MET N   H    sing N N 206 
MET N   H2   sing N N 207 
MET CA  C    sing N N 208 
MET CA  CB   sing N N 209 
MET CA  HA   sing N N 210 
MET C   O    doub N N 211 
MET C   OXT  sing N N 212 
MET CB  CG   sing N N 213 
MET CB  HB2  sing N N 214 
MET CB  HB3  sing N N 215 
MET CG  SD   sing N N 216 
MET CG  HG2  sing N N 217 
MET CG  HG3  sing N N 218 
MET SD  CE   sing N N 219 
MET CE  HE1  sing N N 220 
MET CE  HE2  sing N N 221 
MET CE  HE3  sing N N 222 
MET OXT HXT  sing N N 223 
PHE N   CA   sing N N 224 
PHE N   H    sing N N 225 
PHE N   H2   sing N N 226 
PHE CA  C    sing N N 227 
PHE CA  CB   sing N N 228 
PHE CA  HA   sing N N 229 
PHE C   O    doub N N 230 
PHE C   OXT  sing N N 231 
PHE CB  CG   sing N N 232 
PHE CB  HB2  sing N N 233 
PHE CB  HB3  sing N N 234 
PHE CG  CD1  doub Y N 235 
PHE CG  CD2  sing Y N 236 
PHE CD1 CE1  sing Y N 237 
PHE CD1 HD1  sing N N 238 
PHE CD2 CE2  doub Y N 239 
PHE CD2 HD2  sing N N 240 
PHE CE1 CZ   doub Y N 241 
PHE CE1 HE1  sing N N 242 
PHE CE2 CZ   sing Y N 243 
PHE CE2 HE2  sing N N 244 
PHE CZ  HZ   sing N N 245 
PHE OXT HXT  sing N N 246 
PRO N   CA   sing N N 247 
PRO N   CD   sing N N 248 
PRO N   H    sing N N 249 
PRO CA  C    sing N N 250 
PRO CA  CB   sing N N 251 
PRO CA  HA   sing N N 252 
PRO C   O    doub N N 253 
PRO C   OXT  sing N N 254 
PRO CB  CG   sing N N 255 
PRO CB  HB2  sing N N 256 
PRO CB  HB3  sing N N 257 
PRO CG  CD   sing N N 258 
PRO CG  HG2  sing N N 259 
PRO CG  HG3  sing N N 260 
PRO CD  HD2  sing N N 261 
PRO CD  HD3  sing N N 262 
PRO OXT HXT  sing N N 263 
SER N   CA   sing N N 264 
SER N   H    sing N N 265 
SER N   H2   sing N N 266 
SER CA  C    sing N N 267 
SER CA  CB   sing N N 268 
SER CA  HA   sing N N 269 
SER C   O    doub N N 270 
SER C   OXT  sing N N 271 
SER CB  OG   sing N N 272 
SER CB  HB2  sing N N 273 
SER CB  HB3  sing N N 274 
SER OG  HG   sing N N 275 
SER OXT HXT  sing N N 276 
THR N   CA   sing N N 277 
THR N   H    sing N N 278 
THR N   H2   sing N N 279 
THR CA  C    sing N N 280 
THR CA  CB   sing N N 281 
THR CA  HA   sing N N 282 
THR C   O    doub N N 283 
THR C   OXT  sing N N 284 
THR CB  OG1  sing N N 285 
THR CB  CG2  sing N N 286 
THR CB  HB   sing N N 287 
THR OG1 HG1  sing N N 288 
THR CG2 HG21 sing N N 289 
THR CG2 HG22 sing N N 290 
THR CG2 HG23 sing N N 291 
THR OXT HXT  sing N N 292 
TRP N   CA   sing N N 293 
TRP N   H    sing N N 294 
TRP N   H2   sing N N 295 
TRP CA  C    sing N N 296 
TRP CA  CB   sing N N 297 
TRP CA  HA   sing N N 298 
TRP C   O    doub N N 299 
TRP C   OXT  sing N N 300 
TRP CB  CG   sing N N 301 
TRP CB  HB2  sing N N 302 
TRP CB  HB3  sing N N 303 
TRP CG  CD1  doub Y N 304 
TRP CG  CD2  sing Y N 305 
TRP CD1 NE1  sing Y N 306 
TRP CD1 HD1  sing N N 307 
TRP CD2 CE2  doub Y N 308 
TRP CD2 CE3  sing Y N 309 
TRP NE1 CE2  sing Y N 310 
TRP NE1 HE1  sing N N 311 
TRP CE2 CZ2  sing Y N 312 
TRP CE3 CZ3  doub Y N 313 
TRP CE3 HE3  sing N N 314 
TRP CZ2 CH2  doub Y N 315 
TRP CZ2 HZ2  sing N N 316 
TRP CZ3 CH2  sing Y N 317 
TRP CZ3 HZ3  sing N N 318 
TRP CH2 HH2  sing N N 319 
TRP OXT HXT  sing N N 320 
TYR N   CA   sing N N 321 
TYR N   H    sing N N 322 
TYR N   H2   sing N N 323 
TYR CA  C    sing N N 324 
TYR CA  CB   sing N N 325 
TYR CA  HA   sing N N 326 
TYR C   O    doub N N 327 
TYR C   OXT  sing N N 328 
TYR CB  CG   sing N N 329 
TYR CB  HB2  sing N N 330 
TYR CB  HB3  sing N N 331 
TYR CG  CD1  doub Y N 332 
TYR CG  CD2  sing Y N 333 
TYR CD1 CE1  sing Y N 334 
TYR CD1 HD1  sing N N 335 
TYR CD2 CE2  doub Y N 336 
TYR CD2 HD2  sing N N 337 
TYR CE1 CZ   doub Y N 338 
TYR CE1 HE1  sing N N 339 
TYR CE2 CZ   sing Y N 340 
TYR CE2 HE2  sing N N 341 
TYR CZ  OH   sing N N 342 
TYR OH  HH   sing N N 343 
TYR OXT HXT  sing N N 344 
VAL N   CA   sing N N 345 
VAL N   H    sing N N 346 
VAL N   H2   sing N N 347 
VAL CA  C    sing N N 348 
VAL CA  CB   sing N N 349 
VAL CA  HA   sing N N 350 
VAL C   O    doub N N 351 
VAL C   OXT  sing N N 352 
VAL CB  CG1  sing N N 353 
VAL CB  CG2  sing N N 354 
VAL CB  HB   sing N N 355 
VAL CG1 HG11 sing N N 356 
VAL CG1 HG12 sing N N 357 
VAL CG1 HG13 sing N N 358 
VAL CG2 HG21 sing N N 359 
VAL CG2 HG22 sing N N 360 
VAL CG2 HG23 sing N N 361 
VAL OXT HXT  sing N N 362 
# 
_atom_sites.entry_id                    1CQY 
_atom_sites.fract_transf_matrix[1][1]   -0.00024433 
_atom_sites.fract_transf_matrix[1][2]   0.01779470 
_atom_sites.fract_transf_matrix[1][3]   0.00716016 
_atom_sites.fract_transf_matrix[2][1]   -0.01213877 
_atom_sites.fract_transf_matrix[2][2]   0.01303697 
_atom_sites.fract_transf_matrix[2][3]   -0.00711865 
_atom_sites.fract_transf_matrix[3][1]   -0.01063420 
_atom_sites.fract_transf_matrix[3][2]   -0.00428492 
_atom_sites.fract_transf_matrix[3][3]   0.01028618 
_atom_sites.fract_transf_vector[1]      0.228490 
_atom_sites.fract_transf_vector[2]      -0.226385 
_atom_sites.fract_transf_vector[3]      0.260126 
# 
loop_
_atom_type.symbol 
C 
N 
O 
S 
# 
loop_
_atom_site.group_PDB 
_atom_site.id 
_atom_site.type_symbol 
_atom_site.label_atom_id 
_atom_site.label_alt_id 
_atom_site.label_comp_id 
_atom_site.label_asym_id 
_atom_site.label_entity_id 
_atom_site.label_seq_id 
_atom_site.pdbx_PDB_ins_code 
_atom_site.Cartn_x 
_atom_site.Cartn_y 
_atom_site.Cartn_z 
_atom_site.occupancy 
_atom_site.B_iso_or_equiv 
_atom_site.pdbx_formal_charge 
_atom_site.auth_seq_id 
_atom_site.auth_comp_id 
_atom_site.auth_asym_id 
_atom_site.auth_atom_id 
_atom_site.pdbx_PDB_model_num 
ATOM   1   N N   . THR A 1 1  ? 18.012  -2.855  8.217   1.00 18.90 ? 418 THR A N   1 
ATOM   2   C CA  . THR A 1 1  ? 18.399  -2.744  6.777   1.00 18.25 ? 418 THR A CA  1 
ATOM   3   C C   . THR A 1 1  ? 17.208  -2.349  5.904   1.00 14.65 ? 418 THR A C   1 
ATOM   4   O O   . THR A 1 1  ? 16.324  -3.158  5.615   1.00 14.56 ? 418 THR A O   1 
ATOM   5   C CB  . THR A 1 1  ? 19.025  -4.076  6.260   1.00 17.95 ? 418 THR A CB  1 
ATOM   6   O OG1 . THR A 1 1  ? 20.447  -4.000  6.383   1.00 24.19 ? 418 THR A OG1 1 
ATOM   7   C CG2 . THR A 1 1  ? 18.699  -4.320  4.799   1.00 19.12 ? 418 THR A CG2 1 
ATOM   8   N N   . PRO A 1 2  ? 17.173  -1.084  5.473   1.00 13.58 ? 419 PRO A N   1 
ATOM   9   C CA  . PRO A 1 2  ? 16.088  -0.648  4.600   1.00 11.90 ? 419 PRO A CA  1 
ATOM   10  C C   . PRO A 1 2  ? 16.253  -1.137  3.158   1.00 11.73 ? 419 PRO A C   1 
ATOM   11  O O   . PRO A 1 2  ? 17.365  -1.189  2.620   1.00 11.01 ? 419 PRO A O   1 
ATOM   12  C CB  . PRO A 1 2  ? 16.123  0.875   4.718   1.00 10.25 ? 419 PRO A CB  1 
ATOM   13  C CG  . PRO A 1 2  ? 17.517  1.212   5.117   1.00 13.62 ? 419 PRO A CG  1 
ATOM   14  C CD  . PRO A 1 2  ? 18.131  -0.002  5.768   1.00 13.72 ? 419 PRO A CD  1 
ATOM   15  N N   . VAL A 1 3  ? 15.138  -1.528  2.549   1.00 11.38 ? 420 VAL A N   1 
ATOM   16  C CA  . VAL A 1 3  ? 15.136  -2.013  1.175   1.00 12.47 ? 420 VAL A CA  1 
ATOM   17  C C   . VAL A 1 3  ? 13.874  -1.517  0.481   1.00 14.19 ? 420 VAL A C   1 
ATOM   18  O O   . VAL A 1 3  ? 12.779  -1.564  1.046   1.00 15.08 ? 420 VAL A O   1 
ATOM   19  C CB  . VAL A 1 3  ? 15.157  -3.556  1.101   1.00 13.87 ? 420 VAL A CB  1 
ATOM   20  C CG1 . VAL A 1 3  ? 15.436  -4.002  -0.330  1.00 11.16 ? 420 VAL A CG1 1 
ATOM   21  C CG2 . VAL A 1 3  ? 16.225  -4.105  2.021   1.00 17.19 ? 420 VAL A CG2 1 
ATOM   22  N N   . MET A 1 4  ? 14.017  -1.023  -0.740  1.00 15.36 ? 421 MET A N   1 
ATOM   23  C CA  . MET A 1 4  ? 12.848  -0.534  -1.449  1.00 16.47 ? 421 MET A CA  1 
ATOM   24  C C   . MET A 1 4  ? 12.046  -1.688  -2.024  1.00 15.76 ? 421 MET A C   1 
ATOM   25  O O   . MET A 1 4  ? 12.612  -2.624  -2.607  1.00 16.17 ? 421 MET A O   1 
ATOM   26  C CB  . MET A 1 4  ? 13.244  0.415   -2.576  1.00 14.91 ? 421 MET A CB  1 
ATOM   27  C CG  . MET A 1 4  ? 12.072  1.217   -3.107  1.00 18.12 ? 421 MET A CG  1 
ATOM   28  S SD  . MET A 1 4  ? 12.415  1.926   -4.708  1.00 28.60 ? 421 MET A SD  1 
ATOM   29  C CE  . MET A 1 4  ? 12.469  0.430   -5.717  1.00 30.21 ? 421 MET A CE  1 
ATOM   30  N N   . GLN A 1 5  ? 10.730  -1.622  -1.845  1.00 13.69 ? 422 GLN A N   1 
ATOM   31  C CA  . GLN A 1 5  ? 9.841   -2.659  -2.352  1.00 9.74  ? 422 GLN A CA  1 
ATOM   32  C C   . GLN A 1 5  ? 8.674   -2.039  -3.099  1.00 10.18 ? 422 GLN A C   1 
ATOM   33  O O   . GLN A 1 5  ? 8.292   -0.893  -2.854  1.00 8.47  ? 422 GLN A O   1 
ATOM   34  C CB  . GLN A 1 5  ? 9.318   -3.520  -1.213  1.00 7.67  ? 422 GLN A CB  1 
ATOM   35  C CG  . GLN A 1 5  ? 10.418  -4.132  -0.384  1.00 10.52 ? 422 GLN A CG  1 
ATOM   36  C CD  . GLN A 1 5  ? 11.036  -5.351  -1.034  1.00 10.37 ? 422 GLN A CD  1 
ATOM   37  O OE1 . GLN A 1 5  ? 11.869  -6.028  -0.426  1.00 13.72 ? 422 GLN A OE1 1 
ATOM   38  N NE2 . GLN A 1 5  ? 10.638  -5.638  -2.268  1.00 5.50  ? 422 GLN A NE2 1 
ATOM   39  N N   . THR A 1 6  ? 8.127   -2.799  -4.034  1.00 10.53 ? 423 THR A N   1 
ATOM   40  C CA  . THR A 1 6  ? 7.003   -2.321  -4.813  1.00 11.34 ? 423 THR A CA  1 
ATOM   41  C C   . THR A 1 6  ? 5.779   -3.084  -4.353  1.00 12.14 ? 423 THR A C   1 
ATOM   42  O O   . THR A 1 6  ? 5.803   -4.313  -4.325  1.00 13.24 ? 423 THR A O   1 
ATOM   43  C CB  . THR A 1 6  ? 7.185   -2.589  -6.340  1.00 11.00 ? 423 THR A CB  1 
ATOM   44  O OG1 . THR A 1 6  ? 8.368   -1.932  -6.818  1.00 8.78  ? 423 THR A OG1 1 
ATOM   45  C CG2 . THR A 1 6  ? 5.959   -2.079  -7.114  1.00 6.73  ? 423 THR A CG2 1 
ATOM   46  N N   . ILE A 1 7  ? 4.738   -2.354  -3.962  1.00 9.99  ? 424 ILE A N   1 
ATOM   47  C CA  . ILE A 1 7  ? 3.491   -2.955  -3.507  1.00 10.98 ? 424 ILE A CA  1 
ATOM   48  C C   . ILE A 1 7  ? 2.529   -2.755  -4.678  1.00 12.16 ? 424 ILE A C   1 
ATOM   49  O O   . ILE A 1 7  ? 2.445   -1.661  -5.232  1.00 12.76 ? 424 ILE A O   1 
ATOM   50  C CB  . ILE A 1 7  ? 2.904   -2.238  -2.257  1.00 13.19 ? 424 ILE A CB  1 
ATOM   51  C CG1 . ILE A 1 7  ? 3.896   -2.293  -1.086  1.00 13.29 ? 424 ILE A CG1 1 
ATOM   52  C CG2 . ILE A 1 7  ? 1.575   -2.885  -1.863  1.00 11.82 ? 424 ILE A CG2 1 
ATOM   53  C CD1 . ILE A 1 7  ? 4.263   -3.688  -0.631  1.00 15.94 ? 424 ILE A CD1 1 
ATOM   54  N N   . VAL A 1 8  ? 1.818   -3.808  -5.063  1.00 12.71 ? 425 VAL A N   1 
ATOM   55  C CA  . VAL A 1 8  ? 0.872   -3.732  -6.175  1.00 11.24 ? 425 VAL A CA  1 
ATOM   56  C C   . VAL A 1 8  ? -0.506  -4.211  -5.735  1.00 11.59 ? 425 VAL A C   1 
ATOM   57  O O   . VAL A 1 8  ? -0.630  -5.270  -5.108  1.00 12.17 ? 425 VAL A O   1 
ATOM   58  C CB  . VAL A 1 8  ? 1.324   -4.630  -7.365  1.00 12.83 ? 425 VAL A CB  1 
ATOM   59  C CG1 . VAL A 1 8  ? 0.503   -4.306  -8.611  1.00 15.15 ? 425 VAL A CG1 1 
ATOM   60  C CG2 . VAL A 1 8  ? 2.820   -4.445  -7.642  1.00 16.09 ? 425 VAL A CG2 1 
ATOM   61  N N   . VAL A 1 9  ? -1.535  -3.440  -6.061  1.00 8.44  ? 426 VAL A N   1 
ATOM   62  C CA  . VAL A 1 9  ? -2.896  -3.810  -5.692  1.00 11.78 ? 426 VAL A CA  1 
ATOM   63  C C   . VAL A 1 9  ? -3.758  -3.778  -6.943  1.00 11.99 ? 426 VAL A C   1 
ATOM   64  O O   . VAL A 1 9  ? -3.794  -2.774  -7.648  1.00 12.13 ? 426 VAL A O   1 
ATOM   65  C CB  . VAL A 1 9  ? -3.482  -2.842  -4.629  1.00 10.19 ? 426 VAL A CB  1 
ATOM   66  C CG1 . VAL A 1 9  ? -4.772  -3.422  -4.027  1.00 12.24 ? 426 VAL A CG1 1 
ATOM   67  C CG2 . VAL A 1 9  ? -2.462  -2.613  -3.531  1.00 15.62 ? 426 VAL A CG2 1 
ATOM   68  N N   . LYS A 1 10 ? -4.439  -4.889  -7.219  1.00 14.48 ? 427 LYS A N   1 
ATOM   69  C CA  . LYS A 1 10 ? -5.308  -5.002  -8.390  1.00 14.19 ? 427 LYS A CA  1 
ATOM   70  C C   . LYS A 1 10 ? -6.807  -4.823  -8.108  1.00 15.78 ? 427 LYS A C   1 
ATOM   71  O O   . LYS A 1 10 ? -7.286  -5.077  -7.002  1.00 15.55 ? 427 LYS A O   1 
ATOM   72  C CB  . LYS A 1 10 ? -5.102  -6.364  -9.049  1.00 17.05 ? 427 LYS A CB  1 
ATOM   73  C CG  . LYS A 1 10 ? -3.651  -6.764  -9.227  1.00 17.67 ? 427 LYS A CG  1 
ATOM   74  C CD  . LYS A 1 10 ? -3.346  -6.983  -10.698 1.00 22.59 ? 427 LYS A CD  1 
ATOM   75  C CE  . LYS A 1 10 ? -1.852  -7.165  -10.967 1.00 24.19 ? 427 LYS A CE  1 
ATOM   76  N NZ  . LYS A 1 10 ? -1.457  -6.602  -12.293 1.00 21.19 ? 427 LYS A NZ  1 
ATOM   77  N N   . ASN A 1 11 ? -7.542  -4.375  -9.125  1.00 16.28 ? 428 ASN A N   1 
ATOM   78  C CA  . ASN A 1 11 ? -8.998  -4.158  -9.040  1.00 17.49 ? 428 ASN A CA  1 
ATOM   79  C C   . ASN A 1 11 ? -9.548  -3.133  -8.054  1.00 13.89 ? 428 ASN A C   1 
ATOM   80  O O   . ASN A 1 11 ? -10.615 -3.346  -7.507  1.00 13.44 ? 428 ASN A O   1 
ATOM   81  C CB  . ASN A 1 11 ? -9.719  -5.485  -8.763  1.00 18.45 ? 428 ASN A CB  1 
ATOM   82  C CG  . ASN A 1 11 ? -9.310  -6.587  -9.712  1.00 25.34 ? 428 ASN A CG  1 
ATOM   83  O OD1 . ASN A 1 11 ? -9.086  -7.732  -9.297  1.00 28.05 ? 428 ASN A OD1 1 
ATOM   84  N ND2 . ASN A 1 11 ? -9.210  -6.256  -10.997 1.00 29.40 ? 428 ASN A ND2 1 
ATOM   85  N N   . VAL A 1 12 ? -8.856  -2.025  -7.825  1.00 14.49 ? 429 VAL A N   1 
ATOM   86  C CA  . VAL A 1 12 ? -9.366  -1.026  -6.890  1.00 14.34 ? 429 VAL A CA  1 
ATOM   87  C C   . VAL A 1 12 ? -10.378 -0.165  -7.630  1.00 15.91 ? 429 VAL A C   1 
ATOM   88  O O   . VAL A 1 12 ? -10.089 0.324   -8.714  1.00 19.90 ? 429 VAL A O   1 
ATOM   89  C CB  . VAL A 1 12 ? -8.240  -0.112  -6.368  1.00 13.06 ? 429 VAL A CB  1 
ATOM   90  C CG1 . VAL A 1 12 ? -8.802  0.882   -5.381  1.00 12.02 ? 429 VAL A CG1 1 
ATOM   91  C CG2 . VAL A 1 12 ? -7.129  -0.947  -5.733  1.00 12.66 ? 429 VAL A CG2 1 
ATOM   92  N N   . PRO A 1 13 ? -11.581 0.027   -7.067  1.00 17.57 ? 430 PRO A N   1 
ATOM   93  C CA  . PRO A 1 13 ? -12.592 0.869   -7.710  1.00 17.70 ? 430 PRO A CA  1 
ATOM   94  C C   . PRO A 1 13 ? -12.448 2.329   -7.306  1.00 18.86 ? 430 PRO A C   1 
ATOM   95  O O   . PRO A 1 13 ? -12.931 2.749   -6.262  1.00 23.86 ? 430 PRO A O   1 
ATOM   96  C CB  . PRO A 1 13 ? -13.903 0.278   -7.222  1.00 17.48 ? 430 PRO A CB  1 
ATOM   97  C CG  . PRO A 1 13 ? -13.576 -0.269  -5.860  1.00 19.75 ? 430 PRO A CG  1 
ATOM   98  C CD  . PRO A 1 13 ? -12.083 -0.538  -5.802  1.00 21.77 ? 430 PRO A CD  1 
ATOM   99  N N   . THR A 1 14 ? -11.778 3.103   -8.143  1.00 19.20 ? 431 THR A N   1 
ATOM   100 C CA  . THR A 1 14 ? -11.577 4.513   -7.862  1.00 15.64 ? 431 THR A CA  1 
ATOM   101 C C   . THR A 1 14 ? -12.541 5.352   -8.669  1.00 17.28 ? 431 THR A C   1 
ATOM   102 O O   . THR A 1 14 ? -13.081 4.912   -9.686  1.00 17.37 ? 431 THR A O   1 
ATOM   103 C CB  . THR A 1 14 ? -10.145 4.964   -8.228  1.00 15.58 ? 431 THR A CB  1 
ATOM   104 O OG1 . THR A 1 14 ? -9.814  4.501   -9.548  1.00 13.24 ? 431 THR A OG1 1 
ATOM   105 C CG2 . THR A 1 14 ? -9.140  4.403   -7.228  1.00 16.23 ? 431 THR A CG2 1 
ATOM   106 N N   . THR A 1 15 ? -12.763 6.569   -8.200  1.00 17.65 ? 432 THR A N   1 
ATOM   107 C CA  . THR A 1 15 ? -13.650 7.486   -8.878  1.00 17.99 ? 432 THR A CA  1 
ATOM   108 C C   . THR A 1 15 ? -12.976 8.856   -8.807  1.00 18.64 ? 432 THR A C   1 
ATOM   109 O O   . THR A 1 15 ? -11.978 9.024   -8.105  1.00 19.94 ? 432 THR A O   1 
ATOM   110 C CB  . THR A 1 15 ? -15.028 7.523   -8.219  1.00 18.02 ? 432 THR A CB  1 
ATOM   111 O OG1 . THR A 1 15 ? -16.003 7.867   -9.209  1.00 21.98 ? 432 THR A OG1 1 
ATOM   112 C CG2 . THR A 1 15 ? -15.064 8.545   -7.104  1.00 16.97 ? 432 THR A CG2 1 
ATOM   113 N N   . ILE A 1 16 ? -13.498 9.824   -9.545  1.00 18.75 ? 433 ILE A N   1 
ATOM   114 C CA  . ILE A 1 16 ? -12.926 11.164  -9.548  1.00 16.13 ? 433 ILE A CA  1 
ATOM   115 C C   . ILE A 1 16 ? -12.657 11.605  -8.115  1.00 15.62 ? 433 ILE A C   1 
ATOM   116 O O   . ILE A 1 16 ? -13.471 11.364  -7.230  1.00 14.77 ? 433 ILE A O   1 
ATOM   117 C CB  . ILE A 1 16 ? -13.899 12.145  -10.234 1.00 16.38 ? 433 ILE A CB  1 
ATOM   118 C CG1 . ILE A 1 16 ? -13.368 13.570  -10.165 1.00 13.09 ? 433 ILE A CG1 1 
ATOM   119 C CG2 . ILE A 1 16 ? -15.276 12.035  -9.593  1.00 18.37 ? 433 ILE A CG2 1 
ATOM   120 C CD1 . ILE A 1 16 ? -14.123 14.526  -11.089 1.00 12.02 ? 433 ILE A CD1 1 
ATOM   121 N N   . GLY A 1 17 ? -11.497 12.216  -7.884  1.00 15.00 ? 434 GLY A N   1 
ATOM   122 C CA  . GLY A 1 17 ? -11.149 12.679  -6.550  1.00 16.50 ? 434 GLY A CA  1 
ATOM   123 C C   . GLY A 1 17 ? -10.500 11.659  -5.628  1.00 18.40 ? 434 GLY A C   1 
ATOM   124 O O   . GLY A 1 17 ? -10.005 12.025  -4.555  1.00 17.96 ? 434 GLY A O   1 
ATOM   125 N N   . ASP A 1 18 ? -10.484 10.393  -6.045  1.00 16.95 ? 435 ASP A N   1 
ATOM   126 C CA  . ASP A 1 18 ? -9.898  9.308   -5.253  1.00 15.86 ? 435 ASP A CA  1 
ATOM   127 C C   . ASP A 1 18 ? -8.410  9.051   -5.458  1.00 15.24 ? 435 ASP A C   1 
ATOM   128 O O   . ASP A 1 18 ? -7.898  9.160   -6.567  1.00 14.47 ? 435 ASP A O   1 
ATOM   129 C CB  . ASP A 1 18 ? -10.611 7.990   -5.543  1.00 13.28 ? 435 ASP A CB  1 
ATOM   130 C CG  . ASP A 1 18 ? -12.015 7.971   -5.056  1.00 14.34 ? 435 ASP A CG  1 
ATOM   131 O OD1 . ASP A 1 18 ? -12.758 7.071   -5.490  1.00 18.81 ? 435 ASP A OD1 1 
ATOM   132 O OD2 . ASP A 1 18 ? -12.381 8.845   -4.246  1.00 19.27 ? 435 ASP A OD2 1 
ATOM   133 N N   . THR A 1 19 ? -7.744  8.668   -4.372  1.00 12.80 ? 436 THR A N   1 
ATOM   134 C CA  . THR A 1 19 ? -6.320  8.363   -4.370  1.00 12.07 ? 436 THR A CA  1 
ATOM   135 C C   . THR A 1 19 ? -6.191  7.079   -3.540  1.00 14.48 ? 436 THR A C   1 
ATOM   136 O O   . THR A 1 19 ? -6.833  6.948   -2.489  1.00 11.92 ? 436 THR A O   1 
ATOM   137 C CB  . THR A 1 19 ? -5.488  9.483   -3.693  1.00 10.89 ? 436 THR A CB  1 
ATOM   138 O OG1 . THR A 1 19 ? -5.544  10.677  -4.486  1.00 8.41  ? 436 THR A OG1 1 
ATOM   139 C CG2 . THR A 1 19 ? -4.038  9.053   -3.549  1.00 9.67  ? 436 THR A CG2 1 
ATOM   140 N N   . VAL A 1 20 ? -5.384  6.129   -4.004  1.00 12.92 ? 437 VAL A N   1 
ATOM   141 C CA  . VAL A 1 20 ? -5.213  4.883   -3.264  1.00 14.87 ? 437 VAL A CA  1 
ATOM   142 C C   . VAL A 1 20 ? -3.930  4.928   -2.432  1.00 12.30 ? 437 VAL A C   1 
ATOM   143 O O   . VAL A 1 20 ? -2.883  5.383   -2.896  1.00 11.54 ? 437 VAL A O   1 
ATOM   144 C CB  . VAL A 1 20 ? -5.205  3.652   -4.216  1.00 16.72 ? 437 VAL A CB  1 
ATOM   145 C CG1 . VAL A 1 20 ? -4.879  2.379   -3.439  1.00 18.38 ? 437 VAL A CG1 1 
ATOM   146 C CG2 . VAL A 1 20 ? -6.577  3.501   -4.877  1.00 17.92 ? 437 VAL A CG2 1 
ATOM   147 N N   . TYR A 1 21 ? -4.034  4.473   -1.188  1.00 11.72 ? 438 TYR A N   1 
ATOM   148 C CA  . TYR A 1 21 ? -2.901  4.453   -0.267  1.00 10.43 ? 438 TYR A CA  1 
ATOM   149 C C   . TYR A 1 21 ? -2.859  3.126   0.446   1.00 10.26 ? 438 TYR A C   1 
ATOM   150 O O   . TYR A 1 21 ? -3.760  2.302   0.303   1.00 8.21  ? 438 TYR A O   1 
ATOM   151 C CB  . TYR A 1 21 ? -3.063  5.505   0.838   1.00 12.79 ? 438 TYR A CB  1 
ATOM   152 C CG  . TYR A 1 21 ? -3.214  6.935   0.392   1.00 18.19 ? 438 TYR A CG  1 
ATOM   153 C CD1 . TYR A 1 21 ? -2.093  7.760   0.250   1.00 17.90 ? 438 TYR A CD1 1 
ATOM   154 C CD2 . TYR A 1 21 ? -4.475  7.481   0.145   1.00 18.58 ? 438 TYR A CD2 1 
ATOM   155 C CE1 . TYR A 1 21 ? -2.221  9.097   -0.125  1.00 19.92 ? 438 TYR A CE1 1 
ATOM   156 C CE2 . TYR A 1 21 ? -4.612  8.824   -0.234  1.00 22.22 ? 438 TYR A CE2 1 
ATOM   157 C CZ  . TYR A 1 21 ? -3.479  9.619   -0.366  1.00 22.94 ? 438 TYR A CZ  1 
ATOM   158 O OH  . TYR A 1 21 ? -3.599  10.934  -0.745  1.00 29.22 ? 438 TYR A OH  1 
ATOM   159 N N   . ILE A 1 22 ? -1.795  2.935   1.221   1.00 9.69  ? 439 ILE A N   1 
ATOM   160 C CA  . ILE A 1 22 ? -1.618  1.722   2.002   1.00 10.84 ? 439 ILE A CA  1 
ATOM   161 C C   . ILE A 1 22 ? -1.049  2.183   3.331   1.00 8.71  ? 439 ILE A C   1 
ATOM   162 O O   . ILE A 1 22 ? -0.447  3.254   3.430   1.00 8.33  ? 439 ILE A O   1 
ATOM   163 C CB  . ILE A 1 22 ? -0.625  0.682   1.393   1.00 13.90 ? 439 ILE A CB  1 
ATOM   164 C CG1 . ILE A 1 22 ? 0.732   1.320   1.129   1.00 17.22 ? 439 ILE A CG1 1 
ATOM   165 C CG2 . ILE A 1 22 ? -1.217  0.054   0.134   1.00 16.55 ? 439 ILE A CG2 1 
ATOM   166 C CD1 . ILE A 1 22 ? 1.872   0.313   1.127   1.00 23.82 ? 439 ILE A CD1 1 
ATOM   167 N N   . THR A 1 23 ? -1.288  1.387   4.360   1.00 9.87  ? 440 THR A N   1 
ATOM   168 C CA  . THR A 1 23 ? -0.798  1.681   5.692   1.00 10.98 ? 440 THR A CA  1 
ATOM   169 C C   . THR A 1 23 ? -0.696  0.314   6.356   1.00 10.94 ? 440 THR A C   1 
ATOM   170 O O   . THR A 1 23 ? -1.275  -0.656  5.858   1.00 13.08 ? 440 THR A O   1 
ATOM   171 C CB  . THR A 1 23 ? -1.730  2.655   6.474   1.00 9.31  ? 440 THR A CB  1 
ATOM   172 O OG1 . THR A 1 23 ? -1.077  3.030   7.693   1.00 13.04 ? 440 THR A OG1 1 
ATOM   173 C CG2 . THR A 1 23 ? -3.088  2.023   6.791   1.00 6.08  ? 440 THR A CG2 1 
ATOM   174 N N   . GLY A 1 24 ? 0.063   0.219   7.443   1.00 12.01 ? 441 GLY A N   1 
ATOM   175 C CA  . GLY A 1 24 ? 0.210   -1.058  8.113   1.00 9.93  ? 441 GLY A CA  1 
ATOM   176 C C   . GLY A 1 24 ? 0.724   -0.939  9.529   1.00 12.33 ? 441 GLY A C   1 
ATOM   177 O O   . GLY A 1 24 ? 0.776   0.160   10.078  1.00 12.06 ? 441 GLY A O   1 
ATOM   178 N N   . ASN A 1 25 ? 1.130   -2.066  10.112  1.00 13.61 ? 442 ASN A N   1 
ATOM   179 C CA  . ASN A 1 25 ? 1.634   -2.094  11.482  1.00 15.86 ? 442 ASN A CA  1 
ATOM   180 C C   . ASN A 1 25 ? 2.990   -1.464  11.745  1.00 19.71 ? 442 ASN A C   1 
ATOM   181 O O   . ASN A 1 25 ? 3.317   -1.148  12.892  1.00 23.98 ? 442 ASN A O   1 
ATOM   182 C CB  . ASN A 1 25 ? 1.654   -3.538  11.998  1.00 12.93 ? 442 ASN A CB  1 
ATOM   183 C CG  . ASN A 1 25 ? 2.551   -4.449  11.178  1.00 14.38 ? 442 ASN A CG  1 
ATOM   184 O OD1 . ASN A 1 25 ? 2.926   -4.124  10.053  1.00 14.22 ? 442 ASN A OD1 1 
ATOM   185 N ND2 . ASN A 1 25 ? 2.896   -5.607  11.741  1.00 15.27 ? 442 ASN A ND2 1 
ATOM   186 N N   . ARG A 1 26 ? 3.779   -1.269  10.699  1.00 21.02 ? 443 ARG A N   1 
ATOM   187 C CA  . ARG A 1 26 ? 5.103   -0.681  10.859  1.00 20.94 ? 443 ARG A CA  1 
ATOM   188 C C   . ARG A 1 26 ? 5.153   0.835   10.772  1.00 19.27 ? 443 ARG A C   1 
ATOM   189 O O   . ARG A 1 26 ? 4.366   1.452   10.061  1.00 16.83 ? 443 ARG A O   1 
ATOM   190 C CB  . ARG A 1 26 ? 6.040   -1.279  9.811   1.00 24.67 ? 443 ARG A CB  1 
ATOM   191 C CG  . ARG A 1 26 ? 6.761   -2.514  10.287  1.00 26.10 ? 443 ARG A CG  1 
ATOM   192 C CD  . ARG A 1 26 ? 7.971   -2.098  11.077  1.00 31.02 ? 443 ARG A CD  1 
ATOM   193 N NE  . ARG A 1 26 ? 8.634   -3.216  11.730  1.00 32.35 ? 443 ARG A NE  1 
ATOM   194 C CZ  . ARG A 1 26 ? 9.831   -3.119  12.289  1.00 31.55 ? 443 ARG A CZ  1 
ATOM   195 N NH1 . ARG A 1 26 ? 10.474  -1.960  12.264  1.00 29.55 ? 443 ARG A NH1 1 
ATOM   196 N NH2 . ARG A 1 26 ? 10.385  -4.174  12.866  1.00 34.67 ? 443 ARG A NH2 1 
ATOM   197 N N   . ALA A 1 27 ? 6.094   1.438   11.495  1.00 18.20 ? 444 ALA A N   1 
ATOM   198 C CA  . ALA A 1 27 ? 6.228   2.890   11.475  1.00 16.04 ? 444 ALA A CA  1 
ATOM   199 C C   . ALA A 1 27 ? 6.437   3.327   10.031  1.00 17.06 ? 444 ALA A C   1 
ATOM   200 O O   . ALA A 1 27 ? 5.848   4.307   9.575   1.00 17.27 ? 444 ALA A O   1 
ATOM   201 C CB  . ALA A 1 27 ? 7.401   3.320   12.324  1.00 17.26 ? 444 ALA A CB  1 
ATOM   202 N N   . GLU A 1 28 ? 7.271   2.583   9.307   1.00 17.04 ? 445 GLU A N   1 
ATOM   203 C CA  . GLU A 1 28 ? 7.566   2.882   7.910   1.00 16.11 ? 445 GLU A CA  1 
ATOM   204 C C   . GLU A 1 28 ? 6.310   2.800   7.073   1.00 16.04 ? 445 GLU A C   1 
ATOM   205 O O   . GLU A 1 28 ? 6.297   3.264   5.944   1.00 16.54 ? 445 GLU A O   1 
ATOM   206 C CB  . GLU A 1 28 ? 8.595   1.899   7.358   1.00 17.45 ? 445 GLU A CB  1 
ATOM   207 C CG  . GLU A 1 28 ? 9.962   2.029   7.994   1.00 20.39 ? 445 GLU A CG  1 
ATOM   208 C CD  . GLU A 1 28 ? 10.214  0.988   9.062   1.00 20.22 ? 445 GLU A CD  1 
ATOM   209 O OE1 . GLU A 1 28 ? 9.277   0.257   9.429   1.00 19.24 ? 445 GLU A OE1 1 
ATOM   210 O OE2 . GLU A 1 28 ? 11.360  0.904   9.538   1.00 27.81 ? 445 GLU A OE2 1 
ATOM   211 N N   . LEU A 1 29 ? 5.256   2.207   7.636   1.00 16.03 ? 446 LEU A N   1 
ATOM   212 C CA  . LEU A 1 29 ? 3.977   2.057   6.944   1.00 12.68 ? 446 LEU A CA  1 
ATOM   213 C C   . LEU A 1 29 ? 2.948   3.045   7.485   1.00 12.72 ? 446 LEU A C   1 
ATOM   214 O O   . LEU A 1 29 ? 1.824   3.116   6.981   1.00 11.92 ? 446 LEU A O   1 
ATOM   215 C CB  . LEU A 1 29 ? 3.445   0.628   7.113   1.00 13.57 ? 446 LEU A CB  1 
ATOM   216 C CG  . LEU A 1 29 ? 3.573   -0.431  6.004   1.00 17.90 ? 446 LEU A CG  1 
ATOM   217 C CD1 . LEU A 1 29 ? 4.051   0.183   4.703   1.00 19.78 ? 446 LEU A CD1 1 
ATOM   218 C CD2 . LEU A 1 29 ? 4.521   -1.521  6.465   1.00 19.05 ? 446 LEU A CD2 1 
ATOM   219 N N   . GLY A 1 30 ? 3.328   3.794   8.519   1.00 11.77 ? 447 GLY A N   1 
ATOM   220 C CA  . GLY A 1 30 ? 2.410   4.766   9.097   1.00 15.97 ? 447 GLY A CA  1 
ATOM   221 C C   . GLY A 1 30 ? 1.653   4.318   10.338  1.00 17.62 ? 447 GLY A C   1 
ATOM   222 O O   . GLY A 1 30 ? 0.923   5.105   10.940  1.00 18.87 ? 447 GLY A O   1 
ATOM   223 N N   . SER A 1 31 ? 1.813   3.054   10.717  1.00 17.79 ? 448 SER A N   1 
ATOM   224 C CA  . SER A 1 31 ? 1.143   2.507   11.889  1.00 16.03 ? 448 SER A CA  1 
ATOM   225 C C   . SER A 1 31 ? -0.369  2.658   11.841  1.00 16.11 ? 448 SER A C   1 
ATOM   226 O O   . SER A 1 31 ? -0.972  3.141   12.797  1.00 15.39 ? 448 SER A O   1 
ATOM   227 C CB  . SER A 1 31 ? 1.674   3.174   13.161  1.00 20.25 ? 448 SER A CB  1 
ATOM   228 O OG  . SER A 1 31 ? 3.071   2.980   13.293  1.00 23.98 ? 448 SER A OG  1 
ATOM   229 N N   . TRP A 1 32 ? -0.974  2.250   10.727  1.00 14.19 ? 449 TRP A N   1 
ATOM   230 C CA  . TRP A 1 32 ? -2.428  2.324   10.536  1.00 13.64 ? 449 TRP A CA  1 
ATOM   231 C C   . TRP A 1 32 ? -3.039  3.725   10.530  1.00 14.06 ? 449 TRP A C   1 
ATOM   232 O O   . TRP A 1 32 ? -4.250  3.888   10.706  1.00 14.25 ? 449 TRP A O   1 
ATOM   233 C CB  . TRP A 1 32 ? -3.143  1.465   11.587  1.00 14.29 ? 449 TRP A CB  1 
ATOM   234 C CG  . TRP A 1 32 ? -2.750  0.016   11.551  1.00 13.11 ? 449 TRP A CG  1 
ATOM   235 C CD1 . TRP A 1 32 ? -2.155  -0.695  12.554  1.00 14.67 ? 449 TRP A CD1 1 
ATOM   236 C CD2 . TRP A 1 32 ? -2.922  -0.896  10.460  1.00 12.32 ? 449 TRP A CD2 1 
ATOM   237 N NE1 . TRP A 1 32 ? -1.947  -1.995  12.155  1.00 13.74 ? 449 TRP A NE1 1 
ATOM   238 C CE2 . TRP A 1 32 ? -2.409  -2.146  10.876  1.00 12.12 ? 449 TRP A CE2 1 
ATOM   239 C CE3 . TRP A 1 32 ? -3.460  -0.782  9.170   1.00 10.92 ? 449 TRP A CE3 1 
ATOM   240 C CZ2 . TRP A 1 32 ? -2.419  -3.276  10.048  1.00 12.53 ? 449 TRP A CZ2 1 
ATOM   241 C CZ3 . TRP A 1 32 ? -3.469  -1.906  8.343   1.00 6.46  ? 449 TRP A CZ3 1 
ATOM   242 C CH2 . TRP A 1 32 ? -2.952  -3.137  8.789   1.00 10.28 ? 449 TRP A CH2 1 
ATOM   243 N N   . ASP A 1 33 ? -2.208  4.736   10.316  1.00 14.01 ? 450 ASP A N   1 
ATOM   244 C CA  . ASP A 1 33 ? -2.672  6.118   10.285  1.00 14.49 ? 450 ASP A CA  1 
ATOM   245 C C   . ASP A 1 33 ? -3.074  6.434   8.848   1.00 14.38 ? 450 ASP A C   1 
ATOM   246 O O   . ASP A 1 33 ? -2.324  6.139   7.924   1.00 16.81 ? 450 ASP A O   1 
ATOM   247 C CB  . ASP A 1 33 ? -1.538  7.039   10.737  1.00 18.51 ? 450 ASP A CB  1 
ATOM   248 C CG  . ASP A 1 33 ? -1.992  8.457   10.972  1.00 23.43 ? 450 ASP A CG  1 
ATOM   249 O OD1 . ASP A 1 33 ? -3.035  8.862   10.423  1.00 23.81 ? 450 ASP A OD1 1 
ATOM   250 O OD2 . ASP A 1 33 ? -1.295  9.172   11.716  1.00 30.72 ? 450 ASP A OD2 1 
ATOM   251 N N   . THR A 1 34 ? -4.256  7.016   8.653   1.00 14.11 ? 451 THR A N   1 
ATOM   252 C CA  . THR A 1 34 ? -4.730  7.356   7.308   1.00 13.65 ? 451 THR A CA  1 
ATOM   253 C C   . THR A 1 34 ? -4.621  8.847   7.026   1.00 16.47 ? 451 THR A C   1 
ATOM   254 O O   . THR A 1 34 ? -4.787  9.290   5.892   1.00 17.04 ? 451 THR A O   1 
ATOM   255 C CB  . THR A 1 34 ? -6.208  6.987   7.106   1.00 13.07 ? 451 THR A CB  1 
ATOM   256 O OG1 . THR A 1 34 ? -7.020  7.808   7.959   1.00 14.18 ? 451 THR A OG1 1 
ATOM   257 C CG2 . THR A 1 34 ? -6.449  5.524   7.418   1.00 10.33 ? 451 THR A CG2 1 
ATOM   258 N N   . LYS A 1 35 ? -4.334  9.609   8.070   1.00 17.76 ? 452 LYS A N   1 
ATOM   259 C CA  . LYS A 1 35 ? -4.206  11.057  7.979   1.00 20.49 ? 452 LYS A CA  1 
ATOM   260 C C   . LYS A 1 35 ? -2.867  11.616  7.490   1.00 20.21 ? 452 LYS A C   1 
ATOM   261 O O   . LYS A 1 35 ? -2.777  12.201  6.412   1.00 18.77 ? 452 LYS A O   1 
ATOM   262 C CB  . LYS A 1 35 ? -4.522  11.662  9.355   1.00 19.04 ? 452 LYS A CB  1 
ATOM   263 C CG  . LYS A 1 35 ? -5.051  13.084  9.326   1.00 25.64 ? 452 LYS A CG  1 
ATOM   264 C CD  . LYS A 1 35 ? -5.485  13.512  10.728  1.00 28.07 ? 452 LYS A CD  1 
ATOM   265 C CE  . LYS A 1 35 ? -5.583  15.025  10.866  1.00 31.57 ? 452 LYS A CE  1 
ATOM   266 N NZ  . LYS A 1 35 ? -5.221  15.476  12.243  1.00 30.68 ? 452 LYS A NZ  1 
ATOM   267 N N   . GLN A 1 36 ? -1.835  11.425  8.298   1.00 20.78 ? 453 GLN A N   1 
ATOM   268 C CA  . GLN A 1 36 ? -0.504  11.909  7.995   1.00 24.61 ? 453 GLN A CA  1 
ATOM   269 C C   . GLN A 1 36 ? 0.474   11.111  7.143   1.00 26.86 ? 453 GLN A C   1 
ATOM   270 O O   . GLN A 1 36 ? 0.941   11.603  6.113   1.00 28.05 ? 453 GLN A O   1 
ATOM   271 C CB  . GLN A 1 36 ? 0.198   12.249  9.309   1.00 23.94 ? 453 GLN A CB  1 
ATOM   272 C CG  . GLN A 1 36 ? -0.150  13.612  9.864   1.00 30.02 ? 453 GLN A CG  1 
ATOM   273 C CD  . GLN A 1 36 ? 0.788   14.024  10.980  1.00 33.30 ? 453 GLN A CD  1 
ATOM   274 O OE1 . GLN A 1 36 ? 0.351   14.404  12.062  1.00 39.90 ? 453 GLN A OE1 1 
ATOM   275 N NE2 . GLN A 1 36 ? 2.089   13.945  10.722  1.00 36.30 ? 453 GLN A NE2 1 
ATOM   276 N N   . TYR A 1 37 ? 0.787   9.889   7.563   1.00 28.79 ? 454 TYR A N   1 
ATOM   277 C CA  . TYR A 1 37 ? 1.739   9.067   6.819   1.00 30.99 ? 454 TYR A CA  1 
ATOM   278 C C   . TYR A 1 37 ? 1.298   7.868   5.996   1.00 29.54 ? 454 TYR A C   1 
ATOM   279 O O   . TYR A 1 37 ? 2.026   6.877   5.931   1.00 30.42 ? 454 TYR A O   1 
ATOM   280 C CB  . TYR A 1 37 ? 2.831   8.604   7.786   1.00 35.06 ? 454 TYR A CB  1 
ATOM   281 C CG  . TYR A 1 37 ? 3.126   9.611   8.875   1.00 37.28 ? 454 TYR A CG  1 
ATOM   282 C CD1 . TYR A 1 37 ? 2.469   9.549   10.106  1.00 37.44 ? 454 TYR A CD1 1 
ATOM   283 C CD2 . TYR A 1 37 ? 4.040   10.644  8.663   1.00 37.99 ? 454 TYR A CD2 1 
ATOM   284 C CE1 . TYR A 1 37 ? 2.714   10.497  11.103  1.00 37.11 ? 454 TYR A CE1 1 
ATOM   285 C CE2 . TYR A 1 37 ? 4.290   11.591  9.647   1.00 39.54 ? 454 TYR A CE2 1 
ATOM   286 C CZ  . TYR A 1 37 ? 3.623   11.514  10.861  1.00 38.01 ? 454 TYR A CZ  1 
ATOM   287 O OH  . TYR A 1 37 ? 3.842   12.474  11.822  1.00 38.67 ? 454 TYR A OH  1 
ATOM   288 N N   . PRO A 1 38 ? 0.137   7.933   5.332   1.00 27.03 ? 455 PRO A N   1 
ATOM   289 C CA  . PRO A 1 38 ? -0.102  6.812   4.420   1.00 23.19 ? 455 PRO A CA  1 
ATOM   290 C C   . PRO A 1 38 ? 0.792   6.888   3.180   1.00 21.09 ? 455 PRO A C   1 
ATOM   291 O O   . PRO A 1 38 ? 1.193   7.965   2.758   1.00 21.78 ? 455 PRO A O   1 
ATOM   292 C CB  . PRO A 1 38 ? -1.587  6.923   4.091   1.00 22.92 ? 455 PRO A CB  1 
ATOM   293 C CG  . PRO A 1 38 ? -1.914  8.372   4.299   1.00 23.99 ? 455 PRO A CG  1 
ATOM   294 C CD  . PRO A 1 38 ? -0.962  8.915   5.326   1.00 24.18 ? 455 PRO A CD  1 
ATOM   295 N N   . ILE A 1 39 ? 1.106   5.732   2.611   1.00 18.66 ? 456 ILE A N   1 
ATOM   296 C CA  . ILE A 1 39 ? 1.949   5.642   1.424   1.00 13.55 ? 456 ILE A CA  1 
ATOM   297 C C   . ILE A 1 39 ? 1.080   5.643   0.176   1.00 11.03 ? 456 ILE A C   1 
ATOM   298 O O   . ILE A 1 39 ? 0.215   4.791   0.014   1.00 11.84 ? 456 ILE A O   1 
ATOM   299 C CB  . ILE A 1 39 ? 2.776   4.347   1.450   1.00 11.83 ? 456 ILE A CB  1 
ATOM   300 C CG1 . ILE A 1 39 ? 3.787   4.404   2.591   1.00 15.70 ? 456 ILE A CG1 1 
ATOM   301 C CG2 . ILE A 1 39 ? 3.490   4.151   0.138   1.00 13.21 ? 456 ILE A CG2 1 
ATOM   302 C CD1 . ILE A 1 39 ? 4.039   3.062   3.212   1.00 20.48 ? 456 ILE A CD1 1 
ATOM   303 N N   . GLN A 1 40 ? 1.328   6.593   -0.714  1.00 10.91 ? 457 GLN A N   1 
ATOM   304 C CA  . GLN A 1 40 ? 0.566   6.703   -1.951  1.00 11.23 ? 457 GLN A CA  1 
ATOM   305 C C   . GLN A 1 40 ? 0.899   5.637   -2.994  1.00 12.36 ? 457 GLN A C   1 
ATOM   306 O O   . GLN A 1 40 ? 2.058   5.229   -3.147  1.00 10.80 ? 457 GLN A O   1 
ATOM   307 C CB  . GLN A 1 40 ? 0.784   8.091   -2.571  1.00 14.31 ? 457 GLN A CB  1 
ATOM   308 C CG  . GLN A 1 40 ? 0.017   8.316   -3.858  1.00 17.16 ? 457 GLN A CG  1 
ATOM   309 C CD  . GLN A 1 40 ? -0.109  9.786   -4.222  1.00 20.83 ? 457 GLN A CD  1 
ATOM   310 O OE1 . GLN A 1 40 ? 0.382   10.664  -3.510  1.00 20.29 ? 457 GLN A OE1 1 
ATOM   311 N NE2 . GLN A 1 40 ? -0.771  10.060  -5.338  1.00 22.40 ? 457 GLN A NE2 1 
ATOM   312 N N   . LEU A 1 41 ? -0.140  5.182   -3.692  1.00 11.56 ? 458 LEU A N   1 
ATOM   313 C CA  . LEU A 1 41 ? -0.005  4.178   -4.741  1.00 11.67 ? 458 LEU A CA  1 
ATOM   314 C C   . LEU A 1 41 ? -0.396  4.940   -6.012  1.00 13.48 ? 458 LEU A C   1 
ATOM   315 O O   . LEU A 1 41 ? -1.114  5.941   -5.935  1.00 16.08 ? 458 LEU A O   1 
ATOM   316 C CB  . LEU A 1 41 ? -0.955  2.995   -4.504  1.00 10.61 ? 458 LEU A CB  1 
ATOM   317 C CG  . LEU A 1 41 ? -0.628  2.012   -3.365  1.00 11.16 ? 458 LEU A CG  1 
ATOM   318 C CD1 . LEU A 1 41 ? -1.411  0.728   -3.584  1.00 13.10 ? 458 LEU A CD1 1 
ATOM   319 C CD2 . LEU A 1 41 ? 0.852   1.708   -3.307  1.00 8.70  ? 458 LEU A CD2 1 
ATOM   320 N N   . TYR A 1 42 ? 0.077   4.491   -7.171  1.00 13.39 ? 459 TYR A N   1 
ATOM   321 C CA  . TYR A 1 42 ? -0.245  5.172   -8.422  1.00 11.45 ? 459 TYR A CA  1 
ATOM   322 C C   . TYR A 1 42 ? -0.821  4.231   -9.462  1.00 10.40 ? 459 TYR A C   1 
ATOM   323 O O   . TYR A 1 42 ? -0.426  3.069   -9.547  1.00 10.04 ? 459 TYR A O   1 
ATOM   324 C CB  . TYR A 1 42 ? 1.014   5.829   -9.006  1.00 13.30 ? 459 TYR A CB  1 
ATOM   325 C CG  . TYR A 1 42 ? 1.728   6.770   -8.063  1.00 12.82 ? 459 TYR A CG  1 
ATOM   326 C CD1 . TYR A 1 42 ? 2.615   6.285   -7.107  1.00 10.89 ? 459 TYR A CD1 1 
ATOM   327 C CD2 . TYR A 1 42 ? 1.515   8.144   -8.127  1.00 11.94 ? 459 TYR A CD2 1 
ATOM   328 C CE1 . TYR A 1 42 ? 3.274   7.146   -6.234  1.00 12.39 ? 459 TYR A CE1 1 
ATOM   329 C CE2 . TYR A 1 42 ? 2.169   9.015   -7.257  1.00 11.23 ? 459 TYR A CE2 1 
ATOM   330 C CZ  . TYR A 1 42 ? 3.047   8.507   -6.313  1.00 11.74 ? 459 TYR A CZ  1 
ATOM   331 O OH  . TYR A 1 42 ? 3.692   9.356   -5.442  1.00 11.24 ? 459 TYR A OH  1 
ATOM   332 N N   . TYR A 1 43 ? -1.747  4.737   -10.267 1.00 10.81 ? 460 TYR A N   1 
ATOM   333 C CA  . TYR A 1 43 ? -2.345  3.903   -11.295 1.00 11.32 ? 460 TYR A CA  1 
ATOM   334 C C   . TYR A 1 43 ? -1.397  3.766   -12.478 1.00 12.57 ? 460 TYR A C   1 
ATOM   335 O O   . TYR A 1 43 ? -0.992  4.756   -13.098 1.00 14.18 ? 460 TYR A O   1 
ATOM   336 C CB  . TYR A 1 43 ? -3.673  4.482   -11.779 1.00 12.79 ? 460 TYR A CB  1 
ATOM   337 C CG  . TYR A 1 43 ? -4.276  3.652   -12.883 1.00 12.52 ? 460 TYR A CG  1 
ATOM   338 C CD1 . TYR A 1 43 ? -4.715  2.354   -12.638 1.00 14.78 ? 460 TYR A CD1 1 
ATOM   339 C CD2 . TYR A 1 43 ? -4.354  4.137   -14.184 1.00 12.94 ? 460 TYR A CD2 1 
ATOM   340 C CE1 . TYR A 1 43 ? -5.216  1.555   -13.670 1.00 16.84 ? 460 TYR A CE1 1 
ATOM   341 C CE2 . TYR A 1 43 ? -4.849  3.353   -15.217 1.00 13.68 ? 460 TYR A CE2 1 
ATOM   342 C CZ  . TYR A 1 43 ? -5.279  2.066   -14.956 1.00 15.38 ? 460 TYR A CZ  1 
ATOM   343 O OH  . TYR A 1 43 ? -5.767  1.293   -15.978 1.00 16.40 ? 460 TYR A OH  1 
ATOM   344 N N   . ASP A 1 44 ? -1.027  2.531   -12.776 1.00 13.79 ? 461 ASP A N   1 
ATOM   345 C CA  . ASP A 1 44 ? -0.128  2.250   -13.884 1.00 15.32 ? 461 ASP A CA  1 
ATOM   346 C C   . ASP A 1 44 ? -0.999  1.745   -15.030 1.00 15.51 ? 461 ASP A C   1 
ATOM   347 O O   . ASP A 1 44 ? -1.479  0.613   -14.995 1.00 12.67 ? 461 ASP A O   1 
ATOM   348 C CB  . ASP A 1 44 ? 0.882   1.182   -13.476 1.00 18.55 ? 461 ASP A CB  1 
ATOM   349 C CG  . ASP A 1 44 ? 1.865   0.875   -14.576 1.00 21.81 ? 461 ASP A CG  1 
ATOM   350 O OD1 . ASP A 1 44 ? 3.081   1.009   -14.328 1.00 25.08 ? 461 ASP A OD1 1 
ATOM   351 O OD2 . ASP A 1 44 ? 1.415   0.507   -15.686 1.00 19.76 ? 461 ASP A OD2 1 
ATOM   352 N N   . SER A 1 45 ? -1.204  2.583   -16.040 1.00 15.53 ? 462 SER A N   1 
ATOM   353 C CA  . SER A 1 45 ? -2.030  2.207   -17.184 1.00 21.05 ? 462 SER A CA  1 
ATOM   354 C C   . SER A 1 45 ? -1.561  1.001   -17.986 1.00 23.05 ? 462 SER A C   1 
ATOM   355 O O   . SER A 1 45 ? -2.371  0.329   -18.624 1.00 23.12 ? 462 SER A O   1 
ATOM   356 C CB  . SER A 1 45 ? -2.201  3.406   -18.131 1.00 20.95 ? 462 SER A CB  1 
ATOM   357 O OG  . SER A 1 45 ? -1.056  3.595   -18.941 1.00 20.58 ? 462 SER A OG  1 
ATOM   358 N N   . HIS A 1 46 ? -0.264  0.717   -17.957 1.00 25.66 ? 463 HIS A N   1 
ATOM   359 C CA  . HIS A 1 46 ? 0.256   -0.421  -18.709 1.00 29.33 ? 463 HIS A CA  1 
ATOM   360 C C   . HIS A 1 46 ? -0.072  -1.757  -18.061 1.00 31.21 ? 463 HIS A C   1 
ATOM   361 O O   . HIS A 1 46 ? -0.623  -2.649  -18.711 1.00 34.57 ? 463 HIS A O   1 
ATOM   362 C CB  . HIS A 1 46 ? 1.767   -0.273  -18.898 1.00 30.48 ? 463 HIS A CB  1 
ATOM   363 C CG  . HIS A 1 46 ? 2.161   1.043   -19.485 1.00 34.82 ? 463 HIS A CG  1 
ATOM   364 N ND1 . HIS A 1 46 ? 2.448   2.147   -18.709 1.00 36.15 ? 463 HIS A ND1 1 
ATOM   365 C CD2 . HIS A 1 46 ? 2.260   1.452   -20.773 1.00 37.36 ? 463 HIS A CD2 1 
ATOM   366 C CE1 . HIS A 1 46 ? 2.704   3.179   -19.495 1.00 38.89 ? 463 HIS A CE1 1 
ATOM   367 N NE2 . HIS A 1 46 ? 2.597   2.784   -20.751 1.00 39.42 ? 463 HIS A NE2 1 
ATOM   368 N N   . SER A 1 47 ? 0.260   -1.892  -16.782 1.00 29.21 ? 464 SER A N   1 
ATOM   369 C CA  . SER A 1 47 ? -0.006  -3.124  -16.053 1.00 25.78 ? 464 SER A CA  1 
ATOM   370 C C   . SER A 1 47 ? -1.464  -3.140  -15.627 1.00 24.79 ? 464 SER A C   1 
ATOM   371 O O   . SER A 1 47 ? -2.010  -4.188  -15.283 1.00 25.98 ? 464 SER A O   1 
ATOM   372 C CB  . SER A 1 47 ? 0.887   -3.190  -14.833 1.00 27.32 ? 464 SER A CB  1 
ATOM   373 O OG  . SER A 1 47 ? 1.186   -1.877  -14.396 1.00 32.24 ? 464 SER A OG  1 
ATOM   374 N N   . ASN A 1 48 ? -2.089  -1.968  -15.646 1.00 23.41 ? 465 ASN A N   1 
ATOM   375 C CA  . ASN A 1 48 ? -3.490  -1.826  -15.267 1.00 22.13 ? 465 ASN A CA  1 
ATOM   376 C C   . ASN A 1 48 ? -3.759  -2.150  -13.805 1.00 22.74 ? 465 ASN A C   1 
ATOM   377 O O   . ASN A 1 48 ? -4.669  -2.912  -13.487 1.00 22.57 ? 465 ASN A O   1 
ATOM   378 C CB  . ASN A 1 48 ? -4.370  -2.713  -16.145 1.00 25.46 ? 465 ASN A CB  1 
ATOM   379 C CG  . ASN A 1 48 ? -5.838  -2.422  -15.971 1.00 26.40 ? 465 ASN A CG  1 
ATOM   380 O OD1 . ASN A 1 48 ? -6.666  -3.321  -16.040 1.00 33.34 ? 465 ASN A OD1 1 
ATOM   381 N ND2 . ASN A 1 48 ? -6.170  -1.160  -15.740 1.00 30.15 ? 465 ASN A ND2 1 
ATOM   382 N N   . ASP A 1 49 ? -2.955  -1.580  -12.918 1.00 19.65 ? 466 ASP A N   1 
ATOM   383 C CA  . ASP A 1 49 ? -3.114  -1.806  -11.492 1.00 17.69 ? 466 ASP A CA  1 
ATOM   384 C C   . ASP A 1 49 ? -2.588  -0.595  -10.731 1.00 16.56 ? 466 ASP A C   1 
ATOM   385 O O   . ASP A 1 49 ? -2.193  0.397   -11.331 1.00 16.45 ? 466 ASP A O   1 
ATOM   386 C CB  . ASP A 1 49 ? -2.398  -3.096  -11.056 1.00 18.66 ? 466 ASP A CB  1 
ATOM   387 C CG  . ASP A 1 49 ? -0.953  -3.171  -11.528 1.00 19.57 ? 466 ASP A CG  1 
ATOM   388 O OD1 . ASP A 1 49 ? -0.454  -4.300  -11.734 1.00 16.80 ? 466 ASP A OD1 1 
ATOM   389 O OD2 . ASP A 1 49 ? -0.313  -2.113  -11.685 1.00 20.37 ? 466 ASP A OD2 1 
ATOM   390 N N   . TRP A 1 50 ? -2.611  -0.660  -9.409  1.00 14.67 ? 467 TRP A N   1 
ATOM   391 C CA  . TRP A 1 50 ? -2.130  0.445   -8.604  1.00 13.04 ? 467 TRP A CA  1 
ATOM   392 C C   . TRP A 1 50 ? -0.843  -0.014  -7.954  1.00 15.80 ? 467 TRP A C   1 
ATOM   393 O O   . TRP A 1 50 ? -0.785  -1.101  -7.377  1.00 17.62 ? 467 TRP A O   1 
ATOM   394 C CB  . TRP A 1 50 ? -3.157  0.815   -7.531  1.00 12.72 ? 467 TRP A CB  1 
ATOM   395 C CG  . TRP A 1 50 ? -4.324  1.554   -8.083  1.00 11.50 ? 467 TRP A CG  1 
ATOM   396 C CD1 . TRP A 1 50 ? -4.577  2.887   -7.971  1.00 9.20  ? 467 TRP A CD1 1 
ATOM   397 C CD2 . TRP A 1 50 ? -5.389  1.004   -8.860  1.00 13.69 ? 467 TRP A CD2 1 
ATOM   398 N NE1 . TRP A 1 50 ? -5.738  3.205   -8.632  1.00 12.42 ? 467 TRP A NE1 1 
ATOM   399 C CE2 . TRP A 1 50 ? -6.257  2.066   -9.188  1.00 13.86 ? 467 TRP A CE2 1 
ATOM   400 C CE3 . TRP A 1 50 ? -5.696  -0.290  -9.314  1.00 16.81 ? 467 TRP A CE3 1 
ATOM   401 C CZ2 . TRP A 1 50 ? -7.416  1.880   -9.952  1.00 18.46 ? 467 TRP A CZ2 1 
ATOM   402 C CZ3 . TRP A 1 50 ? -6.846  -0.477  -10.075 1.00 18.26 ? 467 TRP A CZ3 1 
ATOM   403 C CH2 . TRP A 1 50 ? -7.691  0.605   -10.386 1.00 19.65 ? 467 TRP A CH2 1 
ATOM   404 N N   . ARG A 1 51 ? 0.195   0.803   -8.050  1.00 15.80 ? 468 ARG A N   1 
ATOM   405 C CA  . ARG A 1 51 ? 1.457   0.422   -7.457  1.00 15.39 ? 468 ARG A CA  1 
ATOM   406 C C   . ARG A 1 51 ? 2.255   1.597   -6.932  1.00 14.97 ? 468 ARG A C   1 
ATOM   407 O O   . ARG A 1 51 ? 2.044   2.747   -7.316  1.00 14.64 ? 468 ARG A O   1 
ATOM   408 C CB  . ARG A 1 51 ? 2.289   -0.363  -8.471  1.00 14.70 ? 468 ARG A CB  1 
ATOM   409 C CG  . ARG A 1 51 ? 2.305   0.225   -9.865  1.00 16.25 ? 468 ARG A CG  1 
ATOM   410 C CD  . ARG A 1 51 ? 3.127   -0.649  -10.822 1.00 17.05 ? 468 ARG A CD  1 
ATOM   411 N NE  . ARG A 1 51 ? 2.438   -1.889  -11.159 1.00 19.50 ? 468 ARG A NE  1 
ATOM   412 C CZ  . ARG A 1 51 ? 3.052   -3.047  -11.380 1.00 20.02 ? 468 ARG A CZ  1 
ATOM   413 N NH1 . ARG A 1 51 ? 2.343   -4.127  -11.679 1.00 22.60 ? 468 ARG A NH1 1 
ATOM   414 N NH2 . ARG A 1 51 ? 4.371   -3.126  -11.306 1.00 22.16 ? 468 ARG A NH2 1 
ATOM   415 N N   . GLY A 1 52 ? 3.172   1.290   -6.033  1.00 13.28 ? 469 GLY A N   1 
ATOM   416 C CA  . GLY A 1 52 ? 3.998   2.320   -5.456  1.00 14.47 ? 469 GLY A CA  1 
ATOM   417 C C   . GLY A 1 52 ? 5.182   1.692   -4.769  1.00 14.27 ? 469 GLY A C   1 
ATOM   418 O O   . GLY A 1 52 ? 5.148   0.516   -4.400  1.00 14.66 ? 469 GLY A O   1 
ATOM   419 N N   . ASN A 1 53 ? 6.243   2.474   -4.616  1.00 15.62 ? 470 ASN A N   1 
ATOM   420 C CA  . ASN A 1 53 ? 7.447   1.988   -3.962  1.00 16.49 ? 470 ASN A CA  1 
ATOM   421 C C   . ASN A 1 53 ? 7.442   2.479   -2.519  1.00 16.60 ? 470 ASN A C   1 
ATOM   422 O O   . ASN A 1 53 ? 6.910   3.544   -2.203  1.00 16.49 ? 470 ASN A O   1 
ATOM   423 C CB  . ASN A 1 53 ? 8.698   2.511   -4.674  1.00 17.31 ? 470 ASN A CB  1 
ATOM   424 C CG  . ASN A 1 53 ? 8.786   2.056   -6.111  1.00 22.20 ? 470 ASN A CG  1 
ATOM   425 O OD1 . ASN A 1 53 ? 8.688   0.865   -6.409  1.00 21.71 ? 470 ASN A OD1 1 
ATOM   426 N ND2 . ASN A 1 53 ? 8.973   3.008   -7.017  1.00 25.17 ? 470 ASN A ND2 1 
ATOM   427 N N   . VAL A 1 54 ? 8.019   1.686   -1.635  1.00 15.09 ? 471 VAL A N   1 
ATOM   428 C CA  . VAL A 1 54 ? 8.083   2.060   -0.239  1.00 14.23 ? 471 VAL A CA  1 
ATOM   429 C C   . VAL A 1 54 ? 9.330   1.396   0.323   1.00 13.54 ? 471 VAL A C   1 
ATOM   430 O O   . VAL A 1 54 ? 9.662   0.266   -0.041  1.00 14.53 ? 471 VAL A O   1 
ATOM   431 C CB  . VAL A 1 54 ? 6.808   1.599   0.538   1.00 15.73 ? 471 VAL A CB  1 
ATOM   432 C CG1 . VAL A 1 54 ? 6.492   0.144   0.238   1.00 12.41 ? 471 VAL A CG1 1 
ATOM   433 C CG2 . VAL A 1 54 ? 6.993   1.811   2.035   1.00 16.01 ? 471 VAL A CG2 1 
ATOM   434 N N   . VAL A 1 55 ? 10.053  2.118   1.165   1.00 11.89 ? 472 VAL A N   1 
ATOM   435 C CA  . VAL A 1 55 ? 11.256  1.567   1.760   1.00 11.11 ? 472 VAL A CA  1 
ATOM   436 C C   . VAL A 1 55 ? 10.777  0.805   2.993   1.00 12.87 ? 472 VAL A C   1 
ATOM   437 O O   . VAL A 1 55 ? 10.111  1.377   3.859   1.00 12.25 ? 472 VAL A O   1 
ATOM   438 C CB  . VAL A 1 55 ? 12.240  2.684   2.173   1.00 11.54 ? 472 VAL A CB  1 
ATOM   439 C CG1 . VAL A 1 55 ? 13.429  2.083   2.887   1.00 10.05 ? 472 VAL A CG1 1 
ATOM   440 C CG2 . VAL A 1 55 ? 12.705  3.460   0.937   1.00 9.06  ? 472 VAL A CG2 1 
ATOM   441 N N   . LEU A 1 56 ? 11.098  -0.481  3.066   1.00 9.38  ? 473 LEU A N   1 
ATOM   442 C CA  . LEU A 1 56 ? 10.681  -1.294  4.198   1.00 10.42 ? 473 LEU A CA  1 
ATOM   443 C C   . LEU A 1 56 ? 11.874  -1.944  4.891   1.00 14.37 ? 473 LEU A C   1 
ATOM   444 O O   . LEU A 1 56 ? 12.955  -2.045  4.313   1.00 14.61 ? 473 LEU A O   1 
ATOM   445 C CB  . LEU A 1 56 ? 9.705   -2.375  3.727   1.00 10.45 ? 473 LEU A CB  1 
ATOM   446 C CG  . LEU A 1 56 ? 8.374   -1.904  3.136   1.00 12.72 ? 473 LEU A CG  1 
ATOM   447 C CD1 . LEU A 1 56 ? 7.724   -3.032  2.341   1.00 10.80 ? 473 LEU A CD1 1 
ATOM   448 C CD2 . LEU A 1 56 ? 7.465   -1.442  4.255   1.00 13.10 ? 473 LEU A CD2 1 
ATOM   449 N N   . PRO A 1 57 ? 11.692  -2.382  6.151   1.00 14.65 ? 474 PRO A N   1 
ATOM   450 C CA  . PRO A 1 57 ? 12.743  -3.096  6.883   1.00 14.09 ? 474 PRO A CA  1 
ATOM   451 C C   . PRO A 1 57 ? 12.852  -4.558  6.482   1.00 15.77 ? 474 PRO A C   1 
ATOM   452 O O   . PRO A 1 57 ? 11.946  -5.354  6.755   1.00 16.53 ? 474 PRO A O   1 
ATOM   453 C CB  . PRO A 1 57 ? 12.326  -2.945  8.339   1.00 15.21 ? 474 PRO A CB  1 
ATOM   454 C CG  . PRO A 1 57 ? 10.830  -2.892  8.271   1.00 16.74 ? 474 PRO A CG  1 
ATOM   455 C CD  . PRO A 1 57 ? 10.483  -2.193  6.977   1.00 12.77 ? 474 PRO A CD  1 
ATOM   456 N N   . ALA A 1 58 ? 13.962  -4.906  5.836   1.00 15.06 ? 475 ALA A N   1 
ATOM   457 C CA  . ALA A 1 58 ? 14.199  -6.276  5.396   1.00 17.17 ? 475 ALA A CA  1 
ATOM   458 C C   . ALA A 1 58 ? 14.284  -7.206  6.601   1.00 17.57 ? 475 ALA A C   1 
ATOM   459 O O   . ALA A 1 58 ? 14.818  -6.829  7.645   1.00 17.72 ? 475 ALA A O   1 
ATOM   460 C CB  . ALA A 1 58 ? 15.493  -6.351  4.597   1.00 17.58 ? 475 ALA A CB  1 
ATOM   461 N N   . GLU A 1 59 ? 13.750  -8.416  6.442   1.00 18.61 ? 476 GLU A N   1 
ATOM   462 C CA  . GLU A 1 59 ? 13.741  -9.443  7.483   1.00 20.44 ? 476 GLU A CA  1 
ATOM   463 C C   . GLU A 1 59 ? 12.699  -9.260  8.566   1.00 20.53 ? 476 GLU A C   1 
ATOM   464 O O   . GLU A 1 59 ? 12.646  -10.046 9.498   1.00 25.42 ? 476 GLU A O   1 
ATOM   465 C CB  . GLU A 1 59 ? 15.117  -9.570  8.133   1.00 22.40 ? 476 GLU A CB  1 
ATOM   466 C CG  . GLU A 1 59 ? 16.251  -9.653  7.124   1.00 32.34 ? 476 GLU A CG  1 
ATOM   467 C CD  . GLU A 1 59 ? 17.431  -10.466 7.617   1.00 34.51 ? 476 GLU A CD  1 
ATOM   468 O OE1 . GLU A 1 59 ? 18.563  -9.931  7.616   1.00 38.80 ? 476 GLU A OE1 1 
ATOM   469 O OE2 . GLU A 1 59 ? 17.224  -11.638 8.003   1.00 37.22 ? 476 GLU A OE2 1 
ATOM   470 N N   . ARG A 1 60 ? 11.873  -8.228  8.469   1.00 19.93 ? 477 ARG A N   1 
ATOM   471 C CA  . ARG A 1 60 ? 10.849  -8.019  9.490   1.00 17.51 ? 477 ARG A CA  1 
ATOM   472 C C   . ARG A 1 60 ? 9.496   -8.340  8.866   1.00 17.71 ? 477 ARG A C   1 
ATOM   473 O O   . ARG A 1 60 ? 9.294   -8.136  7.667   1.00 19.71 ? 477 ARG A O   1 
ATOM   474 C CB  . ARG A 1 60 ? 10.872  -6.568  9.993   1.00 17.65 ? 477 ARG A CB  1 
ATOM   475 C CG  . ARG A 1 60 ? 11.996  -6.260  10.981  1.00 20.54 ? 477 ARG A CG  1 
ATOM   476 C CD  . ARG A 1 60 ? 11.712  -6.871  12.358  1.00 26.94 ? 477 ARG A CD  1 
ATOM   477 N NE  . ARG A 1 60 ? 12.728  -6.520  13.351  1.00 32.73 ? 477 ARG A NE  1 
ATOM   478 C CZ  . ARG A 1 60 ? 13.355  -7.405  14.123  1.00 35.76 ? 477 ARG A CZ  1 
ATOM   479 N NH1 . ARG A 1 60 ? 13.073  -8.697  14.018  1.00 37.62 ? 477 ARG A NH1 1 
ATOM   480 N NH2 . ARG A 1 60 ? 14.268  -7.004  15.000  1.00 38.19 ? 477 ARG A NH2 1 
ATOM   481 N N   . ASN A 1 61 ? 8.578   -8.866  9.664   1.00 15.19 ? 478 ASN A N   1 
ATOM   482 C CA  . ASN A 1 61 ? 7.252   -9.202  9.156   1.00 15.90 ? 478 ASN A CA  1 
ATOM   483 C C   . ASN A 1 61 ? 6.404   -7.942  9.159   1.00 14.50 ? 478 ASN A C   1 
ATOM   484 O O   . ASN A 1 61 ? 6.595   -7.062  9.990   1.00 17.17 ? 478 ASN A O   1 
ATOM   485 C CB  . ASN A 1 61 ? 6.573   -10.245 10.055  1.00 19.68 ? 478 ASN A CB  1 
ATOM   486 C CG  . ASN A 1 61 ? 7.333   -11.556 10.126  1.00 23.57 ? 478 ASN A CG  1 
ATOM   487 O OD1 . ASN A 1 61 ? 8.237   -11.815 9.331   1.00 25.41 ? 478 ASN A OD1 1 
ATOM   488 N ND2 . ASN A 1 61 ? 6.962   -12.399 11.086  1.00 29.03 ? 478 ASN A ND2 1 
ATOM   489 N N   . ILE A 1 62 ? 5.472   -7.835  8.228   1.00 13.56 ? 479 ILE A N   1 
ATOM   490 C CA  . ILE A 1 62 ? 4.617   -6.657  8.194   1.00 13.67 ? 479 ILE A CA  1 
ATOM   491 C C   . ILE A 1 62 ? 3.203   -7.055  7.813   1.00 15.02 ? 479 ILE A C   1 
ATOM   492 O O   . ILE A 1 62 ? 2.966   -8.114  7.239   1.00 15.11 ? 479 ILE A O   1 
ATOM   493 C CB  . ILE A 1 62 ? 5.094   -5.587  7.181   1.00 10.66 ? 479 ILE A CB  1 
ATOM   494 C CG1 . ILE A 1 62 ? 5.079   -6.167  5.769   1.00 12.98 ? 479 ILE A CG1 1 
ATOM   495 C CG2 . ILE A 1 62 ? 6.468   -5.070  7.571   1.00 14.21 ? 479 ILE A CG2 1 
ATOM   496 C CD1 . ILE A 1 62 ? 5.004   -5.118  4.676   1.00 16.87 ? 479 ILE A CD1 1 
ATOM   497 N N   . GLU A 1 63 ? 2.268   -6.182  8.151   1.00 14.84 ? 480 GLU A N   1 
ATOM   498 C CA  . GLU A 1 63 ? 0.862   -6.383  7.864   1.00 12.89 ? 480 GLU A CA  1 
ATOM   499 C C   . GLU A 1 63 ? 0.421   -5.032  7.345   1.00 11.16 ? 480 GLU A C   1 
ATOM   500 O O   . GLU A 1 63 ? 0.816   -4.002  7.896   1.00 13.28 ? 480 GLU A O   1 
ATOM   501 C CB  . GLU A 1 63 ? 0.111   -6.731  9.141   1.00 13.09 ? 480 GLU A CB  1 
ATOM   502 C CG  . GLU A 1 63 ? 0.233   -8.185  9.514   1.00 22.24 ? 480 GLU A CG  1 
ATOM   503 C CD  . GLU A 1 63 ? -0.240  -8.463  10.922  1.00 32.01 ? 480 GLU A CD  1 
ATOM   504 O OE1 . GLU A 1 63 ? -0.220  -7.530  11.757  1.00 35.41 ? 480 GLU A OE1 1 
ATOM   505 O OE2 . GLU A 1 63 ? -0.629  -9.617  11.194  1.00 40.28 ? 480 GLU A OE2 1 
ATOM   506 N N   . PHE A 1 64 ? -0.368  -5.029  6.278   1.00 10.04 ? 481 PHE A N   1 
ATOM   507 C CA  . PHE A 1 64 ? -0.846  -3.784  5.697   1.00 9.35  ? 481 PHE A CA  1 
ATOM   508 C C   . PHE A 1 64 ? -2.161  -3.976  4.962   1.00 10.67 ? 481 PHE A C   1 
ATOM   509 O O   . PHE A 1 64 ? -2.620  -5.097  4.759   1.00 10.71 ? 481 PHE A O   1 
ATOM   510 C CB  . PHE A 1 64 ? 0.204   -3.215  4.740   1.00 8.27  ? 481 PHE A CB  1 
ATOM   511 C CG  . PHE A 1 64 ? 0.535   -4.120  3.594   1.00 7.49  ? 481 PHE A CG  1 
ATOM   512 C CD1 . PHE A 1 64 ? -0.123  -3.991  2.376   1.00 9.64  ? 481 PHE A CD1 1 
ATOM   513 C CD2 . PHE A 1 64 ? 1.516   -5.093  3.726   1.00 10.85 ? 481 PHE A CD2 1 
ATOM   514 C CE1 . PHE A 1 64 ? 0.196   -4.822  1.299   1.00 12.13 ? 481 PHE A CE1 1 
ATOM   515 C CE2 . PHE A 1 64 ? 1.842   -5.930  2.655   1.00 12.43 ? 481 PHE A CE2 1 
ATOM   516 C CZ  . PHE A 1 64 ? 1.183   -5.793  1.444   1.00 8.86  ? 481 PHE A CZ  1 
ATOM   517 N N   . LYS A 1 65 ? -2.758  -2.861  4.567   1.00 11.45 ? 482 LYS A N   1 
ATOM   518 C CA  . LYS A 1 65 ? -4.020  -2.866  3.852   1.00 13.09 ? 482 LYS A CA  1 
ATOM   519 C C   . LYS A 1 65 ? -4.082  -1.591  3.031   1.00 14.06 ? 482 LYS A C   1 
ATOM   520 O O   . LYS A 1 65 ? -3.555  -0.565  3.441   1.00 16.02 ? 482 LYS A O   1 
ATOM   521 C CB  . LYS A 1 65 ? -5.179  -2.877  4.844   1.00 14.56 ? 482 LYS A CB  1 
ATOM   522 C CG  . LYS A 1 65 ? -6.043  -4.115  4.797   1.00 14.47 ? 482 LYS A CG  1 
ATOM   523 C CD  . LYS A 1 65 ? -7.406  -3.805  5.365   1.00 15.90 ? 482 LYS A CD  1 
ATOM   524 C CE  . LYS A 1 65 ? -8.038  -5.034  5.974   1.00 15.85 ? 482 LYS A CE  1 
ATOM   525 N NZ  . LYS A 1 65 ? -9.512  -4.955  5.868   1.00 18.92 ? 482 LYS A NZ  1 
ATOM   526 N N   . ALA A 1 66 ? -4.709  -1.655  1.865   1.00 12.64 ? 483 ALA A N   1 
ATOM   527 C CA  . ALA A 1 66 ? -4.818  -0.479  1.029   1.00 10.66 ? 483 ALA A CA  1 
ATOM   528 C C   . ALA A 1 66 ? -6.182  0.108   1.330   1.00 11.83 ? 483 ALA A C   1 
ATOM   529 O O   . ALA A 1 66 ? -7.061  -0.588  1.830   1.00 12.33 ? 483 ALA A O   1 
ATOM   530 C CB  . ALA A 1 66 ? -4.720  -0.866  -0.447  1.00 13.73 ? 483 ALA A CB  1 
ATOM   531 N N   . PHE A 1 67 ? -6.353  1.396   1.063   1.00 13.36 ? 484 PHE A N   1 
ATOM   532 C CA  . PHE A 1 67 ? -7.633  2.051   1.313   1.00 13.34 ? 484 PHE A CA  1 
ATOM   533 C C   . PHE A 1 67 ? -7.773  3.208   0.340   1.00 13.90 ? 484 PHE A C   1 
ATOM   534 O O   . PHE A 1 67 ? -6.784  3.659   -0.243  1.00 13.09 ? 484 PHE A O   1 
ATOM   535 C CB  . PHE A 1 67 ? -7.758  2.532   2.774   1.00 8.21  ? 484 PHE A CB  1 
ATOM   536 C CG  . PHE A 1 67 ? -6.788  3.605   3.157   1.00 10.53 ? 484 PHE A CG  1 
ATOM   537 C CD1 . PHE A 1 67 ? -5.484  3.286   3.488   1.00 12.47 ? 484 PHE A CD1 1 
ATOM   538 C CD2 . PHE A 1 67 ? -7.179  4.938   3.180   1.00 13.22 ? 484 PHE A CD2 1 
ATOM   539 C CE1 . PHE A 1 67 ? -4.566  4.289   3.834   1.00 19.71 ? 484 PHE A CE1 1 
ATOM   540 C CE2 . PHE A 1 67 ? -6.283  5.949   3.523   1.00 17.19 ? 484 PHE A CE2 1 
ATOM   541 C CZ  . PHE A 1 67 ? -4.972  5.626   3.850   1.00 19.93 ? 484 PHE A CZ  1 
ATOM   542 N N   . ILE A 1 68 ? -9.004  3.659   0.143   1.00 14.29 ? 485 ILE A N   1 
ATOM   543 C CA  . ILE A 1 68 ? -9.278  4.758   -0.764  1.00 14.19 ? 485 ILE A CA  1 
ATOM   544 C C   . ILE A 1 68 ? -9.651  5.980   0.042   1.00 15.01 ? 485 ILE A C   1 
ATOM   545 O O   . ILE A 1 68 ? -10.503 5.911   0.924   1.00 14.37 ? 485 ILE A O   1 
ATOM   546 C CB  . ILE A 1 68 ? -10.451 4.432   -1.725  1.00 17.19 ? 485 ILE A CB  1 
ATOM   547 C CG1 . ILE A 1 68 ? -10.084 3.234   -2.612  1.00 17.74 ? 485 ILE A CG1 1 
ATOM   548 C CG2 . ILE A 1 68 ? -10.773 5.655   -2.590  1.00 15.80 ? 485 ILE A CG2 1 
ATOM   549 C CD1 . ILE A 1 68 ? -11.277 2.575   -3.290  1.00 18.73 ? 485 ILE A CD1 1 
ATOM   550 N N   . LYS A 1 69 ? -8.999  7.095   -0.259  1.00 15.95 ? 486 LYS A N   1 
ATOM   551 C CA  . LYS A 1 69 ? -9.259  8.342   0.436   1.00 16.43 ? 486 LYS A CA  1 
ATOM   552 C C   . LYS A 1 69 ? -9.561  9.406   -0.608  1.00 18.18 ? 486 LYS A C   1 
ATOM   553 O O   . LYS A 1 69 ? -8.812  9.575   -1.582  1.00 15.64 ? 486 LYS A O   1 
ATOM   554 C CB  . LYS A 1 69 ? -8.042  8.752   1.265   1.00 14.11 ? 486 LYS A CB  1 
ATOM   555 C CG  . LYS A 1 69 ? -8.202  10.102  1.937   1.00 16.53 ? 486 LYS A CG  1 
ATOM   556 C CD  . LYS A 1 69 ? -7.281  10.238  3.139   1.00 17.06 ? 486 LYS A CD  1 
ATOM   557 C CE  . LYS A 1 69 ? -5.835  10.460  2.713   1.00 16.61 ? 486 LYS A CE  1 
ATOM   558 N NZ  . LYS A 1 69 ? -5.019  11.044  3.822   1.00 14.38 ? 486 LYS A NZ  1 
ATOM   559 N N   . SER A 1 70 ? -10.666 10.116  -0.413  1.00 18.71 ? 487 SER A N   1 
ATOM   560 C CA  . SER A 1 70 ? -11.055 11.154  -1.342  1.00 19.68 ? 487 SER A CA  1 
ATOM   561 C C   . SER A 1 70 ? -10.357 12.469  -1.034  1.00 20.24 ? 487 SER A C   1 
ATOM   562 O O   . SER A 1 70 ? -9.739  12.642  0.016   1.00 19.26 ? 487 SER A O   1 
ATOM   563 C CB  . SER A 1 70 ? -12.570 11.344  -1.312  1.00 21.71 ? 487 SER A CB  1 
ATOM   564 O OG  . SER A 1 70 ? -13.047 11.436  0.017   1.00 29.20 ? 487 SER A OG  1 
ATOM   565 N N   . LYS A 1 71 ? -10.462 13.398  -1.973  1.00 24.07 ? 488 LYS A N   1 
ATOM   566 C CA  . LYS A 1 71 ? -9.853  14.712  -1.838  1.00 25.58 ? 488 LYS A CA  1 
ATOM   567 C C   . LYS A 1 71 ? -10.199 15.426  -0.522  1.00 23.85 ? 488 LYS A C   1 
ATOM   568 O O   . LYS A 1 71 ? -9.323  15.988  0.131   1.00 22.01 ? 488 LYS A O   1 
ATOM   569 C CB  . LYS A 1 71 ? -10.274 15.584  -3.028  1.00 28.17 ? 488 LYS A CB  1 
ATOM   570 C CG  . LYS A 1 71 ? -9.121  16.167  -3.818  1.00 32.30 ? 488 LYS A CG  1 
ATOM   571 C CD  . LYS A 1 71 ? -9.416  17.601  -4.266  1.00 33.74 ? 488 LYS A CD  1 
ATOM   572 C CE  . LYS A 1 71 ? -10.471 17.637  -5.362  1.00 35.73 ? 488 LYS A CE  1 
ATOM   573 N NZ  . LYS A 1 71 ? -11.825 17.282  -4.841  1.00 36.54 ? 488 LYS A NZ  1 
ATOM   574 N N   . ASP A 1 72 ? -11.466 15.401  -0.124  1.00 24.86 ? 489 ASP A N   1 
ATOM   575 C CA  . ASP A 1 72 ? -11.863 16.071  1.117   1.00 27.11 ? 489 ASP A CA  1 
ATOM   576 C C   . ASP A 1 72 ? -11.305 15.462  2.397   1.00 27.28 ? 489 ASP A C   1 
ATOM   577 O O   . ASP A 1 72 ? -11.475 16.031  3.475   1.00 28.16 ? 489 ASP A O   1 
ATOM   578 C CB  . ASP A 1 72 ? -13.395 16.175  1.223   1.00 25.96 ? 489 ASP A CB  1 
ATOM   579 C CG  . ASP A 1 72 ? -14.076 14.829  1.317   1.00 24.72 ? 489 ASP A CG  1 
ATOM   580 O OD1 . ASP A 1 72 ? -13.479 13.884  1.865   1.00 26.11 ? 489 ASP A OD1 1 
ATOM   581 O OD2 . ASP A 1 72 ? -15.223 14.717  0.843   1.00 27.25 ? 489 ASP A OD2 1 
ATOM   582 N N   . GLY A 1 73 ? -10.641 14.315  2.280   1.00 26.40 ? 490 GLY A N   1 
ATOM   583 C CA  . GLY A 1 73 ? -10.073 13.674  3.454   1.00 22.79 ? 490 GLY A CA  1 
ATOM   584 C C   . GLY A 1 73 ? -10.842 12.469  3.944   1.00 20.49 ? 490 GLY A C   1 
ATOM   585 O O   . GLY A 1 73 ? -10.480 11.855  4.943   1.00 19.93 ? 490 GLY A O   1 
ATOM   586 N N   . THR A 1 74 ? -11.899 12.126  3.223   1.00 19.47 ? 491 THR A N   1 
ATOM   587 C CA  . THR A 1 74 ? -12.752 10.991  3.558   1.00 17.91 ? 491 THR A CA  1 
ATOM   588 C C   . THR A 1 74 ? -12.194 9.636   3.127   1.00 15.99 ? 491 THR A C   1 
ATOM   589 O O   . THR A 1 74 ? -11.771 9.472   1.986   1.00 16.85 ? 491 THR A O   1 
ATOM   590 C CB  . THR A 1 74 ? -14.135 11.160  2.888   1.00 20.64 ? 491 THR A CB  1 
ATOM   591 O OG1 . THR A 1 74 ? -14.826 12.265  3.491   1.00 24.99 ? 491 THR A OG1 1 
ATOM   592 C CG2 . THR A 1 74 ? -14.972 9.889   3.032   1.00 24.34 ? 491 THR A CG2 1 
ATOM   593 N N   . VAL A 1 75 ? -12.179 8.662   4.031   1.00 13.24 ? 492 VAL A N   1 
ATOM   594 C CA  . VAL A 1 75 ? -11.673 7.342   3.660   1.00 13.27 ? 492 VAL A CA  1 
ATOM   595 C C   . VAL A 1 75 ? -12.949 6.605   3.229   1.00 16.21 ? 492 VAL A C   1 
ATOM   596 O O   . VAL A 1 75 ? -13.874 6.425   4.024   1.00 19.47 ? 492 VAL A O   1 
ATOM   597 C CB  . VAL A 1 75 ? -11.007 6.607   4.848   1.00 10.35 ? 492 VAL A CB  1 
ATOM   598 C CG1 . VAL A 1 75 ? -10.783 5.154   4.494   1.00 7.88  ? 492 VAL A CG1 1 
ATOM   599 C CG2 . VAL A 1 75 ? -9.682  7.252   5.186   1.00 8.03  ? 492 VAL A CG2 1 
ATOM   600 N N   . LYS A 1 76 ? -13.000 6.195   1.970   1.00 14.04 ? 493 LYS A N   1 
ATOM   601 C CA  . LYS A 1 76 ? -14.157 5.497   1.428   1.00 15.51 ? 493 LYS A CA  1 
ATOM   602 C C   . LYS A 1 76 ? -14.297 4.023   1.799   1.00 18.15 ? 493 LYS A C   1 
ATOM   603 O O   . LYS A 1 76 ? -15.353 3.578   2.262   1.00 16.55 ? 493 LYS A O   1 
ATOM   604 C CB  . LYS A 1 76 ? -14.149 5.605   -0.100  1.00 16.88 ? 493 LYS A CB  1 
ATOM   605 C CG  . LYS A 1 76 ? -14.438 6.978   -0.663  1.00 16.79 ? 493 LYS A CG  1 
ATOM   606 C CD  . LYS A 1 76 ? -15.143 6.843   -2.001  1.00 23.83 ? 493 LYS A CD  1 
ATOM   607 C CE  . LYS A 1 76 ? -14.882 8.027   -2.908  1.00 27.59 ? 493 LYS A CE  1 
ATOM   608 N NZ  . LYS A 1 76 ? -15.725 9.199   -2.547  1.00 32.98 ? 493 LYS A NZ  1 
ATOM   609 N N   . SER A 1 77 ? -13.235 3.264   1.572   1.00 17.18 ? 494 SER A N   1 
ATOM   610 C CA  . SER A 1 77 ? -13.247 1.846   1.870   1.00 15.71 ? 494 SER A CA  1 
ATOM   611 C C   . SER A 1 77 ? -11.835 1.329   2.071   1.00 15.23 ? 494 SER A C   1 
ATOM   612 O O   . SER A 1 77 ? -10.857 1.991   1.714   1.00 14.74 ? 494 SER A O   1 
ATOM   613 C CB  . SER A 1 77 ? -13.901 1.089   0.712   1.00 15.82 ? 494 SER A CB  1 
ATOM   614 O OG  . SER A 1 77 ? -13.459 1.614   -0.530  1.00 19.10 ? 494 SER A OG  1 
ATOM   615 N N   . TRP A 1 78 ? -11.746 0.129   2.636   1.00 13.87 ? 495 TRP A N   1 
ATOM   616 C CA  . TRP A 1 78 ? -10.475 -0.514  2.901   1.00 13.47 ? 495 TRP A CA  1 
ATOM   617 C C   . TRP A 1 78 ? -10.434 -1.826  2.151   1.00 14.74 ? 495 TRP A C   1 
ATOM   618 O O   . TRP A 1 78 ? -11.473 -2.436  1.898   1.00 17.93 ? 495 TRP A O   1 
ATOM   619 C CB  . TRP A 1 78 ? -10.331 -0.807  4.385   1.00 11.73 ? 495 TRP A CB  1 
ATOM   620 C CG  . TRP A 1 78 ? -10.035 0.378   5.246   1.00 14.06 ? 495 TRP A CG  1 
ATOM   621 C CD1 . TRP A 1 78 ? -10.940 1.244   5.798   1.00 13.40 ? 495 TRP A CD1 1 
ATOM   622 C CD2 . TRP A 1 78 ? -8.755  0.758   5.756   1.00 14.31 ? 495 TRP A CD2 1 
ATOM   623 N NE1 . TRP A 1 78 ? -10.300 2.135   6.629   1.00 12.95 ? 495 TRP A NE1 1 
ATOM   624 C CE2 . TRP A 1 78 ? -8.957  1.857   6.621   1.00 14.78 ? 495 TRP A CE2 1 
ATOM   625 C CE3 . TRP A 1 78 ? -7.450  0.271   5.569   1.00 15.95 ? 495 TRP A CE3 1 
ATOM   626 C CZ2 . TRP A 1 78 ? -7.908  2.475   7.297   1.00 16.41 ? 495 TRP A CZ2 1 
ATOM   627 C CZ3 . TRP A 1 78 ? -6.404  0.889   6.243   1.00 16.35 ? 495 TRP A CZ3 1 
ATOM   628 C CH2 . TRP A 1 78 ? -6.640  1.979   7.097   1.00 19.34 ? 495 TRP A CH2 1 
ATOM   629 N N   . GLN A 1 79 ? -9.234  -2.255  1.792   1.00 15.04 ? 496 GLN A N   1 
ATOM   630 C CA  . GLN A 1 79 ? -9.054  -3.506  1.075   1.00 16.39 ? 496 GLN A CA  1 
ATOM   631 C C   . GLN A 1 79 ? -9.772  -4.587  1.894   1.00 20.16 ? 496 GLN A C   1 
ATOM   632 O O   . GLN A 1 79 ? -9.801  -4.532  3.124   1.00 22.64 ? 496 GLN A O   1 
ATOM   633 C CB  . GLN A 1 79 ? -7.560  -3.815  0.965   1.00 13.02 ? 496 GLN A CB  1 
ATOM   634 C CG  . GLN A 1 79 ? -7.212  -5.127  0.296   1.00 10.01 ? 496 GLN A CG  1 
ATOM   635 C CD  . GLN A 1 79 ? -5.744  -5.201  -0.029  1.00 9.98  ? 496 GLN A CD  1 
ATOM   636 O OE1 . GLN A 1 79 ? -4.929  -4.541  0.610   1.00 12.27 ? 496 GLN A OE1 1 
ATOM   637 N NE2 . GLN A 1 79 ? -5.391  -5.997  -1.029  1.00 12.27 ? 496 GLN A NE2 1 
ATOM   638 N N   . THR A 1 80 ? -10.351 -5.562  1.206   1.00 21.72 ? 497 THR A N   1 
ATOM   639 C CA  . THR A 1 80 ? -11.074 -6.648  1.862   1.00 23.09 ? 497 THR A CA  1 
ATOM   640 C C   . THR A 1 80 ? -10.264 -7.465  2.860   1.00 20.71 ? 497 THR A C   1 
ATOM   641 O O   . THR A 1 80 ? -10.638 -7.570  4.024   1.00 22.75 ? 497 THR A O   1 
ATOM   642 C CB  . THR A 1 80 ? -11.668 -7.605  0.814   1.00 25.34 ? 497 THR A CB  1 
ATOM   643 O OG1 . THR A 1 80 ? -12.771 -6.962  0.160   1.00 27.61 ? 497 THR A OG1 1 
ATOM   644 C CG2 . THR A 1 80 ? -12.144 -8.877  1.467   1.00 25.61 ? 497 THR A CG2 1 
ATOM   645 N N   . ILE A 1 81 ? -9.152  -8.039  2.422   1.00 18.77 ? 498 ILE A N   1 
ATOM   646 C CA  . ILE A 1 81 ? -8.336  -8.841  3.328   1.00 18.52 ? 498 ILE A CA  1 
ATOM   647 C C   . ILE A 1 81 ? -6.994  -8.219  3.704   1.00 17.66 ? 498 ILE A C   1 
ATOM   648 O O   . ILE A 1 81 ? -6.307  -7.621  2.868   1.00 14.61 ? 498 ILE A O   1 
ATOM   649 C CB  . ILE A 1 81 ? -8.052  -10.235 2.730   1.00 18.14 ? 498 ILE A CB  1 
ATOM   650 C CG1 . ILE A 1 81 ? -9.366  -10.913 2.338   1.00 16.29 ? 498 ILE A CG1 1 
ATOM   651 C CG2 . ILE A 1 81 ? -7.253  -11.070 3.726   1.00 21.88 ? 498 ILE A CG2 1 
ATOM   652 C CD1 . ILE A 1 81 ? -10.002 -11.727 3.450   1.00 18.71 ? 498 ILE A CD1 1 
ATOM   653 N N   . GLN A 1 82 ? -6.620  -8.383  4.968   1.00 16.51 ? 499 GLN A N   1 
ATOM   654 C CA  . GLN A 1 82 ? -5.362  -7.846  5.455   1.00 16.40 ? 499 GLN A CA  1 
ATOM   655 C C   . GLN A 1 82 ? -4.236  -8.604  4.772   1.00 17.06 ? 499 GLN A C   1 
ATOM   656 O O   . GLN A 1 82 ? -4.272  -9.833  4.686   1.00 13.57 ? 499 GLN A O   1 
ATOM   657 C CB  . GLN A 1 82 ? -5.262  -8.014  6.972   1.00 20.96 ? 499 GLN A CB  1 
ATOM   658 C CG  . GLN A 1 82 ? -4.184  -7.150  7.602   1.00 21.25 ? 499 GLN A CG  1 
ATOM   659 C CD  . GLN A 1 82 ? -4.098  -7.328  9.094   1.00 22.61 ? 499 GLN A CD  1 
ATOM   660 O OE1 . GLN A 1 82 ? -4.276  -6.379  9.848   1.00 24.73 ? 499 GLN A OE1 1 
ATOM   661 N NE2 . GLN A 1 82 ? -3.820  -8.551  9.534   1.00 26.96 ? 499 GLN A NE2 1 
ATOM   662 N N   . GLN A 1 83 ? -3.242  -7.873  4.282   1.00 14.57 ? 500 GLN A N   1 
ATOM   663 C CA  . GLN A 1 83 ? -2.110  -8.492  3.600   1.00 14.22 ? 500 GLN A CA  1 
ATOM   664 C C   . GLN A 1 83 ? -0.918  -8.592  4.527   1.00 13.30 ? 500 GLN A C   1 
ATOM   665 O O   . GLN A 1 83 ? -0.875  -7.941  5.566   1.00 14.18 ? 500 GLN A O   1 
ATOM   666 C CB  . GLN A 1 83 ? -1.703  -7.659  2.373   1.00 13.61 ? 500 GLN A CB  1 
ATOM   667 C CG  . GLN A 1 83 ? -2.792  -7.502  1.329   1.00 12.28 ? 500 GLN A CG  1 
ATOM   668 C CD  . GLN A 1 83 ? -3.251  -8.841  0.785   1.00 15.40 ? 500 GLN A CD  1 
ATOM   669 O OE1 . GLN A 1 83 ? -2.432  -9.665  0.381   1.00 16.42 ? 500 GLN A OE1 1 
ATOM   670 N NE2 . GLN A 1 83 ? -4.564  -9.071  0.782   1.00 14.23 ? 500 GLN A NE2 1 
ATOM   671 N N   . SER A 1 84 ? 0.049   -9.416  4.151   1.00 12.49 ? 501 SER A N   1 
ATOM   672 C CA  . SER A 1 84 ? 1.241   -9.568  4.968   1.00 15.37 ? 501 SER A CA  1 
ATOM   673 C C   . SER A 1 84 ? 2.437   -10.030 4.133   1.00 14.06 ? 501 SER A C   1 
ATOM   674 O O   . SER A 1 84 ? 2.282   -10.549 3.023   1.00 12.86 ? 501 SER A O   1 
ATOM   675 C CB  . SER A 1 84 ? 0.984   -10.531 6.142   1.00 13.28 ? 501 SER A CB  1 
ATOM   676 O OG  . SER A 1 84 ? 0.741   -11.852 5.705   1.00 18.87 ? 501 SER A OG  1 
ATOM   677 N N   . TRP A 1 85 ? 3.630   -9.785  4.662   1.00 12.55 ? 502 TRP A N   1 
ATOM   678 C CA  . TRP A 1 85 ? 4.874   -10.160 4.011   1.00 12.47 ? 502 TRP A CA  1 
ATOM   679 C C   . TRP A 1 85 ? 5.705   -10.652 5.167   1.00 13.59 ? 502 TRP A C   1 
ATOM   680 O O   . TRP A 1 85 ? 6.247   -9.851  5.922   1.00 11.96 ? 502 TRP A O   1 
ATOM   681 C CB  . TRP A 1 85 ? 5.541   -8.944  3.370   1.00 13.68 ? 502 TRP A CB  1 
ATOM   682 C CG  . TRP A 1 85 ? 6.183   -9.234  2.035   1.00 13.15 ? 502 TRP A CG  1 
ATOM   683 C CD1 . TRP A 1 85 ? 6.505   -10.464 1.520   1.00 14.13 ? 502 TRP A CD1 1 
ATOM   684 C CD2 . TRP A 1 85 ? 6.595   -8.274  1.057   1.00 12.49 ? 502 TRP A CD2 1 
ATOM   685 N NE1 . TRP A 1 85 ? 7.090   -10.321 0.282   1.00 11.25 ? 502 TRP A NE1 1 
ATOM   686 C CE2 . TRP A 1 85 ? 7.156   -8.989  -0.024  1.00 10.92 ? 502 TRP A CE2 1 
ATOM   687 C CE3 . TRP A 1 85 ? 6.543   -6.878  0.990   1.00 12.51 ? 502 TRP A CE3 1 
ATOM   688 C CZ2 . TRP A 1 85 ? 7.660   -8.353  -1.157  1.00 14.40 ? 502 TRP A CZ2 1 
ATOM   689 C CZ3 . TRP A 1 85 ? 7.043   -6.246  -0.135  1.00 13.64 ? 502 TRP A CZ3 1 
ATOM   690 C CH2 . TRP A 1 85 ? 7.597   -6.984  -1.196  1.00 14.89 ? 502 TRP A CH2 1 
ATOM   691 N N   . ASN A 1 86 ? 5.793   -11.968 5.314   1.00 15.32 ? 503 ASN A N   1 
ATOM   692 C CA  . ASN A 1 86 ? 6.555   -12.563 6.401   1.00 15.00 ? 503 ASN A CA  1 
ATOM   693 C C   . ASN A 1 86 ? 7.736   -13.379 5.888   1.00 15.33 ? 503 ASN A C   1 
ATOM   694 O O   . ASN A 1 86 ? 7.570   -14.535 5.517   1.00 14.03 ? 503 ASN A O   1 
ATOM   695 C CB  . ASN A 1 86 ? 5.641   -13.477 7.246   1.00 20.30 ? 503 ASN A CB  1 
ATOM   696 C CG  . ASN A 1 86 ? 4.335   -12.791 7.699   1.00 22.91 ? 503 ASN A CG  1 
ATOM   697 O OD1 . ASN A 1 86 ? 3.238   -13.215 7.339   1.00 25.15 ? 503 ASN A OD1 1 
ATOM   698 N ND2 . ASN A 1 86 ? 4.459   -11.748 8.501   1.00 26.35 ? 503 ASN A ND2 1 
ATOM   699 N N   . PRO A 1 87 ? 8.948   -12.793 5.875   1.00 16.76 ? 504 PRO A N   1 
ATOM   700 C CA  . PRO A 1 87 ? 9.275   -11.386 6.110   1.00 16.68 ? 504 PRO A CA  1 
ATOM   701 C C   . PRO A 1 87 ? 9.528   -10.620 4.811   1.00 15.00 ? 504 PRO A C   1 
ATOM   702 O O   . PRO A 1 87 ? 9.488   -11.185 3.718   1.00 15.22 ? 504 PRO A O   1 
ATOM   703 C CB  . PRO A 1 87 ? 10.559  -11.481 6.906   1.00 20.60 ? 504 PRO A CB  1 
ATOM   704 C CG  . PRO A 1 87 ? 11.288  -12.615 6.174   1.00 17.05 ? 504 PRO A CG  1 
ATOM   705 C CD  . PRO A 1 87 ? 10.188  -13.563 5.660   1.00 18.85 ? 504 PRO A CD  1 
ATOM   706 N N   . VAL A 1 88 ? 9.814   -9.331  4.948   1.00 12.77 ? 505 VAL A N   1 
ATOM   707 C CA  . VAL A 1 88 ? 10.089  -8.496  3.799   1.00 9.90  ? 505 VAL A CA  1 
ATOM   708 C C   . VAL A 1 88 ? 11.416  -9.050  3.269   1.00 13.13 ? 505 VAL A C   1 
ATOM   709 O O   . VAL A 1 88 ? 12.360  -9.253  4.037   1.00 11.21 ? 505 VAL A O   1 
ATOM   710 C CB  . VAL A 1 88 ? 10.285  -7.013  4.212   1.00 10.11 ? 505 VAL A CB  1 
ATOM   711 C CG1 . VAL A 1 88 ? 10.768  -6.200  3.015   1.00 9.23  ? 505 VAL A CG1 1 
ATOM   712 C CG2 . VAL A 1 88 ? 8.986   -6.441  4.774   1.00 9.55  ? 505 VAL A CG2 1 
ATOM   713 N N   . PRO A 1 89 ? 11.500  -9.330  1.958   1.00 14.64 ? 506 PRO A N   1 
ATOM   714 C CA  . PRO A 1 89 ? 12.730  -9.891  1.390   1.00 15.89 ? 506 PRO A CA  1 
ATOM   715 C C   . PRO A 1 89 ? 13.954  -8.978  1.495   1.00 16.12 ? 506 PRO A C   1 
ATOM   716 O O   . PRO A 1 89 ? 13.837  -7.770  1.703   1.00 14.31 ? 506 PRO A O   1 
ATOM   717 C CB  . PRO A 1 89 ? 12.358  -10.181 -0.065  1.00 17.52 ? 506 PRO A CB  1 
ATOM   718 C CG  . PRO A 1 89 ? 10.862  -10.171 -0.094  1.00 16.92 ? 506 PRO A CG  1 
ATOM   719 C CD  . PRO A 1 89 ? 10.447  -9.183  0.940   1.00 16.18 ? 506 PRO A CD  1 
ATOM   720 N N   . LEU A 1 90 ? 15.129  -9.577  1.340   1.00 14.00 ? 507 LEU A N   1 
ATOM   721 C CA  . LEU A 1 90 ? 16.399  -8.861  1.406   1.00 15.85 ? 507 LEU A CA  1 
ATOM   722 C C   . LEU A 1 90 ? 16.719  -8.118  0.107   1.00 16.08 ? 507 LEU A C   1 
ATOM   723 O O   . LEU A 1 90 ? 17.643  -7.299  0.057   1.00 15.72 ? 507 LEU A O   1 
ATOM   724 C CB  . LEU A 1 90 ? 17.530  -9.850  1.700   1.00 18.23 ? 507 LEU A CB  1 
ATOM   725 C CG  . LEU A 1 90 ? 18.376  -9.604  2.949   1.00 23.37 ? 507 LEU A CG  1 
ATOM   726 C CD1 . LEU A 1 90 ? 17.495  -9.607  4.183   1.00 21.98 ? 507 LEU A CD1 1 
ATOM   727 C CD2 . LEU A 1 90 ? 19.454  -10.687 3.045   1.00 25.62 ? 507 LEU A CD2 1 
ATOM   728 N N   . LYS A 1 91 ? 15.959  -8.420  -0.942  1.00 16.51 ? 508 LYS A N   1 
ATOM   729 C CA  . LYS A 1 91 ? 16.149  -7.796  -2.246  1.00 15.18 ? 508 LYS A CA  1 
ATOM   730 C C   . LYS A 1 91 ? 14.901  -7.057  -2.659  1.00 15.72 ? 508 LYS A C   1 
ATOM   731 O O   . LYS A 1 91 ? 13.804  -7.384  -2.203  1.00 16.30 ? 508 LYS A O   1 
ATOM   732 C CB  . LYS A 1 91 ? 16.432  -8.864  -3.304  1.00 18.35 ? 508 LYS A CB  1 
ATOM   733 C CG  . LYS A 1 91 ? 15.190  -9.647  -3.740  1.00 18.08 ? 508 LYS A CG  1 
ATOM   734 C CD  . LYS A 1 91 ? 15.578  -10.823 -4.617  1.00 23.00 ? 508 LYS A CD  1 
ATOM   735 C CE  . LYS A 1 91 ? 14.549  -11.085 -5.700  1.00 28.49 ? 508 LYS A CE  1 
ATOM   736 N NZ  . LYS A 1 91 ? 14.083  -12.507 -5.693  1.00 31.40 ? 508 LYS A NZ  1 
ATOM   737 N N   . THR A 1 92 ? 15.062  -6.066  -3.528  1.00 14.59 ? 509 THR A N   1 
ATOM   738 C CA  . THR A 1 92 ? 13.922  -5.306  -3.994  1.00 10.95 ? 509 THR A CA  1 
ATOM   739 C C   . THR A 1 92 ? 13.128  -6.212  -4.930  1.00 13.37 ? 509 THR A C   1 
ATOM   740 O O   . THR A 1 92 ? 13.642  -6.716  -5.934  1.00 11.07 ? 509 THR A O   1 
ATOM   741 C CB  . THR A 1 92 ? 14.358  -4.056  -4.749  1.00 11.23 ? 509 THR A CB  1 
ATOM   742 O OG1 . THR A 1 92 ? 15.049  -3.180  -3.851  1.00 9.51  ? 509 THR A OG1 1 
ATOM   743 C CG2 . THR A 1 92 ? 13.147  -3.342  -5.328  1.00 9.21  ? 509 THR A CG2 1 
ATOM   744 N N   . THR A 1 93 ? 11.869  -6.428  -4.582  1.00 15.20 ? 510 THR A N   1 
ATOM   745 C CA  . THR A 1 93 ? 10.991  -7.272  -5.374  1.00 14.27 ? 510 THR A CA  1 
ATOM   746 C C   . THR A 1 93 ? 9.591   -6.677  -5.226  1.00 18.42 ? 510 THR A C   1 
ATOM   747 O O   . THR A 1 93 ? 9.462   -5.468  -5.003  1.00 16.43 ? 510 THR A O   1 
ATOM   748 C CB  . THR A 1 93 ? 11.063  -8.734  -4.866  1.00 15.21 ? 510 THR A CB  1 
ATOM   749 O OG1 . THR A 1 93 ? 10.241  -9.565  -5.684  1.00 15.38 ? 510 THR A OG1 1 
ATOM   750 C CG2 . THR A 1 93 ? 10.634  -8.833  -3.404  1.00 11.94 ? 510 THR A CG2 1 
ATOM   751 N N   . SER A 1 94 ? 8.546   -7.492  -5.331  1.00 16.45 ? 511 SER A N   1 
ATOM   752 C CA  . SER A 1 94 ? 7.203   -6.944  -5.200  1.00 16.32 ? 511 SER A CA  1 
ATOM   753 C C   . SER A 1 94 ? 6.217   -7.865  -4.519  1.00 16.32 ? 511 SER A C   1 
ATOM   754 O O   . SER A 1 94 ? 6.417   -9.076  -4.457  1.00 16.08 ? 511 SER A O   1 
ATOM   755 C CB  . SER A 1 94 ? 6.654   -6.562  -6.577  1.00 17.87 ? 511 SER A CB  1 
ATOM   756 O OG  . SER A 1 94 ? 6.300   -7.720  -7.312  1.00 22.62 ? 511 SER A OG  1 
ATOM   757 N N   . HIS A 1 95 ? 5.142   -7.262  -4.016  1.00 13.55 ? 512 HIS A N   1 
ATOM   758 C CA  . HIS A 1 95 ? 4.073   -7.969  -3.324  1.00 13.23 ? 512 HIS A CA  1 
ATOM   759 C C   . HIS A 1 95 ? 2.801   -7.602  -4.079  1.00 13.29 ? 512 HIS A C   1 
ATOM   760 O O   . HIS A 1 95 ? 2.510   -6.420  -4.256  1.00 12.78 ? 512 HIS A O   1 
ATOM   761 C CB  . HIS A 1 95 ? 3.992   -7.485  -1.874  1.00 14.49 ? 512 HIS A CB  1 
ATOM   762 C CG  . HIS A 1 95 ? 3.034   -8.259  -1.025  1.00 16.46 ? 512 HIS A CG  1 
ATOM   763 N ND1 . HIS A 1 95 ? 1.667   -8.107  -1.117  1.00 14.95 ? 512 HIS A ND1 1 
ATOM   764 C CD2 . HIS A 1 95 ? 3.244   -9.191  -0.063  1.00 15.92 ? 512 HIS A CD2 1 
ATOM   765 C CE1 . HIS A 1 95 ? 1.077   -8.910  -0.249  1.00 17.04 ? 512 HIS A CE1 1 
ATOM   766 N NE2 . HIS A 1 95 ? 2.012   -9.580  0.403   1.00 15.83 ? 512 HIS A NE2 1 
ATOM   767 N N   . THR A 1 96 ? 2.060   -8.609  -4.535  1.00 12.16 ? 513 THR A N   1 
ATOM   768 C CA  . THR A 1 96 ? 0.822   -8.379  -5.275  1.00 13.39 ? 513 THR A CA  1 
ATOM   769 C C   . THR A 1 96 ? -0.414  -8.937  -4.579  1.00 14.20 ? 513 THR A C   1 
ATOM   770 O O   . THR A 1 96 ? -0.392  -10.031 -4.021  1.00 15.34 ? 513 THR A O   1 
ATOM   771 C CB  . THR A 1 96 ? 0.891   -9.005  -6.695  1.00 12.82 ? 513 THR A CB  1 
ATOM   772 O OG1 . THR A 1 96 ? 2.108   -8.607  -7.323  1.00 14.10 ? 513 THR A OG1 1 
ATOM   773 C CG2 . THR A 1 96 ? -0.275  -8.540  -7.559  1.00 8.75  ? 513 THR A CG2 1 
ATOM   774 N N   . SER A 1 97 ? -1.498  -8.177  -4.631  1.00 13.54 ? 514 SER A N   1 
ATOM   775 C CA  . SER A 1 97 ? -2.746  -8.588  -4.016  1.00 13.09 ? 514 SER A CA  1 
ATOM   776 C C   . SER A 1 97 ? -3.891  -7.885  -4.740  1.00 15.23 ? 514 SER A C   1 
ATOM   777 O O   . SER A 1 97 ? -3.667  -6.924  -5.479  1.00 13.28 ? 514 SER A O   1 
ATOM   778 C CB  . SER A 1 97 ? -2.752  -8.191  -2.547  1.00 13.98 ? 514 SER A CB  1 
ATOM   779 O OG  . SER A 1 97 ? -2.730  -6.784  -2.441  1.00 14.56 ? 514 SER A OG  1 
ATOM   780 N N   . SER A 1 98 ? -5.111  -8.371  -4.547  1.00 16.50 ? 515 SER A N   1 
ATOM   781 C CA  . SER A 1 98 ? -6.264  -7.764  -5.190  1.00 17.79 ? 515 SER A CA  1 
ATOM   782 C C   . SER A 1 98 ? -7.121  -7.087  -4.127  1.00 18.65 ? 515 SER A C   1 
ATOM   783 O O   . SER A 1 98 ? -7.154  -7.508  -2.969  1.00 18.47 ? 515 SER A O   1 
ATOM   784 C CB  . SER A 1 98 ? -7.082  -8.821  -5.928  1.00 21.94 ? 515 SER A CB  1 
ATOM   785 O OG  . SER A 1 98 ? -6.232  -9.767  -6.552  1.00 28.31 ? 515 SER A OG  1 
ATOM   786 N N   . TRP A 1 99 ? -7.809  -6.027  -4.530  1.00 18.05 ? 516 TRP A N   1 
ATOM   787 C CA  . TRP A 1 99 ? -8.677  -5.268  -3.637  1.00 19.36 ? 516 TRP A CA  1 
ATOM   788 C C   . TRP A 1 99 ? -9.671  -6.160  -2.883  1.00 19.04 ? 516 TRP A C   1 
ATOM   789 O O   . TRP A 1 99 ? -10.301 -7.027  -3.524  1.00 19.47 ? 516 TRP A O   1 
ATOM   790 C CB  . TRP A 1 99 ? -9.434  -4.215  -4.452  1.00 18.56 ? 516 TRP A CB  1 
ATOM   791 C CG  . TRP A 1 99 ? -10.333 -3.335  -3.646  1.00 17.60 ? 516 TRP A CG  1 
ATOM   792 C CD1 . TRP A 1 99 ? -11.694 -3.349  -3.637  1.00 16.79 ? 516 TRP A CD1 1 
ATOM   793 C CD2 . TRP A 1 99 ? -9.937  -2.266  -2.780  1.00 17.35 ? 516 TRP A CD2 1 
ATOM   794 N NE1 . TRP A 1 99 ? -12.173 -2.351  -2.823  1.00 18.85 ? 516 TRP A NE1 1 
ATOM   795 C CE2 . TRP A 1 99 ? -11.113 -1.672  -2.284  1.00 15.31 ? 516 TRP A CE2 1 
ATOM   796 C CE3 . TRP A 1 99 ? -8.700  -1.752  -2.378  1.00 18.58 ? 516 TRP A CE3 1 
ATOM   797 C CZ2 . TRP A 1 99 ? -11.091 -0.591  -1.407  1.00 15.93 ? 516 TRP A CZ2 1 
ATOM   798 C CZ3 . TRP A 1 99 ? -8.679  -0.668  -1.502  1.00 19.57 ? 516 TRP A CZ3 1 
ATOM   799 C CH2 . TRP A 1 99 ? -9.869  -0.104  -1.029  1.00 17.24 ? 516 TRP A CH2 1 
ATOM   800 O OXT . TRP A 1 99 ? -9.807  -5.976  -1.654  1.00 18.46 ? 516 TRP A OXT 1 
HETATM 801 O O   . HOH B 2 .  ? 19.833  -1.750  3.407   1.00 26.48 ? 550 HOH A O   1 
HETATM 802 O O   . HOH B 2 .  ? -7.473  12.051  -3.201  1.00 17.19 ? 551 HOH A O   1 
HETATM 803 O O   . HOH B 2 .  ? -1.607  10.316  -8.906  1.00 37.01 ? 552 HOH A O   1 
HETATM 804 O O   . HOH B 2 .  ? 6.787   -1.961  -10.464 1.00 39.29 ? 553 HOH A O   1 
HETATM 805 O O   . HOH B 2 .  ? -14.126 -1.195  3.385   1.00 29.48 ? 554 HOH A O   1 
HETATM 806 O O   . HOH B 2 .  ? 2.496   -7.873  -10.210 1.00 25.69 ? 555 HOH A O   1 
HETATM 807 O O   . HOH B 2 .  ? 9.595   -9.389  12.540  1.00 34.25 ? 556 HOH A O   1 
HETATM 808 O O   . HOH B 2 .  ? 15.624  -4.533  11.565  1.00 38.05 ? 557 HOH A O   1 
HETATM 809 O O   . HOH B 2 .  ? 18.339  -1.468  10.772  1.00 38.47 ? 558 HOH A O   1 
HETATM 810 O O   . HOH B 2 .  ? 9.219   4.849   1.462   1.00 18.38 ? 559 HOH A O   1 
HETATM 811 O O   . HOH B 2 .  ? 10.611  4.157   4.773   1.00 28.27 ? 560 HOH A O   1 
HETATM 812 O O   . HOH B 2 .  ? 12.592  3.917   -2.535  1.00 42.08 ? 561 HOH A O   1 
HETATM 813 O O   . HOH B 2 .  ? 13.842  4.024   -6.950  1.00 44.74 ? 562 HOH A O   1 
HETATM 814 O O   . HOH B 2 .  ? 10.198  -3.473  -7.038  1.00 26.61 ? 563 HOH A O   1 
HETATM 815 O O   . HOH B 2 .  ? -0.137  -5.906  -2.208  1.00 12.40 ? 564 HOH A O   1 
HETATM 816 O O   . HOH B 2 .  ? -3.669  -6.498  -13.757 1.00 28.94 ? 565 HOH A O   1 
HETATM 817 O O   . HOH B 2 .  ? -11.065 -1.603  -10.744 1.00 48.01 ? 566 HOH A O   1 
HETATM 818 O O   . HOH B 2 .  ? -8.487  0.005   -14.867 1.00 33.78 ? 567 HOH A O   1 
HETATM 819 O O   . HOH B 2 .  ? -14.132 4.648   -5.019  1.00 32.73 ? 568 HOH A O   1 
HETATM 820 O O   . HOH B 2 .  ? -14.947 3.558   -2.858  1.00 37.87 ? 569 HOH A O   1 
HETATM 821 O O   . HOH B 2 .  ? -18.116 -0.065  -8.651  1.00 36.28 ? 570 HOH A O   1 
HETATM 822 O O   . HOH B 2 .  ? -13.714 11.102  -4.344  1.00 15.38 ? 571 HOH A O   1 
HETATM 823 O O   . HOH B 2 .  ? -7.974  7.729   -8.711  1.00 12.79 ? 572 HOH A O   1 
HETATM 824 O O   . HOH B 2 .  ? -4.228  6.499   -6.490  1.00 20.98 ? 573 HOH A O   1 
HETATM 825 O O   . HOH B 2 .  ? -3.356  12.579  -4.433  1.00 24.32 ? 574 HOH A O   1 
HETATM 826 O O   . HOH B 2 .  ? 7.308   0.137   13.767  1.00 34.04 ? 575 HOH A O   1 
HETATM 827 O O   . HOH B 2 .  ? 4.379   0.309   15.758  1.00 40.71 ? 576 HOH A O   1 
HETATM 828 O O   . HOH B 2 .  ? 4.516   5.663   -2.963  1.00 31.58 ? 577 HOH A O   1 
HETATM 829 O O   . HOH B 2 .  ? 6.421   5.174   -6.064  1.00 22.51 ? 578 HOH A O   1 
HETATM 830 O O   . HOH B 2 .  ? -7.130  13.545  1.187   1.00 35.18 ? 579 HOH A O   1 
HETATM 831 O O   . HOH B 2 .  ? -8.807  18.607  2.966   1.00 43.00 ? 580 HOH A O   1 
HETATM 832 O O   . HOH B 2 .  ? -5.513  -14.529 4.183   1.00 28.07 ? 581 HOH A O   1 
HETATM 833 O O   . HOH B 2 .  ? 1.693   -15.819 6.215   1.00 24.32 ? 582 HOH A O   1 
HETATM 834 O O   . HOH B 2 .  ? -10.902 -7.472  -5.815  1.00 36.07 ? 583 HOH A O   1 
HETATM 835 O O   . HOH B 2 .  ? -13.320 15.513  -6.599  1.00 38.72 ? 584 HOH A O   1 
HETATM 836 O O   . HOH B 2 .  ? -6.317  14.549  -4.030  1.00 27.99 ? 585 HOH A O   1 
HETATM 837 O O   . HOH B 2 .  ? -13.437 13.904  -4.368  1.00 33.07 ? 586 HOH A O   1 
HETATM 838 O O   . HOH B 2 .  ? -0.560  -3.430  15.310  1.00 39.12 ? 587 HOH A O   1 
HETATM 839 O O   . HOH B 2 .  ? 6.676   -1.931  15.719  1.00 36.45 ? 588 HOH A O   1 
HETATM 840 O O   . HOH B 2 .  ? -8.412  12.599  6.519   1.00 20.81 ? 589 HOH A O   1 
HETATM 841 O O   . HOH B 2 .  ? 3.274   9.070   0.168   1.00 46.40 ? 590 HOH A O   1 
HETATM 842 O O   . HOH B 2 .  ? -5.680  5.797   -8.675  1.00 22.62 ? 591 HOH A O   1 
HETATM 843 O O   . HOH B 2 .  ? 2.404   -3.787  -20.684 1.00 39.43 ? 592 HOH A O   1 
HETATM 844 O O   . HOH B 2 .  ? 3.050   -10.134 9.797   1.00 26.80 ? 593 HOH A O   1 
HETATM 845 O O   . HOH B 2 .  ? -1.855  -4.675  13.529  1.00 33.46 ? 594 HOH A O   1 
HETATM 846 O O   . HOH B 2 .  ? -9.110  15.045  13.337  1.00 34.21 ? 595 HOH A O   1 
HETATM 847 O O   . HOH B 2 .  ? -14.847 -1.696  -2.445  1.00 39.20 ? 596 HOH A O   1 
HETATM 848 O O   . HOH B 2 .  ? -0.604  -10.876 1.862   1.00 23.14 ? 597 HOH A O   1 
HETATM 849 O O   . HOH B 2 .  ? -0.417  -15.478 3.944   1.00 31.16 ? 598 HOH A O   1 
HETATM 850 O O   . HOH B 2 .  ? 9.654   -13.212 2.175   1.00 27.16 ? 599 HOH A O   1 
HETATM 851 O O   . HOH B 2 .  ? 4.291   -9.991  -6.935  1.00 29.72 ? 600 HOH A O   1 
HETATM 852 O O   . HOH B 2 .  ? -4.117  -15.352 7.074   1.00 41.13 ? 601 HOH A O   1 
HETATM 853 O O   . HOH B 2 .  ? -14.241 -2.776  0.753   1.00 43.48 ? 602 HOH A O   1 
HETATM 854 O O   . HOH B 2 .  ? -6.304  11.864  -0.745  1.00 34.56 ? 603 HOH A O   1 
HETATM 855 O O   . HOH B 2 .  ? -8.531  -8.105  -0.272  1.00 34.53 ? 604 HOH A O   1 
HETATM 856 O O   . HOH B 2 .  ? 16.571  -6.829  -6.502  1.00 15.77 ? 605 HOH A O   1 
HETATM 857 O O   . HOH B 2 .  ? 13.437  -8.515  -7.586  1.00 45.44 ? 606 HOH A O   1 
HETATM 858 O O   . HOH B 2 .  ? 5.127   6.505   6.408   1.00 33.45 ? 607 HOH A O   1 
HETATM 859 O O   . HOH B 2 .  ? -1.364  -13.611 2.120   1.00 34.41 ? 608 HOH A O   1 
HETATM 860 O O   . HOH B 2 .  ? 12.495  -13.331 2.842   1.00 41.89 ? 609 HOH A O   1 
HETATM 861 O O   . HOH B 2 .  ? 7.085   6.179   0.625   1.00 50.60 ? 610 HOH A O   1 
HETATM 862 O O   . HOH B 2 .  ? 4.476   7.768   11.075  1.00 49.77 ? 611 HOH A O   1 
HETATM 863 O O   . HOH B 2 .  ? -16.755 2.732   -6.148  1.00 33.09 ? 612 HOH A O   1 
HETATM 864 O O   . HOH B 2 .  ? 0.648   5.483   -25.199 1.00 41.33 ? 613 HOH A O   1 
HETATM 865 O O   . HOH B 2 .  ? 17.451  -12.090 -2.192  1.00 28.09 ? 614 HOH A O   1 
HETATM 866 O O   . HOH B 2 .  ? 6.065   -6.516  -11.226 1.00 26.52 ? 615 HOH A O   1 
HETATM 867 O O   . HOH B 2 .  ? -14.981 -9.655  -9.519  1.00 27.17 ? 616 HOH A O   1 
HETATM 868 O O   . HOH B 2 .  ? -2.832  7.377   -9.984  1.00 27.52 ? 617 HOH A O   1 
HETATM 869 O O   . HOH B 2 .  ? -1.953  8.715   -7.046  1.00 32.17 ? 618 HOH A O   1 
HETATM 870 O O   . HOH B 2 .  ? 9.277   4.002   14.997  1.00 28.99 ? 619 HOH A O   1 
HETATM 871 O O   . HOH B 2 .  ? 7.669   7.400   13.828  1.00 32.42 ? 620 HOH A O   1 
HETATM 872 O O   . HOH B 2 .  ? -5.860  13.441  4.192   1.00 39.24 ? 621 HOH A O   1 
HETATM 873 O O   . HOH B 2 .  ? -13.011 -3.991  4.343   1.00 34.31 ? 622 HOH A O   1 
HETATM 874 O O   . HOH B 2 .  ? -1.872  -12.195 5.216   1.00 34.04 ? 623 HOH A O   1 
HETATM 875 O O   . HOH B 2 .  ? 14.738  -12.177 1.110   1.00 47.94 ? 624 HOH A O   1 
HETATM 876 O O   . HOH B 2 .  ? 9.489   -12.373 -5.476  1.00 27.97 ? 625 HOH A O   1 
HETATM 877 O O   . HOH B 2 .  ? 12.240  6.024   2.892   1.00 38.82 ? 626 HOH A O   1 
HETATM 878 O O   . HOH B 2 .  ? -5.167  16.007  -2.524  1.00 46.37 ? 627 HOH A O   1 
HETATM 879 O O   . HOH B 2 .  ? -16.446 7.348   4.285   1.00 43.56 ? 628 HOH A O   1 
HETATM 880 O O   . HOH B 2 .  ? -17.608 1.150   2.891   1.00 42.87 ? 629 HOH A O   1 
HETATM 881 O O   . HOH B 2 .  ? -13.814 -1.354  6.626   1.00 37.09 ? 630 HOH A O   1 
HETATM 882 O O   . HOH B 2 .  ? -13.403 17.610  -1.961  1.00 38.07 ? 631 HOH A O   1 
HETATM 883 O O   . HOH B 2 .  ? 8.394   10.675  10.819  1.00 36.73 ? 632 HOH A O   1 
HETATM 884 O O   . HOH B 2 .  ? 2.463   16.175  12.597  1.00 32.18 ? 633 HOH A O   1 
HETATM 885 O O   . HOH B 2 .  ? -2.918  11.032  12.274  1.00 35.79 ? 634 HOH A O   1 
HETATM 886 O O   . HOH B 2 .  ? -2.146  11.324  3.529   1.00 48.02 ? 635 HOH A O   1 
HETATM 887 O O   . HOH B 2 .  ? 4.854   14.221  9.619   1.00 50.45 ? 636 HOH A O   1 
HETATM 888 O O   . HOH B 2 .  ? -11.938 19.287  -0.718  1.00 36.95 ? 637 HOH A O   1 
HETATM 889 O O   . HOH B 2 .  ? -5.387  -12.029 0.225   1.00 23.55 ? 638 HOH A O   1 
HETATM 890 O O   . HOH B 2 .  ? -4.675  -12.297 2.954   1.00 41.76 ? 639 HOH A O   1 
HETATM 891 O O   . HOH B 2 .  ? -6.042  -5.007  8.602   1.00 33.74 ? 640 HOH A O   1 
HETATM 892 O O   . HOH B 2 .  ? 7.238   -10.205 14.277  1.00 34.32 ? 641 HOH A O   1 
HETATM 893 O O   . HOH B 2 .  ? 8.083   -15.638 18.387  1.00 41.18 ? 642 HOH A O   1 
HETATM 894 O O   . HOH B 2 .  ? 17.793  -7.177  10.243  1.00 44.31 ? 643 HOH A O   1 
HETATM 895 O O   . HOH B 2 .  ? -22.676 -1.663  -6.662  1.00 36.66 ? 644 HOH A O   1 
HETATM 896 O O   . HOH B 2 .  ? 4.099   -8.469  11.605  1.00 39.27 ? 645 HOH A O   1 
HETATM 897 O O   . HOH B 2 .  ? 2.584   11.425  -1.099  1.00 45.21 ? 646 HOH A O   1 
HETATM 898 O O   . HOH B 2 .  ? 14.206  -11.725 4.546   1.00 36.16 ? 647 HOH A O   1 
HETATM 899 O O   . HOH B 2 .  ? -12.526 19.567  3.158   1.00 42.22 ? 648 HOH A O   1 
HETATM 900 O O   . HOH B 2 .  ? -7.857  -10.079 6.537   1.00 34.88 ? 649 HOH A O   1 
HETATM 901 O O   . HOH B 2 .  ? 0.857   -9.239  -11.899 1.00 49.81 ? 650 HOH A O   1 
HETATM 902 O O   . HOH B 2 .  ? -6.896  -11.431 -8.598  1.00 36.14 ? 651 HOH A O   1 
HETATM 903 O O   . HOH B 2 .  ? 8.140   -9.946  -16.675 1.00 39.44 ? 652 HOH A O   1 
HETATM 904 O O   . HOH B 2 .  ? 3.569   -14.075 -5.123  1.00 38.91 ? 653 HOH A O   1 
HETATM 905 O O   . HOH B 2 .  ? -0.187  3.042   -21.298 1.00 28.44 ? 654 HOH A O   1 
HETATM 906 O O   . HOH B 2 .  ? 0.730   10.193  1.601   1.00 32.49 ? 655 HOH A O   1 
HETATM 907 O O   . HOH B 2 .  ? -19.784 -11.383 -2.773  1.00 38.79 ? 656 HOH A O   1 
# 
